data_4X0U
#
_entry.id   4X0U
#
_cell.length_a   161.543
_cell.length_b   219.407
_cell.length_c   233.231
_cell.angle_alpha   90.00
_cell.angle_beta   90.00
_cell.angle_gamma   90.00
#
_symmetry.space_group_name_H-M   'F 2 2 2'
#
loop_
_entity.id
_entity.type
_entity.pdbx_description
1 polymer 'Alpha-aminoadipic semialdehyde dehydrogenase'
2 non-polymer 4-(diethylamino)benzaldehyde
3 non-polymer 'MAGNESIUM ION'
4 water water
#
_entity_poly.entity_id   1
_entity_poly.type   'polypeptide(L)'
_entity_poly.pdbx_seq_one_letter_code
;GHMSTLLINQPQYAWLKELGLREENEGVYNGSWGGRGEVITTYCPANNEPIARVRQASVADYEETVKKAREAWKIWADIP
APKRGEIVRQIGDALREKIQVLGSLVSLEMGKILVEGVGEVQEYVDICDYAVGLSRMIGGPILPSERSGHALIEQWNPVG
LVGIITAFNFPVAVYGWNNAIAMICGNVCLWKGAPTTSLISVAVTKIIAKVLEDNKLPGAICSLTCGGADIGTAMAKDER
VNLLSFTGSTQVGKQVGLMVQERFGRSLLELGGNNAIIAFEDADLSLVVPSALFAAVGTAGQRCTTARRLFIHESIHDEV
VNRLKKAYAQIRVGNPWDPNVLYGPLHTKQAVSMFLGAVEEAKKEGGTVVYGGKVMDRPGNYVEPTIVTGLGHDASIAHT
ETFAPILYVFKFKNEEEVFAWNNEVKQGLSSSIFTKDLGRIFRWLGPKGSDCGIVNVNIPTSGAEIGGAFGGEKHTGGGR
ESGSDAWKQYMRRSTCTINYSKDLPLAQGIKFQ
;
_entity_poly.pdbx_strand_id   A,B,C,D
#
loop_
_chem_comp.id
_chem_comp.type
_chem_comp.name
_chem_comp.formula
3W9 non-polymer 4-(diethylamino)benzaldehyde 'C11 H15 N O'
MG non-polymer 'MAGNESIUM ION' 'Mg 2'
#
# COMPACT_ATOMS: atom_id res chain seq x y z
N THR A 5 13.86 -69.81 -22.84
CA THR A 5 13.19 -70.72 -21.92
C THR A 5 13.11 -70.15 -20.50
N LEU A 6 12.08 -70.57 -19.79
CA LEU A 6 11.71 -69.95 -18.53
C LEU A 6 12.76 -70.18 -17.45
N LEU A 7 13.15 -69.13 -16.75
CA LEU A 7 14.03 -69.26 -15.58
C LEU A 7 13.54 -70.31 -14.57
N ILE A 8 12.23 -70.42 -14.38
CA ILE A 8 11.69 -71.33 -13.37
C ILE A 8 11.85 -72.80 -13.79
N ASN A 9 12.20 -73.03 -15.06
CA ASN A 9 12.51 -74.37 -15.53
C ASN A 9 14.01 -74.65 -15.51
N GLN A 10 14.79 -73.71 -14.98
CA GLN A 10 16.22 -73.92 -14.81
C GLN A 10 16.53 -74.33 -13.37
N PRO A 11 17.41 -75.34 -13.20
CA PRO A 11 17.82 -75.82 -11.87
C PRO A 11 18.22 -74.71 -10.89
N GLN A 12 18.97 -73.71 -11.35
CA GLN A 12 19.42 -72.69 -10.40
C GLN A 12 18.30 -71.75 -9.91
N TYR A 13 17.12 -71.85 -10.50
CA TYR A 13 15.99 -71.05 -10.03
C TYR A 13 14.92 -71.94 -9.41
N ALA A 14 15.31 -73.16 -9.04
CA ALA A 14 14.36 -74.10 -8.46
C ALA A 14 13.73 -73.54 -7.18
N TRP A 15 14.42 -72.60 -6.53
CA TRP A 15 13.93 -71.99 -5.30
C TRP A 15 12.58 -71.30 -5.49
N LEU A 16 12.25 -70.94 -6.72
CA LEU A 16 10.96 -70.33 -7.03
C LEU A 16 9.80 -71.25 -6.65
N LYS A 17 10.06 -72.56 -6.68
CA LYS A 17 9.01 -73.53 -6.38
C LYS A 17 8.62 -73.51 -4.92
N GLU A 18 9.52 -73.04 -4.06
CA GLU A 18 9.24 -72.89 -2.63
C GLU A 18 8.10 -71.89 -2.38
N LEU A 19 7.78 -71.10 -3.41
CA LEU A 19 6.70 -70.13 -3.29
C LEU A 19 5.42 -70.66 -3.93
N GLY A 20 5.46 -71.93 -4.35
CA GLY A 20 4.32 -72.56 -5.00
C GLY A 20 4.18 -72.14 -6.46
N LEU A 21 5.23 -71.53 -7.00
CA LEU A 21 5.20 -71.08 -8.39
C LEU A 21 5.54 -72.22 -9.34
N ARG A 22 4.93 -72.20 -10.52
CA ARG A 22 5.15 -73.18 -11.59
C ARG A 22 5.38 -72.44 -12.90
N GLU A 23 5.60 -73.20 -13.98
CA GLU A 23 5.74 -72.63 -15.31
C GLU A 23 4.56 -71.72 -15.66
N GLU A 24 3.34 -72.15 -15.37
CA GLU A 24 2.18 -71.30 -15.60
C GLU A 24 1.32 -71.28 -14.36
N ASN A 25 0.94 -70.08 -13.93
CA ASN A 25 0.29 -69.92 -12.64
C ASN A 25 -1.10 -69.33 -12.78
N GLU A 26 -1.97 -69.70 -11.86
CA GLU A 26 -3.30 -69.10 -11.79
C GLU A 26 -3.20 -67.74 -11.12
N GLY A 27 -3.77 -66.72 -11.78
CA GLY A 27 -3.68 -65.36 -11.29
C GLY A 27 -4.95 -64.85 -10.66
N VAL A 28 -5.90 -65.78 -10.45
CA VAL A 28 -7.13 -65.46 -9.75
C VAL A 28 -7.24 -66.36 -8.53
N TYR A 29 -7.46 -65.74 -7.36
CA TYR A 29 -7.80 -66.51 -6.15
C TYR A 29 -8.99 -65.91 -5.44
N ASN A 30 -9.98 -66.74 -5.14
CA ASN A 30 -11.17 -66.26 -4.46
C ASN A 30 -11.71 -67.31 -3.50
N GLY A 31 -10.81 -68.12 -2.97
CA GLY A 31 -11.18 -69.34 -2.26
C GLY A 31 -10.73 -70.53 -3.08
N SER A 32 -10.89 -70.41 -4.40
CA SER A 32 -10.31 -71.34 -5.37
C SER A 32 -9.37 -70.60 -6.29
N TRP A 33 -8.40 -71.31 -6.87
CA TRP A 33 -7.49 -70.70 -7.85
C TRP A 33 -8.02 -70.87 -9.27
N GLY A 34 -7.79 -69.86 -10.11
CA GLY A 34 -8.23 -69.92 -11.49
C GLY A 34 -7.62 -68.83 -12.34
N GLY A 35 -8.29 -68.53 -13.45
CA GLY A 35 -7.86 -67.50 -14.36
C GLY A 35 -8.17 -67.94 -15.77
N ARG A 36 -9.12 -67.26 -16.41
CA ARG A 36 -9.47 -67.61 -17.79
C ARG A 36 -9.22 -66.43 -18.73
N GLY A 37 -8.49 -65.43 -18.25
CA GLY A 37 -8.16 -64.27 -19.06
C GLY A 37 -6.88 -64.52 -19.84
N GLU A 38 -6.19 -63.45 -20.21
CA GLU A 38 -4.98 -63.59 -21.02
C GLU A 38 -3.80 -64.02 -20.18
N VAL A 39 -2.92 -64.84 -20.75
CA VAL A 39 -1.68 -65.19 -20.07
C VAL A 39 -0.70 -64.03 -20.17
N ILE A 40 0.05 -63.77 -19.11
CA ILE A 40 1.14 -62.82 -19.21
C ILE A 40 2.42 -63.50 -18.75
N THR A 41 3.50 -63.21 -19.46
CA THR A 41 4.83 -63.67 -19.11
C THR A 41 5.57 -62.52 -18.47
N THR A 42 6.13 -62.71 -17.28
CA THR A 42 6.95 -61.63 -16.75
C THR A 42 8.43 -61.96 -16.91
N TYR A 43 9.23 -60.90 -16.97
CA TYR A 43 10.64 -60.96 -17.32
C TYR A 43 11.52 -60.38 -16.22
N CYS A 44 12.70 -60.95 -16.05
CA CYS A 44 13.69 -60.39 -15.15
C CYS A 44 14.35 -59.17 -15.79
N PRO A 45 14.22 -57.98 -15.17
CA PRO A 45 14.81 -56.78 -15.78
C PRO A 45 16.35 -56.74 -15.73
N ALA A 46 16.98 -57.66 -15.02
CA ALA A 46 18.43 -57.72 -15.00
C ALA A 46 19.03 -58.42 -16.21
N ASN A 47 18.23 -59.19 -16.95
CA ASN A 47 18.76 -59.89 -18.12
C ASN A 47 17.74 -60.06 -19.24
N ASN A 48 16.54 -59.53 -19.04
CA ASN A 48 15.45 -59.62 -20.01
C ASN A 48 15.09 -61.06 -20.40
N GLU A 49 15.26 -61.99 -19.47
CA GLU A 49 14.82 -63.37 -19.65
C GLU A 49 13.43 -63.59 -19.03
N PRO A 50 12.60 -64.40 -19.70
CA PRO A 50 11.29 -64.74 -19.13
C PRO A 50 11.45 -65.59 -17.88
N ILE A 51 10.67 -65.29 -16.84
CA ILE A 51 10.70 -66.02 -15.57
C ILE A 51 9.69 -67.16 -15.53
N ALA A 52 8.42 -66.78 -15.63
CA ALA A 52 7.31 -67.73 -15.64
C ALA A 52 6.06 -66.99 -16.12
N ARG A 53 4.92 -67.67 -16.11
CA ARG A 53 3.68 -67.12 -16.69
C ARG A 53 2.51 -67.13 -15.72
N VAL A 54 1.65 -66.14 -15.87
CA VAL A 54 0.44 -66.05 -15.06
C VAL A 54 -0.78 -65.89 -15.93
N ARG A 55 -1.81 -66.71 -15.67
CA ARG A 55 -3.07 -66.55 -16.36
C ARG A 55 -3.92 -65.55 -15.60
N GLN A 56 -4.25 -64.45 -16.29
CA GLN A 56 -4.93 -63.34 -15.62
C GLN A 56 -6.44 -63.49 -15.55
N ALA A 57 -7.09 -62.56 -14.86
CA ALA A 57 -8.53 -62.56 -14.71
C ALA A 57 -9.24 -62.10 -15.98
N SER A 58 -10.25 -62.86 -16.37
CA SER A 58 -11.26 -62.38 -17.29
C SER A 58 -12.30 -61.55 -16.55
N VAL A 59 -13.17 -60.88 -17.30
CA VAL A 59 -14.25 -60.12 -16.68
C VAL A 59 -15.09 -61.04 -15.81
N ALA A 60 -15.39 -62.22 -16.34
CA ALA A 60 -16.16 -63.21 -15.61
C ALA A 60 -15.45 -63.64 -14.33
N ASP A 61 -14.14 -63.85 -14.39
CA ASP A 61 -13.36 -64.14 -13.19
C ASP A 61 -13.54 -63.04 -12.16
N TYR A 62 -13.55 -61.79 -12.64
CA TYR A 62 -13.67 -60.63 -11.77
C TYR A 62 -15.02 -60.60 -11.08
N GLU A 63 -16.09 -60.72 -11.89
CA GLU A 63 -17.46 -60.74 -11.39
C GLU A 63 -17.67 -61.81 -10.33
N GLU A 64 -17.14 -63.00 -10.58
CA GLU A 64 -17.32 -64.09 -9.64
C GLU A 64 -16.51 -63.87 -8.38
N THR A 65 -15.34 -63.25 -8.52
CA THR A 65 -14.49 -63.02 -7.36
C THR A 65 -15.14 -62.02 -6.43
N VAL A 66 -15.76 -60.98 -7.00
CA VAL A 66 -16.43 -59.98 -6.19
C VAL A 66 -17.57 -60.61 -5.39
N LYS A 67 -18.39 -61.41 -6.08
CA LYS A 67 -19.48 -62.12 -5.44
C LYS A 67 -19.00 -62.99 -4.28
N LYS A 68 -17.93 -63.75 -4.51
CA LYS A 68 -17.39 -64.61 -3.48
C LYS A 68 -16.78 -63.81 -2.32
N ALA A 69 -16.19 -62.66 -2.61
CA ALA A 69 -15.63 -61.82 -1.56
C ALA A 69 -16.74 -61.27 -0.67
N ARG A 70 -17.83 -60.84 -1.29
CA ARG A 70 -18.92 -60.26 -0.54
C ARG A 70 -19.59 -61.33 0.33
N GLU A 71 -19.62 -62.57 -0.16
CA GLU A 71 -20.13 -63.68 0.64
C GLU A 71 -19.20 -63.98 1.82
N ALA A 72 -17.89 -63.95 1.58
CA ALA A 72 -16.92 -64.17 2.65
C ALA A 72 -17.04 -63.09 3.71
N TRP A 73 -17.44 -61.89 3.31
CA TRP A 73 -17.50 -60.76 4.23
C TRP A 73 -18.53 -60.97 5.34
N LYS A 74 -19.62 -61.67 4.99
CA LYS A 74 -20.67 -61.97 5.96
C LYS A 74 -20.11 -62.74 7.15
N ILE A 75 -19.16 -63.62 6.87
CA ILE A 75 -18.47 -64.39 7.90
C ILE A 75 -17.38 -63.56 8.58
N TRP A 76 -16.56 -62.89 7.77
CA TRP A 76 -15.40 -62.18 8.29
C TRP A 76 -15.81 -61.04 9.22
N ALA A 77 -16.84 -60.29 8.83
CA ALA A 77 -17.27 -59.12 9.61
C ALA A 77 -17.78 -59.49 11.01
N ASP A 78 -18.16 -60.74 11.19
CA ASP A 78 -18.66 -61.23 12.48
C ASP A 78 -17.54 -61.58 13.46
N ILE A 79 -16.31 -61.65 12.96
CA ILE A 79 -15.17 -61.98 13.82
C ILE A 79 -14.67 -60.72 14.51
N PRO A 80 -14.55 -60.76 15.86
CA PRO A 80 -14.11 -59.60 16.64
C PRO A 80 -12.76 -59.09 16.16
N ALA A 81 -12.61 -57.77 16.08
CA ALA A 81 -11.37 -57.16 15.63
C ALA A 81 -10.08 -57.77 16.21
N PRO A 82 -10.04 -58.06 17.52
CA PRO A 82 -8.78 -58.65 18.02
C PRO A 82 -8.52 -60.03 17.43
N LYS A 83 -9.57 -60.81 17.18
CA LYS A 83 -9.38 -62.10 16.54
C LYS A 83 -8.91 -61.94 15.10
N ARG A 84 -9.43 -60.92 14.40
CA ARG A 84 -8.95 -60.62 13.05
C ARG A 84 -7.49 -60.20 13.11
N GLY A 85 -7.12 -59.45 14.14
CA GLY A 85 -5.73 -59.10 14.37
C GLY A 85 -4.82 -60.33 14.46
N GLU A 86 -5.31 -61.39 15.07
CA GLU A 86 -4.52 -62.61 15.23
C GLU A 86 -4.33 -63.33 13.90
N ILE A 87 -5.31 -63.25 13.02
CA ILE A 87 -5.14 -63.77 11.67
C ILE A 87 -4.03 -62.99 10.98
N VAL A 88 -4.05 -61.67 11.13
CA VAL A 88 -3.06 -60.84 10.47
C VAL A 88 -1.67 -61.14 11.04
N ARG A 89 -1.60 -61.37 12.36
CA ARG A 89 -0.35 -61.81 12.98
C ARG A 89 0.18 -63.07 12.31
N GLN A 90 -0.70 -64.03 12.05
CA GLN A 90 -0.26 -65.29 11.46
C GLN A 90 0.23 -65.07 10.03
N ILE A 91 -0.35 -64.09 9.35
CA ILE A 91 0.12 -63.76 8.02
C ILE A 91 1.58 -63.27 8.11
N GLY A 92 1.85 -62.40 9.08
CA GLY A 92 3.19 -61.91 9.30
C GLY A 92 4.17 -63.03 9.57
N ASP A 93 3.75 -64.02 10.38
CA ASP A 93 4.57 -65.20 10.64
C ASP A 93 4.83 -65.97 9.34
N ALA A 94 3.77 -66.18 8.56
CA ALA A 94 3.92 -66.95 7.32
C ALA A 94 4.85 -66.23 6.33
N LEU A 95 4.77 -64.90 6.28
CA LEU A 95 5.68 -64.11 5.45
C LEU A 95 7.13 -64.25 5.93
N ARG A 96 7.30 -64.17 7.25
CA ARG A 96 8.63 -64.27 7.83
C ARG A 96 9.27 -65.61 7.44
N GLU A 97 8.49 -66.69 7.47
CA GLU A 97 9.01 -68.02 7.15
C GLU A 97 9.52 -68.10 5.71
N LYS A 98 8.97 -67.28 4.82
CA LYS A 98 9.39 -67.31 3.42
C LYS A 98 10.15 -66.05 3.04
N ILE A 99 10.72 -65.34 4.02
CA ILE A 99 11.20 -63.99 3.72
C ILE A 99 12.37 -64.00 2.72
N GLN A 100 13.24 -65.00 2.80
CA GLN A 100 14.36 -65.05 1.87
C GLN A 100 13.90 -65.35 0.44
N VAL A 101 13.06 -66.35 0.25
CA VAL A 101 12.69 -66.65 -1.14
C VAL A 101 11.70 -65.61 -1.70
N LEU A 102 10.82 -65.08 -0.86
CA LEU A 102 9.91 -64.05 -1.37
C LEU A 102 10.68 -62.77 -1.69
N GLY A 103 11.64 -62.43 -0.84
CA GLY A 103 12.50 -61.29 -1.14
C GLY A 103 13.27 -61.45 -2.45
N SER A 104 13.74 -62.67 -2.70
CA SER A 104 14.50 -62.94 -3.92
C SER A 104 13.59 -62.84 -5.14
N LEU A 105 12.34 -63.25 -4.98
CA LEU A 105 11.39 -63.09 -6.07
C LEU A 105 11.14 -61.60 -6.33
N VAL A 106 11.03 -60.79 -5.28
CA VAL A 106 10.85 -59.35 -5.49
C VAL A 106 12.04 -58.79 -6.28
N SER A 107 13.25 -59.20 -5.91
CA SER A 107 14.43 -58.75 -6.63
C SER A 107 14.47 -59.27 -8.08
N LEU A 108 14.05 -60.52 -8.27
CA LEU A 108 14.10 -61.15 -9.58
C LEU A 108 13.11 -60.57 -10.59
N GLU A 109 11.89 -60.33 -10.14
CA GLU A 109 10.82 -59.92 -11.06
C GLU A 109 10.72 -58.41 -11.16
N MET A 110 10.98 -57.71 -10.06
CA MET A 110 10.83 -56.26 -10.06
C MET A 110 12.17 -55.58 -10.34
N GLY A 111 13.24 -56.08 -9.73
CA GLY A 111 14.58 -55.58 -10.04
C GLY A 111 15.33 -54.80 -8.96
N LYS A 112 14.69 -54.53 -7.83
CA LYS A 112 15.38 -53.84 -6.75
C LYS A 112 16.40 -54.79 -6.10
N ILE A 113 17.42 -54.25 -5.44
CA ILE A 113 18.49 -55.10 -4.92
C ILE A 113 17.98 -56.00 -3.80
N LEU A 114 18.67 -57.12 -3.57
CA LEU A 114 18.17 -58.12 -2.64
C LEU A 114 17.86 -57.58 -1.25
N VAL A 115 18.75 -56.77 -0.69
CA VAL A 115 18.52 -56.27 0.67
C VAL A 115 17.22 -55.46 0.70
N GLU A 116 16.86 -54.85 -0.42
CA GLU A 116 15.58 -54.12 -0.50
C GLU A 116 14.37 -55.03 -0.79
N GLY A 117 14.59 -56.11 -1.53
CA GLY A 117 13.54 -57.09 -1.77
C GLY A 117 13.17 -57.73 -0.43
N VAL A 118 14.17 -58.30 0.24
CA VAL A 118 13.98 -58.82 1.60
C VAL A 118 13.43 -57.75 2.54
N GLY A 119 13.98 -56.54 2.47
CA GLY A 119 13.52 -55.45 3.32
C GLY A 119 12.06 -55.10 3.11
N GLU A 120 11.55 -55.24 1.89
CA GLU A 120 10.17 -54.89 1.63
C GLU A 120 9.26 -55.93 2.26
N VAL A 121 9.68 -57.19 2.19
CA VAL A 121 8.92 -58.24 2.84
C VAL A 121 8.97 -58.01 4.36
N GLN A 122 10.12 -57.57 4.86
CA GLN A 122 10.26 -57.32 6.29
C GLN A 122 9.34 -56.18 6.70
N GLU A 123 9.17 -55.22 5.80
CA GLU A 123 8.25 -54.11 6.07
C GLU A 123 6.82 -54.65 6.25
N TYR A 124 6.43 -55.61 5.41
CA TYR A 124 5.10 -56.20 5.50
C TYR A 124 4.99 -57.00 6.82
N VAL A 125 6.06 -57.73 7.16
CA VAL A 125 6.07 -58.45 8.45
C VAL A 125 5.83 -57.48 9.61
N ASP A 126 6.54 -56.36 9.58
CA ASP A 126 6.41 -55.35 10.63
C ASP A 126 5.02 -54.70 10.66
N ILE A 127 4.42 -54.52 9.49
CA ILE A 127 3.08 -53.98 9.39
C ILE A 127 2.07 -54.90 10.06
N CYS A 128 2.22 -56.20 9.84
CA CYS A 128 1.34 -57.17 10.47
C CYS A 128 1.41 -57.09 12.00
N ASP A 129 2.62 -56.99 12.56
CA ASP A 129 2.76 -56.84 14.01
C ASP A 129 2.09 -55.55 14.47
N TYR A 130 2.27 -54.49 13.69
CA TYR A 130 1.64 -53.20 13.98
C TYR A 130 0.13 -53.33 14.01
N ALA A 131 -0.39 -54.03 13.00
CA ALA A 131 -1.82 -54.19 12.84
C ALA A 131 -2.44 -54.95 14.00
N VAL A 132 -1.72 -55.95 14.53
CA VAL A 132 -2.24 -56.72 15.65
C VAL A 132 -2.56 -55.82 16.84
N GLY A 133 -1.66 -54.90 17.13
CA GLY A 133 -1.86 -53.98 18.23
C GLY A 133 -2.97 -52.99 17.94
N LEU A 134 -3.01 -52.49 16.71
CA LEU A 134 -4.07 -51.59 16.30
C LEU A 134 -5.44 -52.24 16.45
N SER A 135 -5.50 -53.56 16.32
CA SER A 135 -6.78 -54.26 16.24
C SER A 135 -7.53 -54.20 17.58
N ARG A 136 -6.81 -53.91 18.64
CA ARG A 136 -7.45 -53.75 19.94
C ARG A 136 -7.75 -52.27 20.25
N MET A 137 -7.50 -51.40 19.28
CA MET A 137 -7.75 -49.98 19.51
C MET A 137 -8.89 -49.46 18.65
N ILE A 138 -9.46 -50.34 17.84
CA ILE A 138 -10.59 -49.99 16.99
C ILE A 138 -11.86 -49.84 17.81
N GLY A 139 -12.38 -48.63 17.90
CA GLY A 139 -13.56 -48.35 18.68
C GLY A 139 -13.79 -46.86 18.78
N GLY A 140 -14.94 -46.46 19.30
CA GLY A 140 -15.23 -45.05 19.50
C GLY A 140 -15.74 -44.78 20.90
N PRO A 141 -15.81 -43.50 21.27
CA PRO A 141 -16.31 -43.08 22.59
C PRO A 141 -17.80 -43.21 22.73
N ILE A 142 -18.29 -43.46 23.95
CA ILE A 142 -19.66 -43.12 24.29
C ILE A 142 -19.61 -41.70 24.78
N LEU A 143 -20.38 -40.82 24.16
CA LEU A 143 -20.39 -39.43 24.61
C LEU A 143 -21.70 -39.15 25.30
N PRO A 144 -21.72 -38.14 26.17
CA PRO A 144 -22.99 -37.89 26.84
C PRO A 144 -23.93 -37.14 25.92
N SER A 145 -25.20 -37.55 25.82
CA SER A 145 -26.14 -36.76 25.03
C SER A 145 -26.56 -35.59 25.87
N GLU A 146 -27.00 -34.51 25.22
CA GLU A 146 -27.53 -33.37 25.96
C GLU A 146 -28.90 -33.73 26.53
N ARG A 147 -29.43 -34.89 26.12
CA ARG A 147 -30.74 -35.32 26.56
C ARG A 147 -30.62 -36.45 27.58
N SER A 148 -31.25 -36.27 28.73
CA SER A 148 -31.17 -37.22 29.82
C SER A 148 -31.71 -38.59 29.42
N GLY A 149 -31.00 -39.64 29.77
CA GLY A 149 -31.44 -40.99 29.47
C GLY A 149 -31.04 -41.43 28.08
N HIS A 150 -30.34 -40.56 27.36
CA HIS A 150 -29.87 -40.89 26.01
C HIS A 150 -28.34 -40.99 25.97
N ALA A 151 -27.83 -42.00 25.29
CA ALA A 151 -26.38 -42.12 25.07
C ALA A 151 -26.07 -41.87 23.59
N LEU A 152 -24.95 -41.18 23.33
CA LEU A 152 -24.40 -41.04 22.01
C LEU A 152 -23.25 -42.00 21.88
N ILE A 153 -23.38 -42.97 20.98
CA ILE A 153 -22.30 -43.92 20.78
C ILE A 153 -21.64 -43.65 19.44
N GLU A 154 -20.32 -43.48 19.41
CA GLU A 154 -19.63 -43.44 18.11
C GLU A 154 -19.28 -44.86 17.69
N GLN A 155 -19.92 -45.34 16.64
CA GLN A 155 -19.77 -46.71 16.17
C GLN A 155 -18.92 -46.78 14.88
N TRP A 156 -17.94 -47.69 14.83
CA TRP A 156 -17.18 -47.90 13.60
C TRP A 156 -17.46 -49.27 13.01
N ASN A 157 -17.74 -49.30 11.70
CA ASN A 157 -18.03 -50.55 11.02
C ASN A 157 -17.17 -50.66 9.76
N PRO A 158 -16.87 -51.90 9.34
CA PRO A 158 -16.14 -52.07 8.07
C PRO A 158 -16.95 -51.47 6.91
N VAL A 159 -16.25 -51.00 5.89
CA VAL A 159 -16.93 -50.47 4.71
C VAL A 159 -17.42 -51.62 3.85
N GLY A 160 -16.76 -52.78 3.97
CA GLY A 160 -17.19 -53.96 3.23
C GLY A 160 -16.09 -54.56 2.37
N LEU A 161 -16.12 -54.26 1.08
CA LEU A 161 -15.08 -54.73 0.17
C LEU A 161 -14.11 -53.62 -0.14
N VAL A 162 -12.82 -53.86 0.12
CA VAL A 162 -11.78 -52.88 -0.20
C VAL A 162 -10.99 -53.36 -1.41
N GLY A 163 -11.09 -52.62 -2.51
CA GLY A 163 -10.28 -52.90 -3.69
C GLY A 163 -8.90 -52.29 -3.53
N ILE A 164 -7.87 -53.04 -3.91
CA ILE A 164 -6.50 -52.56 -3.76
C ILE A 164 -5.76 -52.70 -5.10
N ILE A 165 -5.38 -51.56 -5.67
CA ILE A 165 -4.58 -51.53 -6.88
C ILE A 165 -3.20 -51.01 -6.52
N THR A 166 -2.17 -51.77 -6.88
CA THR A 166 -0.80 -51.41 -6.50
C THR A 166 0.10 -51.30 -7.72
N ALA A 167 1.31 -50.78 -7.50
CA ALA A 167 2.21 -50.49 -8.60
C ALA A 167 3.45 -51.41 -8.58
N PHE A 168 4.28 -51.28 -9.60
CA PHE A 168 5.41 -52.19 -9.75
C PHE A 168 6.50 -51.97 -8.70
N ASN A 169 6.66 -50.74 -8.24
CA ASN A 169 7.91 -50.44 -7.53
C ASN A 169 7.93 -50.93 -6.08
N PHE A 170 6.76 -50.97 -5.44
CA PHE A 170 6.63 -51.67 -4.18
C PHE A 170 5.49 -52.70 -4.32
N PRO A 171 5.81 -53.86 -4.89
CA PRO A 171 4.78 -54.83 -5.28
C PRO A 171 4.29 -55.71 -4.13
N VAL A 172 4.88 -55.54 -2.94
CA VAL A 172 4.48 -56.31 -1.75
C VAL A 172 3.92 -55.39 -0.67
N ALA A 173 4.71 -54.38 -0.27
CA ALA A 173 4.42 -53.71 1.01
C ALA A 173 3.23 -52.77 0.95
N VAL A 174 2.99 -52.17 -0.21
CA VAL A 174 1.81 -51.29 -0.35
C VAL A 174 0.53 -52.10 -0.22
N TYR A 175 0.47 -53.25 -0.90
CA TYR A 175 -0.66 -54.16 -0.69
C TYR A 175 -0.73 -54.58 0.77
N GLY A 176 0.43 -54.92 1.32
CA GLY A 176 0.52 -55.34 2.70
C GLY A 176 -0.09 -54.36 3.69
N TRP A 177 0.29 -53.11 3.56
CA TRP A 177 -0.27 -52.06 4.40
C TRP A 177 -1.80 -52.02 4.26
N ASN A 178 -2.29 -51.90 3.02
CA ASN A 178 -3.74 -51.84 2.80
C ASN A 178 -4.48 -53.08 3.27
N ASN A 179 -3.88 -54.25 3.05
CA ASN A 179 -4.51 -55.50 3.38
C ASN A 179 -4.61 -55.72 4.89
N ALA A 180 -3.51 -55.48 5.61
CA ALA A 180 -3.46 -55.69 7.06
C ALA A 180 -4.42 -54.75 7.80
N ILE A 181 -4.47 -53.49 7.41
CA ILE A 181 -5.36 -52.56 8.09
C ILE A 181 -6.83 -52.82 7.71
N ALA A 182 -7.08 -53.03 6.43
CA ALA A 182 -8.42 -53.36 5.97
C ALA A 182 -8.92 -54.62 6.66
N MET A 183 -8.05 -55.62 6.82
CA MET A 183 -8.45 -56.87 7.49
C MET A 183 -8.82 -56.66 8.94
N ILE A 184 -7.98 -55.98 9.71
CA ILE A 184 -8.32 -55.85 11.13
C ILE A 184 -9.62 -55.02 11.28
N CYS A 185 -9.85 -54.14 10.34
CA CYS A 185 -11.07 -53.34 10.31
C CYS A 185 -12.31 -54.12 9.85
N GLY A 186 -12.17 -55.42 9.58
CA GLY A 186 -13.33 -56.23 9.24
C GLY A 186 -13.77 -56.22 7.78
N ASN A 187 -12.91 -55.72 6.89
CA ASN A 187 -13.21 -55.76 5.46
C ASN A 187 -12.62 -56.95 4.76
N VAL A 188 -13.22 -57.33 3.64
CA VAL A 188 -12.58 -58.25 2.72
C VAL A 188 -11.87 -57.43 1.65
N CYS A 189 -10.87 -58.02 1.01
CA CYS A 189 -10.02 -57.30 0.07
C CYS A 189 -10.01 -57.96 -1.29
N LEU A 190 -9.79 -57.13 -2.30
CA LEU A 190 -9.57 -57.62 -3.66
C LEU A 190 -8.36 -56.88 -4.25
N TRP A 191 -7.35 -57.65 -4.64
CA TRP A 191 -6.07 -57.11 -5.09
C TRP A 191 -5.87 -57.24 -6.60
N LYS A 192 -5.50 -56.14 -7.24
CA LYS A 192 -4.98 -56.18 -8.61
C LYS A 192 -3.63 -55.47 -8.63
N GLY A 193 -2.56 -56.22 -8.82
CA GLY A 193 -1.24 -55.62 -8.76
C GLY A 193 -0.78 -55.23 -10.14
N ALA A 194 0.43 -54.71 -10.25
CA ALA A 194 0.98 -54.39 -11.56
C ALA A 194 1.15 -55.67 -12.37
N PRO A 195 0.72 -55.66 -13.64
CA PRO A 195 0.92 -56.85 -14.49
C PRO A 195 2.37 -57.35 -14.50
N THR A 196 3.35 -56.44 -14.42
CA THR A 196 4.74 -56.87 -14.57
C THR A 196 5.29 -57.43 -13.25
N THR A 197 4.48 -57.42 -12.19
CA THR A 197 4.87 -58.10 -10.96
C THR A 197 3.81 -59.13 -10.56
N SER A 198 3.22 -59.78 -11.56
CA SER A 198 2.18 -60.78 -11.33
C SER A 198 2.66 -61.95 -10.47
N LEU A 199 3.91 -62.41 -10.67
CA LEU A 199 4.38 -63.58 -9.93
C LEU A 199 4.48 -63.23 -8.45
N ILE A 200 4.94 -62.03 -8.15
CA ILE A 200 4.99 -61.55 -6.77
C ILE A 200 3.58 -61.53 -6.18
N SER A 201 2.58 -61.06 -6.95
CA SER A 201 1.22 -60.99 -6.43
C SER A 201 0.69 -62.39 -6.12
N VAL A 202 0.91 -63.32 -7.05
CA VAL A 202 0.52 -64.71 -6.86
C VAL A 202 1.20 -65.30 -5.60
N ALA A 203 2.49 -65.07 -5.44
CA ALA A 203 3.24 -65.70 -4.35
C ALA A 203 2.76 -65.21 -2.98
N VAL A 204 2.51 -63.91 -2.89
CA VAL A 204 2.00 -63.33 -1.67
C VAL A 204 0.63 -63.91 -1.37
N THR A 205 -0.20 -63.99 -2.41
CA THR A 205 -1.56 -64.46 -2.21
C THR A 205 -1.58 -65.94 -1.78
N LYS A 206 -0.63 -66.73 -2.26
CA LYS A 206 -0.51 -68.14 -1.85
C LYS A 206 -0.18 -68.25 -0.36
N ILE A 207 0.72 -67.40 0.10
CA ILE A 207 1.08 -67.39 1.52
C ILE A 207 -0.14 -67.04 2.38
N ILE A 208 -0.88 -66.01 1.99
CA ILE A 208 -2.04 -65.57 2.74
C ILE A 208 -3.17 -66.61 2.69
N ALA A 209 -3.40 -67.15 1.49
CA ALA A 209 -4.44 -68.16 1.29
C ALA A 209 -4.26 -69.34 2.24
N LYS A 210 -3.02 -69.76 2.48
CA LYS A 210 -2.77 -70.92 3.35
C LYS A 210 -3.14 -70.60 4.80
N VAL A 211 -2.82 -69.39 5.25
CA VAL A 211 -3.18 -68.94 6.59
C VAL A 211 -4.70 -68.92 6.79
N LEU A 212 -5.42 -68.38 5.80
CA LEU A 212 -6.87 -68.34 5.89
C LEU A 212 -7.44 -69.75 5.97
N GLU A 213 -6.99 -70.61 5.05
CA GLU A 213 -7.47 -71.99 4.95
C GLU A 213 -7.16 -72.78 6.23
N ASP A 214 -5.97 -72.59 6.79
CA ASP A 214 -5.61 -73.28 8.02
C ASP A 214 -6.39 -72.77 9.22
N ASN A 215 -7.01 -71.60 9.07
CA ASN A 215 -7.87 -71.08 10.11
C ASN A 215 -9.36 -71.31 9.82
N LYS A 216 -9.63 -72.09 8.77
CA LYS A 216 -10.99 -72.42 8.37
C LYS A 216 -11.81 -71.17 8.05
N LEU A 217 -11.15 -70.20 7.41
CA LEU A 217 -11.81 -69.00 6.95
C LEU A 217 -11.91 -69.03 5.43
N PRO A 218 -12.93 -68.38 4.86
CA PRO A 218 -13.04 -68.38 3.39
C PRO A 218 -11.92 -67.57 2.74
N GLY A 219 -11.29 -68.12 1.71
CA GLY A 219 -10.14 -67.49 1.10
C GLY A 219 -10.41 -66.16 0.42
N ALA A 220 -11.67 -65.88 0.06
CA ALA A 220 -11.98 -64.63 -0.65
C ALA A 220 -11.87 -63.39 0.24
N ILE A 221 -11.65 -63.58 1.54
CA ILE A 221 -11.30 -62.46 2.41
C ILE A 221 -10.09 -61.69 1.83
N CYS A 222 -9.17 -62.42 1.24
CA CYS A 222 -8.01 -61.84 0.57
C CYS A 222 -7.93 -62.32 -0.86
N SER A 223 -8.82 -61.77 -1.68
CA SER A 223 -8.95 -62.17 -3.07
C SER A 223 -7.91 -61.51 -3.97
N LEU A 224 -7.56 -62.22 -5.04
CA LEU A 224 -6.63 -61.75 -6.07
C LEU A 224 -7.28 -61.81 -7.44
N THR A 225 -7.24 -60.72 -8.19
CA THR A 225 -7.54 -60.78 -9.62
C THR A 225 -6.46 -60.08 -10.42
N CYS A 226 -5.45 -60.85 -10.83
CA CYS A 226 -4.39 -60.32 -11.69
C CYS A 226 -4.96 -59.83 -13.02
N GLY A 227 -4.57 -58.62 -13.43
CA GLY A 227 -4.97 -58.10 -14.73
C GLY A 227 -4.42 -56.71 -14.94
N GLY A 228 -4.83 -56.09 -16.03
CA GLY A 228 -4.34 -54.76 -16.39
C GLY A 228 -5.36 -53.67 -16.21
N ALA A 229 -5.36 -52.70 -17.14
CA ALA A 229 -6.22 -51.53 -17.01
C ALA A 229 -7.70 -51.90 -17.02
N ASP A 230 -8.06 -52.95 -17.74
CA ASP A 230 -9.46 -53.41 -17.78
C ASP A 230 -9.97 -53.80 -16.39
N ILE A 231 -9.17 -54.56 -15.64
CA ILE A 231 -9.60 -55.01 -14.33
C ILE A 231 -9.65 -53.82 -13.38
N GLY A 232 -8.60 -52.98 -13.43
CA GLY A 232 -8.57 -51.79 -12.60
C GLY A 232 -9.76 -50.89 -12.84
N THR A 233 -10.15 -50.73 -14.11
CA THR A 233 -11.29 -49.88 -14.43
C THR A 233 -12.60 -50.45 -13.88
N ALA A 234 -12.75 -51.77 -14.00
CA ALA A 234 -13.94 -52.44 -13.47
C ALA A 234 -14.07 -52.22 -11.96
N MET A 235 -12.95 -52.33 -11.24
CA MET A 235 -12.93 -52.05 -9.80
C MET A 235 -13.34 -50.62 -9.47
N ALA A 236 -12.84 -49.66 -10.25
CA ALA A 236 -13.12 -48.25 -10.01
C ALA A 236 -14.59 -47.94 -10.24
N LYS A 237 -15.19 -48.63 -11.19
CA LYS A 237 -16.59 -48.41 -11.55
C LYS A 237 -17.57 -49.28 -10.77
N ASP A 238 -17.03 -50.21 -9.97
CA ASP A 238 -17.87 -51.24 -9.34
C ASP A 238 -18.46 -50.77 -8.01
N GLU A 239 -19.77 -50.55 -7.99
CA GLU A 239 -20.47 -50.13 -6.76
C GLU A 239 -20.27 -51.09 -5.59
N ARG A 240 -19.93 -52.34 -5.88
CA ARG A 240 -19.69 -53.34 -4.84
C ARG A 240 -18.34 -53.14 -4.14
N VAL A 241 -17.45 -52.41 -4.79
CA VAL A 241 -16.17 -52.06 -4.17
C VAL A 241 -16.38 -50.77 -3.38
N ASN A 242 -16.53 -50.91 -2.07
CA ASN A 242 -16.91 -49.79 -1.21
C ASN A 242 -15.82 -48.76 -1.06
N LEU A 243 -14.58 -49.24 -1.07
CA LEU A 243 -13.41 -48.38 -0.97
C LEU A 243 -12.36 -48.87 -1.95
N LEU A 244 -11.83 -47.96 -2.76
CA LEU A 244 -10.78 -48.33 -3.70
C LEU A 244 -9.50 -47.64 -3.33
N SER A 245 -8.51 -48.42 -2.91
CA SER A 245 -7.18 -47.87 -2.64
C SER A 245 -6.33 -48.06 -3.87
N PHE A 246 -5.88 -46.94 -4.44
CA PHE A 246 -5.04 -46.96 -5.64
C PHE A 246 -3.69 -46.34 -5.35
N THR A 247 -2.64 -47.02 -5.77
CA THR A 247 -1.30 -46.49 -5.70
C THR A 247 -0.66 -46.55 -7.07
N GLY A 248 -0.12 -45.42 -7.53
CA GLY A 248 0.44 -45.38 -8.87
C GLY A 248 0.51 -43.99 -9.48
N SER A 249 0.49 -43.94 -10.81
CA SER A 249 0.71 -42.70 -11.54
C SER A 249 -0.43 -41.69 -11.37
N THR A 250 -0.07 -40.42 -11.41
CA THR A 250 -1.04 -39.37 -11.20
C THR A 250 -2.11 -39.39 -12.29
N GLN A 251 -1.68 -39.59 -13.53
CA GLN A 251 -2.59 -39.67 -14.68
C GLN A 251 -3.68 -40.73 -14.45
N VAL A 252 -3.26 -41.96 -14.18
CA VAL A 252 -4.21 -43.05 -13.95
C VAL A 252 -5.01 -42.79 -12.67
N GLY A 253 -4.31 -42.37 -11.61
CA GLY A 253 -4.96 -42.07 -10.35
C GLY A 253 -6.11 -41.09 -10.43
N LYS A 254 -5.98 -40.06 -11.27
CA LYS A 254 -7.04 -39.07 -11.39
C LYS A 254 -8.29 -39.73 -11.99
N GLN A 255 -8.08 -40.53 -13.03
CA GLN A 255 -9.19 -41.18 -13.68
C GLN A 255 -9.89 -42.15 -12.74
N VAL A 256 -9.11 -42.90 -11.97
CA VAL A 256 -9.67 -43.77 -10.93
C VAL A 256 -10.52 -43.00 -9.92
N GLY A 257 -9.96 -41.91 -9.38
CA GLY A 257 -10.68 -41.07 -8.44
C GLY A 257 -11.97 -40.51 -9.02
N LEU A 258 -11.93 -40.16 -10.30
CA LEU A 258 -13.11 -39.59 -10.95
C LEU A 258 -14.20 -40.66 -11.07
N MET A 259 -13.80 -41.86 -11.48
CA MET A 259 -14.74 -42.96 -11.65
C MET A 259 -15.38 -43.34 -10.32
N VAL A 260 -14.58 -43.35 -9.26
CA VAL A 260 -15.09 -43.65 -7.95
C VAL A 260 -16.06 -42.56 -7.49
N GLN A 261 -15.69 -41.31 -7.73
CA GLN A 261 -16.56 -40.19 -7.35
C GLN A 261 -17.87 -40.25 -8.13
N GLU A 262 -17.82 -40.65 -9.40
CA GLU A 262 -19.02 -40.77 -10.22
C GLU A 262 -20.07 -41.70 -9.62
N ARG A 263 -19.64 -42.66 -8.80
CA ARG A 263 -20.60 -43.59 -8.21
C ARG A 263 -20.74 -43.42 -6.70
N PHE A 264 -20.27 -42.29 -6.18
CA PHE A 264 -20.30 -41.98 -4.74
C PHE A 264 -19.65 -43.07 -3.89
N GLY A 265 -18.54 -43.60 -4.36
CA GLY A 265 -17.76 -44.53 -3.56
C GLY A 265 -16.65 -43.80 -2.85
N ARG A 266 -15.80 -44.54 -2.16
CA ARG A 266 -14.67 -43.93 -1.47
C ARG A 266 -13.39 -44.39 -2.11
N SER A 267 -12.44 -43.47 -2.23
CA SER A 267 -11.15 -43.84 -2.76
C SER A 267 -10.04 -43.36 -1.83
N LEU A 268 -8.94 -44.09 -1.83
CA LEU A 268 -7.68 -43.62 -1.27
C LEU A 268 -6.67 -43.60 -2.40
N LEU A 269 -6.08 -42.44 -2.68
CA LEU A 269 -5.15 -42.30 -3.79
C LEU A 269 -3.76 -41.94 -3.27
N GLU A 270 -2.77 -42.70 -3.69
CA GLU A 270 -1.36 -42.43 -3.40
C GLU A 270 -0.63 -42.30 -4.72
N LEU A 271 -0.40 -41.07 -5.18
CA LEU A 271 0.00 -40.83 -6.56
C LEU A 271 1.45 -40.39 -6.77
N GLY A 273 4.86 -38.46 -6.66
CA GLY A 273 5.46 -37.26 -6.11
C GLY A 273 6.79 -36.88 -6.76
N ASN A 274 7.04 -35.58 -6.84
CA ASN A 274 8.31 -35.07 -7.36
C ASN A 274 9.09 -34.42 -6.23
N ASN A 275 9.79 -35.25 -5.46
CA ASN A 275 10.46 -34.85 -4.23
C ASN A 275 11.66 -33.91 -4.46
N ALA A 276 11.78 -32.90 -3.58
CA ALA A 276 12.85 -31.93 -3.70
C ALA A 276 13.74 -31.95 -2.46
N ILE A 277 15.02 -31.66 -2.67
CA ILE A 277 15.94 -31.46 -1.56
C ILE A 277 16.42 -30.03 -1.67
N ILE A 278 16.48 -29.32 -0.54
CA ILE A 278 16.94 -27.93 -0.54
C ILE A 278 18.08 -27.75 0.43
N ALA A 279 19.26 -27.39 -0.11
CA ALA A 279 20.43 -27.16 0.70
C ALA A 279 20.74 -25.67 0.79
N PHE A 280 20.55 -25.09 1.97
CA PHE A 280 20.84 -23.68 2.18
C PHE A 280 22.32 -23.47 2.44
N GLU A 281 22.75 -22.22 2.39
CA GLU A 281 24.16 -21.87 2.49
C GLU A 281 24.81 -22.39 3.79
N ASP A 282 24.03 -22.45 4.86
CA ASP A 282 24.56 -22.88 6.16
C ASP A 282 24.44 -24.40 6.40
N ALA A 283 24.16 -25.16 5.34
CA ALA A 283 23.96 -26.60 5.47
C ALA A 283 25.25 -27.35 5.78
N ASP A 284 25.11 -28.43 6.52
CA ASP A 284 26.21 -29.39 6.67
C ASP A 284 26.31 -30.24 5.40
N LEU A 285 27.31 -29.97 4.57
CA LEU A 285 27.49 -30.71 3.31
C LEU A 285 27.86 -32.18 3.50
N SER A 286 28.41 -32.53 4.67
CA SER A 286 28.64 -33.94 4.98
C SER A 286 27.33 -34.67 5.24
N LEU A 287 26.27 -33.92 5.54
CA LEU A 287 24.92 -34.50 5.52
C LEU A 287 24.29 -34.45 4.14
N VAL A 288 24.39 -33.31 3.47
CA VAL A 288 23.74 -33.12 2.18
C VAL A 288 24.16 -34.13 1.11
N VAL A 289 25.46 -34.35 0.93
CA VAL A 289 25.90 -35.12 -0.23
C VAL A 289 25.47 -36.59 -0.14
N PRO A 290 25.78 -37.28 0.97
CA PRO A 290 25.27 -38.65 0.97
C PRO A 290 23.74 -38.72 0.99
N SER A 291 23.04 -37.81 1.66
CA SER A 291 21.57 -37.85 1.63
C SER A 291 21.03 -37.72 0.23
N ALA A 292 21.57 -36.76 -0.50
CA ALA A 292 21.14 -36.52 -1.87
C ALA A 292 21.42 -37.75 -2.73
N LEU A 293 22.62 -38.30 -2.61
CA LEU A 293 22.96 -39.47 -3.46
C LEU A 293 22.00 -40.65 -3.23
N PHE A 294 21.84 -41.06 -1.98
CA PHE A 294 21.05 -42.27 -1.70
C PHE A 294 19.57 -42.05 -2.00
N ALA A 295 19.05 -40.86 -1.70
CA ALA A 295 17.67 -40.54 -2.08
C ALA A 295 17.46 -40.46 -3.59
N ALA A 296 18.50 -40.09 -4.33
CA ALA A 296 18.38 -39.97 -5.77
C ALA A 296 18.46 -41.32 -6.48
N VAL A 297 19.38 -42.19 -6.05
CA VAL A 297 19.67 -43.40 -6.84
C VAL A 297 19.17 -44.70 -6.21
N GLY A 298 18.70 -44.64 -4.97
CA GLY A 298 18.09 -45.79 -4.33
C GLY A 298 17.01 -46.39 -5.23
N THR A 299 17.00 -47.72 -5.36
CA THR A 299 16.05 -48.44 -6.21
C THR A 299 16.09 -47.88 -7.63
N ALA A 300 17.29 -47.50 -8.08
CA ALA A 300 17.52 -46.92 -9.41
C ALA A 300 16.53 -45.82 -9.72
N GLY A 301 16.22 -45.01 -8.71
CA GLY A 301 15.40 -43.83 -8.90
C GLY A 301 13.91 -44.11 -9.07
N GLN A 302 13.44 -45.26 -8.60
CA GLN A 302 12.06 -45.68 -8.88
C GLN A 302 11.12 -45.70 -7.65
N ARG A 303 11.48 -44.98 -6.59
CA ARG A 303 10.58 -44.86 -5.44
C ARG A 303 9.65 -43.68 -5.59
N CYS A 304 8.56 -43.67 -4.83
CA CYS A 304 7.63 -42.52 -4.90
C CYS A 304 8.29 -41.39 -4.15
N THR A 305 9.28 -41.72 -3.29
CA THR A 305 10.03 -40.72 -2.53
C THR A 305 11.36 -40.31 -3.15
N THR A 306 11.68 -40.84 -4.33
CA THR A 306 12.96 -40.54 -4.98
C THR A 306 13.21 -39.03 -5.15
N ALA A 307 14.40 -38.58 -4.75
CA ALA A 307 14.80 -37.19 -4.93
C ALA A 307 15.04 -36.91 -6.42
N ARG A 308 14.26 -36.00 -7.00
CA ARG A 308 14.46 -35.64 -8.42
C ARG A 308 14.89 -34.18 -8.63
N ARG A 309 14.64 -33.33 -7.64
CA ARG A 309 15.10 -31.96 -7.72
C ARG A 309 15.94 -31.59 -6.49
N LEU A 310 17.13 -31.03 -6.74
CA LEU A 310 18.06 -30.61 -5.69
C LEU A 310 18.35 -29.12 -5.85
N PHE A 311 17.84 -28.31 -4.91
CA PHE A 311 18.12 -26.89 -4.92
C PHE A 311 19.31 -26.64 -4.01
N ILE A 312 20.32 -25.94 -4.54
CA ILE A 312 21.51 -25.61 -3.76
C ILE A 312 21.79 -24.11 -3.79
N HIS A 313 22.04 -23.53 -2.61
CA HIS A 313 22.42 -22.14 -2.56
C HIS A 313 23.64 -21.92 -3.47
N GLU A 314 23.67 -20.79 -4.15
CA GLU A 314 24.71 -20.56 -5.16
C GLU A 314 26.12 -20.62 -4.59
N SER A 315 26.29 -20.24 -3.33
CA SER A 315 27.60 -20.21 -2.71
C SER A 315 28.24 -21.59 -2.60
N ILE A 316 27.40 -22.63 -2.51
CA ILE A 316 27.90 -23.98 -2.31
C ILE A 316 27.53 -24.91 -3.47
N HIS A 317 26.92 -24.35 -4.51
CA HIS A 317 26.38 -25.17 -5.60
C HIS A 317 27.45 -25.99 -6.29
N ASP A 318 28.55 -25.35 -6.68
CA ASP A 318 29.57 -26.05 -7.43
C ASP A 318 30.21 -27.17 -6.60
N GLU A 319 30.51 -26.85 -5.34
CA GLU A 319 31.12 -27.83 -4.44
C GLU A 319 30.24 -29.05 -4.22
N VAL A 320 28.97 -28.83 -3.93
CA VAL A 320 28.07 -29.96 -3.73
C VAL A 320 27.96 -30.82 -5.00
N VAL A 321 27.82 -30.18 -6.15
CA VAL A 321 27.78 -30.91 -7.41
C VAL A 321 29.05 -31.73 -7.60
N ASN A 322 30.19 -31.11 -7.37
CA ASN A 322 31.46 -31.82 -7.52
C ASN A 322 31.56 -33.00 -6.57
N ARG A 323 31.13 -32.80 -5.32
CA ARG A 323 31.15 -33.86 -4.33
C ARG A 323 30.19 -35.00 -4.73
N LEU A 324 29.03 -34.65 -5.30
CA LEU A 324 28.09 -35.69 -5.75
C LEU A 324 28.66 -36.50 -6.89
N LYS A 325 29.31 -35.82 -7.82
CA LYS A 325 29.91 -36.49 -8.96
C LYS A 325 30.96 -37.50 -8.49
N LYS A 326 31.74 -37.13 -7.49
CA LYS A 326 32.78 -38.02 -7.00
C LYS A 326 32.16 -39.23 -6.30
N ALA A 327 31.05 -39.01 -5.62
CA ALA A 327 30.38 -40.11 -4.93
C ALA A 327 29.60 -41.00 -5.90
N TYR A 328 28.95 -40.41 -6.91
CA TYR A 328 28.25 -41.17 -7.92
C TYR A 328 29.16 -42.19 -8.61
N ALA A 329 30.42 -41.81 -8.81
CA ALA A 329 31.36 -42.66 -9.53
C ALA A 329 31.66 -43.94 -8.74
N GLN A 330 31.37 -43.92 -7.44
CA GLN A 330 31.62 -45.09 -6.61
C GLN A 330 30.39 -45.99 -6.45
N ILE A 331 29.28 -45.64 -7.10
CA ILE A 331 28.07 -46.45 -6.97
C ILE A 331 28.33 -47.85 -7.52
N ARG A 332 28.05 -48.88 -6.73
CA ARG A 332 28.30 -50.25 -7.15
C ARG A 332 27.09 -50.82 -7.90
N VAL A 333 27.27 -51.04 -9.19
CA VAL A 333 26.24 -51.51 -10.11
C VAL A 333 26.34 -53.00 -10.30
N GLY A 334 25.23 -53.71 -10.37
CA GLY A 334 25.24 -55.14 -10.67
C GLY A 334 23.86 -55.76 -10.71
N ASN A 335 23.80 -57.07 -10.91
CA ASN A 335 22.53 -57.79 -10.84
C ASN A 335 22.01 -57.70 -9.42
N PRO A 336 20.67 -57.72 -9.26
CA PRO A 336 20.03 -57.51 -7.94
C PRO A 336 20.48 -58.49 -6.89
N TRP A 337 20.90 -59.68 -7.31
CA TRP A 337 21.30 -60.72 -6.37
C TRP A 337 22.79 -60.73 -6.09
N ASP A 338 23.55 -59.82 -6.69
CA ASP A 338 25.01 -59.79 -6.48
C ASP A 338 25.30 -59.26 -5.08
N PRO A 339 26.19 -59.91 -4.32
CA PRO A 339 26.49 -59.36 -2.99
C PRO A 339 27.02 -57.94 -3.04
N ASN A 340 26.60 -57.12 -2.08
CA ASN A 340 27.16 -55.80 -1.82
C ASN A 340 26.84 -54.74 -2.89
N VAL A 341 25.98 -55.09 -3.84
CA VAL A 341 25.63 -54.16 -4.91
C VAL A 341 24.66 -53.10 -4.38
N LEU A 342 24.65 -51.93 -5.03
CA LEU A 342 23.83 -50.80 -4.58
C LEU A 342 22.75 -50.44 -5.60
N TYR A 343 22.99 -50.78 -6.86
CA TYR A 343 22.23 -50.20 -7.97
C TYR A 343 21.91 -51.24 -9.03
N GLY A 344 20.63 -51.50 -9.28
CA GLY A 344 20.26 -52.48 -10.26
C GLY A 344 19.58 -51.87 -11.47
N PRO A 345 18.81 -52.69 -12.21
CA PRO A 345 18.20 -52.24 -13.46
C PRO A 345 16.91 -51.45 -13.25
N LEU A 346 16.53 -50.65 -14.24
CA LEU A 346 15.18 -50.11 -14.32
C LEU A 346 14.21 -51.27 -14.55
N HIS A 347 12.94 -51.09 -14.20
CA HIS A 347 11.98 -52.18 -14.23
C HIS A 347 11.64 -52.66 -15.65
N THR A 348 11.65 -51.76 -16.61
CA THR A 348 11.23 -52.11 -17.98
C THR A 348 12.11 -51.51 -19.07
N LYS A 349 11.97 -52.04 -20.29
CA LYS A 349 12.64 -51.45 -21.44
C LYS A 349 12.09 -50.07 -21.77
N GLN A 350 10.78 -49.88 -21.59
CA GLN A 350 10.18 -48.56 -21.82
C GLN A 350 10.75 -47.49 -20.88
N ALA A 351 11.03 -47.86 -19.64
CA ALA A 351 11.69 -46.97 -18.68
C ALA A 351 13.02 -46.48 -19.21
N VAL A 352 13.76 -47.38 -19.86
CA VAL A 352 15.04 -47.02 -20.45
C VAL A 352 14.83 -46.01 -21.57
N SER A 353 13.86 -46.27 -22.45
CA SER A 353 13.55 -45.33 -23.53
C SER A 353 13.17 -43.96 -22.97
N MET A 354 12.31 -43.95 -21.94
CA MET A 354 11.89 -42.71 -21.31
C MET A 354 13.08 -41.93 -20.73
N PHE A 355 14.00 -42.67 -20.12
CA PHE A 355 15.21 -42.09 -19.53
C PHE A 355 16.03 -41.37 -20.59
N LEU A 356 16.30 -42.05 -21.71
CA LEU A 356 17.01 -41.46 -22.84
C LEU A 356 16.28 -40.22 -23.37
N GLY A 357 14.96 -40.33 -23.52
CA GLY A 357 14.16 -39.18 -23.88
C GLY A 357 14.40 -38.01 -22.96
N ALA A 358 14.27 -38.24 -21.65
CA ALA A 358 14.42 -37.19 -20.66
C ALA A 358 15.79 -36.51 -20.73
N VAL A 359 16.85 -37.29 -20.89
CA VAL A 359 18.20 -36.76 -21.04
C VAL A 359 18.31 -35.84 -22.26
N GLU A 360 17.74 -36.28 -23.37
CA GLU A 360 17.76 -35.48 -24.60
C GLU A 360 17.03 -34.15 -24.39
N GLU A 361 15.80 -34.23 -23.89
CA GLU A 361 15.00 -33.05 -23.61
C GLU A 361 15.72 -32.09 -22.65
N ALA A 362 16.42 -32.64 -21.67
CA ALA A 362 17.12 -31.79 -20.70
C ALA A 362 18.23 -30.97 -21.38
N LYS A 363 18.98 -31.60 -22.28
CA LYS A 363 20.01 -30.89 -23.03
C LYS A 363 19.37 -29.86 -23.97
N LYS A 364 18.28 -30.26 -24.60
CA LYS A 364 17.55 -29.40 -25.52
C LYS A 364 17.05 -28.13 -24.82
N GLU A 365 16.66 -28.27 -23.56
CA GLU A 365 16.17 -27.11 -22.80
C GLU A 365 17.31 -26.39 -22.07
N GLY A 366 18.55 -26.71 -22.42
CA GLY A 366 19.71 -25.96 -21.96
C GLY A 366 20.51 -26.58 -20.83
N GLY A 367 20.14 -27.78 -20.43
CA GLY A 367 20.79 -28.45 -19.31
C GLY A 367 22.10 -29.09 -19.69
N THR A 368 22.97 -29.28 -18.70
CA THR A 368 24.23 -29.98 -18.89
C THR A 368 24.25 -31.29 -18.11
N VAL A 369 24.60 -32.39 -18.76
CA VAL A 369 24.76 -33.65 -18.05
C VAL A 369 26.15 -33.69 -17.42
N VAL A 370 26.24 -33.51 -16.10
CA VAL A 370 27.56 -33.48 -15.49
C VAL A 370 27.97 -34.87 -15.02
N TYR A 371 27.03 -35.80 -15.02
CA TYR A 371 27.36 -37.20 -14.75
C TYR A 371 26.34 -38.14 -15.36
N GLY A 372 26.83 -39.20 -16.01
CA GLY A 372 25.97 -40.27 -16.49
C GLY A 372 25.25 -39.91 -17.78
N GLY A 373 23.97 -40.29 -17.88
CA GLY A 373 23.14 -39.90 -18.99
C GLY A 373 23.01 -40.94 -20.10
N LYS A 374 23.73 -42.05 -19.96
CA LYS A 374 23.77 -43.05 -21.02
C LYS A 374 23.25 -44.41 -20.56
N VAL A 375 22.83 -45.24 -21.51
CA VAL A 375 22.52 -46.62 -21.19
C VAL A 375 23.83 -47.32 -20.87
N MET A 376 23.82 -48.25 -19.93
CA MET A 376 25.00 -49.08 -19.70
C MET A 376 25.00 -50.24 -20.70
N ASP A 377 26.17 -50.61 -21.19
CA ASP A 377 26.29 -51.66 -22.19
C ASP A 377 26.41 -53.02 -21.51
N ARG A 378 25.30 -53.49 -20.96
CA ARG A 378 25.24 -54.79 -20.33
C ARG A 378 23.81 -55.34 -20.47
N PRO A 379 23.62 -56.65 -20.21
CA PRO A 379 22.26 -57.18 -20.35
C PRO A 379 21.31 -56.51 -19.36
N GLY A 380 20.02 -56.47 -19.70
CA GLY A 380 19.04 -55.93 -18.77
C GLY A 380 18.79 -54.45 -19.02
N ASN A 381 18.06 -53.81 -18.11
CA ASN A 381 17.64 -52.42 -18.33
C ASN A 381 18.45 -51.43 -17.51
N TYR A 382 19.77 -51.44 -17.70
CA TYR A 382 20.62 -50.58 -16.87
C TYR A 382 20.91 -49.22 -17.52
N VAL A 383 20.73 -48.17 -16.73
CA VAL A 383 21.11 -46.81 -17.13
C VAL A 383 22.01 -46.21 -16.07
N GLU A 384 22.88 -45.28 -16.50
CA GLU A 384 23.74 -44.57 -15.55
C GLU A 384 22.90 -43.64 -14.68
N PRO A 385 23.13 -43.68 -13.36
CA PRO A 385 22.52 -42.64 -12.53
C PRO A 385 23.04 -41.28 -13.00
N THR A 386 22.18 -40.29 -13.05
CA THR A 386 22.45 -39.12 -13.87
C THR A 386 22.21 -37.82 -13.08
N ILE A 387 23.10 -36.85 -13.31
CA ILE A 387 22.97 -35.51 -12.73
C ILE A 387 22.94 -34.45 -13.84
N VAL A 388 21.93 -33.58 -13.78
CA VAL A 388 21.80 -32.51 -14.74
C VAL A 388 21.80 -31.14 -14.06
N THR A 389 22.67 -30.25 -14.52
CA THR A 389 22.69 -28.91 -13.98
C THR A 389 22.21 -27.90 -15.02
N GLY A 390 22.12 -26.63 -14.62
CA GLY A 390 21.89 -25.56 -15.56
C GLY A 390 20.46 -25.33 -16.02
N LEU A 391 19.52 -26.21 -15.65
CA LEU A 391 18.12 -26.00 -16.06
C LEU A 391 17.39 -25.00 -15.19
N GLY A 392 16.35 -24.38 -15.76
CA GLY A 392 15.47 -23.50 -15.02
C GLY A 392 14.55 -24.32 -14.13
N HIS A 393 14.17 -23.76 -12.99
CA HIS A 393 13.42 -24.52 -11.98
C HIS A 393 12.08 -25.04 -12.52
N ASP A 394 11.49 -24.29 -13.44
CA ASP A 394 10.16 -24.62 -13.95
C ASP A 394 10.19 -25.39 -15.27
N ALA A 395 11.39 -25.76 -15.72
CA ALA A 395 11.54 -26.47 -17.00
C ALA A 395 10.69 -27.74 -17.02
N SER A 396 9.88 -27.88 -18.06
CA SER A 396 8.85 -28.93 -18.13
C SER A 396 9.39 -30.34 -17.88
N ILE A 397 10.62 -30.60 -18.31
CA ILE A 397 11.18 -31.94 -18.18
C ILE A 397 11.49 -32.30 -16.72
N ALA A 398 11.75 -31.31 -15.88
CA ALA A 398 12.13 -31.58 -14.49
C ALA A 398 10.91 -31.82 -13.58
N HIS A 399 9.72 -31.70 -14.15
CA HIS A 399 8.49 -31.94 -13.38
C HIS A 399 7.71 -33.13 -13.93
N THR A 400 8.18 -33.66 -15.05
CA THR A 400 7.58 -34.85 -15.65
C THR A 400 7.68 -36.04 -14.70
N GLU A 401 6.54 -36.62 -14.36
CA GLU A 401 6.51 -37.84 -13.58
C GLU A 401 7.05 -38.99 -14.44
N THR A 402 8.29 -39.38 -14.18
CA THR A 402 8.88 -40.51 -14.89
C THR A 402 9.94 -41.15 -13.99
N PHE A 403 9.77 -42.43 -13.71
CA PHE A 403 10.67 -43.13 -12.78
C PHE A 403 12.01 -43.43 -13.43
N ALA A 404 12.92 -42.46 -13.34
CA ALA A 404 14.27 -42.62 -13.85
C ALA A 404 15.28 -41.96 -12.90
N PRO A 405 16.50 -42.49 -12.83
CA PRO A 405 17.47 -41.89 -11.91
C PRO A 405 18.14 -40.65 -12.53
N ILE A 406 17.38 -39.56 -12.63
CA ILE A 406 17.90 -38.28 -13.13
C ILE A 406 17.68 -37.23 -12.06
N LEU A 407 18.76 -36.65 -11.57
CA LEU A 407 18.65 -35.65 -10.52
C LEU A 407 18.88 -34.29 -11.16
N TYR A 408 17.87 -33.43 -11.10
CA TYR A 408 18.00 -32.09 -11.66
C TYR A 408 18.44 -31.10 -10.58
N VAL A 409 19.52 -30.37 -10.83
CA VAL A 409 20.08 -29.47 -9.84
C VAL A 409 19.79 -28.01 -10.18
N PHE A 410 19.43 -27.22 -9.16
CA PHE A 410 19.08 -25.82 -9.38
C PHE A 410 19.83 -24.92 -8.39
N LYS A 411 20.30 -23.77 -8.89
CA LYS A 411 20.87 -22.73 -8.04
C LYS A 411 19.79 -21.83 -7.49
N PHE A 412 20.00 -21.29 -6.29
CA PHE A 412 19.15 -20.20 -5.79
C PHE A 412 19.96 -19.22 -4.95
N LYS A 413 19.49 -17.97 -4.85
CA LYS A 413 20.17 -16.97 -4.05
C LYS A 413 19.46 -16.71 -2.72
N ASN A 414 18.14 -16.59 -2.78
CA ASN A 414 17.34 -16.21 -1.62
C ASN A 414 16.49 -17.36 -1.09
N GLU A 415 16.27 -17.37 0.21
CA GLU A 415 15.29 -18.27 0.81
C GLU A 415 13.93 -18.00 0.15
N GLU A 416 13.65 -16.73 -0.07
CA GLU A 416 12.37 -16.33 -0.65
C GLU A 416 12.12 -16.98 -2.00
N GLU A 417 13.12 -16.97 -2.87
CA GLU A 417 12.87 -17.48 -4.21
C GLU A 417 12.85 -19.01 -4.25
N VAL A 418 13.64 -19.67 -3.39
CA VAL A 418 13.65 -21.13 -3.43
C VAL A 418 12.32 -21.64 -2.87
N PHE A 419 11.80 -20.95 -1.85
CA PHE A 419 10.49 -21.32 -1.30
C PHE A 419 9.41 -21.10 -2.35
N ALA A 420 9.49 -19.97 -3.05
CA ALA A 420 8.54 -19.68 -4.12
C ALA A 420 8.56 -20.77 -5.18
N TRP A 421 9.74 -21.10 -5.69
CA TRP A 421 9.90 -22.14 -6.69
C TRP A 421 9.32 -23.49 -6.25
N ASN A 422 9.56 -23.85 -5.00
CA ASN A 422 9.08 -25.14 -4.52
C ASN A 422 7.59 -25.15 -4.22
N ASN A 423 7.02 -23.97 -4.03
CA ASN A 423 5.60 -23.86 -3.71
C ASN A 423 4.72 -23.62 -4.95
N GLU A 424 5.30 -23.71 -6.15
CA GLU A 424 4.47 -23.70 -7.35
C GLU A 424 4.42 -25.07 -8.01
N VAL A 425 5.11 -26.04 -7.39
CA VAL A 425 4.91 -27.45 -7.72
C VAL A 425 3.65 -27.94 -7.03
N LYS A 426 2.75 -28.51 -7.80
CA LYS A 426 1.52 -29.03 -7.24
C LYS A 426 1.71 -30.48 -6.80
N GLN A 427 1.13 -30.83 -5.65
CA GLN A 427 1.09 -32.20 -5.15
C GLN A 427 2.47 -32.86 -5.06
N GLY A 428 3.44 -32.13 -4.51
CA GLY A 428 4.73 -32.73 -4.21
C GLY A 428 4.54 -33.63 -3.01
N LEU A 429 5.32 -34.72 -2.95
CA LEU A 429 5.13 -35.69 -1.88
C LEU A 429 5.96 -35.35 -0.64
N SER A 430 7.23 -35.01 -0.84
CA SER A 430 8.08 -34.71 0.30
C SER A 430 9.02 -33.57 -0.04
N SER A 431 9.52 -32.94 1.02
CA SER A 431 10.45 -31.83 0.92
C SER A 431 11.48 -32.05 2.04
N SER A 432 12.76 -32.12 1.68
CA SER A 432 13.82 -32.28 2.67
C SER A 432 14.75 -31.08 2.65
N ILE A 433 14.92 -30.43 3.79
CA ILE A 433 15.78 -29.24 3.84
C ILE A 433 16.97 -29.44 4.73
N PHE A 434 18.07 -28.80 4.37
CA PHE A 434 19.27 -28.87 5.17
C PHE A 434 19.68 -27.45 5.49
N THR A 435 19.73 -27.15 6.78
CA THR A 435 19.97 -25.79 7.24
C THR A 435 20.11 -25.81 8.76
N LYS A 436 20.80 -24.83 9.30
CA LYS A 436 20.99 -24.76 10.74
C LYS A 436 20.19 -23.61 11.33
N ASP A 437 19.45 -22.92 10.47
CA ASP A 437 18.65 -21.76 10.86
C ASP A 437 17.29 -22.19 11.38
N LEU A 438 17.10 -22.06 12.69
CA LEU A 438 15.88 -22.51 13.33
C LEU A 438 14.67 -21.74 12.80
N GLY A 439 14.82 -20.43 12.63
CA GLY A 439 13.73 -19.60 12.14
C GLY A 439 13.26 -20.06 10.77
N ARG A 440 14.23 -20.40 9.91
CA ARG A 440 13.95 -20.88 8.56
C ARG A 440 13.18 -22.21 8.60
N ILE A 441 13.54 -23.06 9.54
CA ILE A 441 12.90 -24.35 9.66
C ILE A 441 11.42 -24.17 10.01
N PHE A 442 11.17 -23.34 11.01
CA PHE A 442 9.81 -23.05 11.44
C PHE A 442 8.99 -22.45 10.30
N ARG A 443 9.60 -21.57 9.51
CA ARG A 443 8.93 -21.00 8.34
C ARG A 443 8.56 -22.06 7.33
N TRP A 444 9.45 -23.01 7.12
CA TRP A 444 9.23 -24.06 6.13
C TRP A 444 8.23 -25.13 6.59
N LEU A 445 8.19 -25.38 7.90
CA LEU A 445 7.31 -26.38 8.47
C LEU A 445 5.91 -25.84 8.75
N GLY A 446 5.83 -24.50 8.86
CA GLY A 446 4.61 -23.85 9.29
C GLY A 446 3.65 -23.53 8.16
N PRO A 447 2.62 -22.73 8.45
CA PRO A 447 1.53 -22.51 7.48
C PRO A 447 2.00 -21.87 6.16
N LYS A 448 3.06 -21.06 6.18
CA LYS A 448 3.52 -20.38 4.97
C LYS A 448 4.62 -21.18 4.26
N GLY A 449 4.87 -22.39 4.74
CA GLY A 449 5.96 -23.19 4.18
C GLY A 449 5.55 -24.24 3.17
N SER A 450 6.24 -25.37 3.19
CA SER A 450 5.99 -26.45 2.23
C SER A 450 4.58 -27.00 2.40
N ASP A 451 3.96 -27.40 1.30
CA ASP A 451 2.63 -28.03 1.39
C ASP A 451 2.74 -29.55 1.38
N CYS A 452 3.97 -30.07 1.40
CA CYS A 452 4.18 -31.52 1.31
C CYS A 452 3.72 -32.26 2.55
N GLY A 453 3.26 -33.50 2.36
CA GLY A 453 2.80 -34.31 3.49
C GLY A 453 3.94 -34.89 4.31
N ILE A 454 5.13 -34.90 3.72
CA ILE A 454 6.33 -35.37 4.41
C ILE A 454 7.39 -34.29 4.36
N VAL A 455 7.87 -33.84 5.51
CA VAL A 455 8.95 -32.87 5.52
C VAL A 455 10.11 -33.33 6.39
N ASN A 456 11.30 -33.30 5.82
CA ASN A 456 12.49 -33.73 6.55
C ASN A 456 13.45 -32.57 6.77
N VAL A 457 14.05 -32.55 7.96
CA VAL A 457 15.00 -31.49 8.30
C VAL A 457 16.31 -32.14 8.71
N ASN A 458 17.35 -31.89 7.92
CA ASN A 458 18.70 -32.44 8.15
C ASN A 458 18.78 -33.96 8.32
N ILE A 459 18.00 -34.72 7.56
CA ILE A 459 18.03 -36.17 7.75
C ILE A 459 19.06 -36.86 6.86
N SER A 484 -1.64 -43.90 13.52
CA SER A 484 -2.39 -44.65 14.52
C SER A 484 -3.89 -44.38 14.41
N ASP A 485 -4.25 -43.40 13.57
CA ASP A 485 -5.65 -43.13 13.29
C ASP A 485 -5.98 -43.67 11.89
N ALA A 486 -5.02 -44.39 11.30
CA ALA A 486 -5.14 -44.88 9.93
C ALA A 486 -6.30 -45.86 9.74
N TRP A 487 -6.66 -46.58 10.80
CA TRP A 487 -7.70 -47.60 10.67
C TRP A 487 -9.07 -46.99 10.27
N LYS A 488 -9.29 -45.73 10.64
CA LYS A 488 -10.56 -45.07 10.35
C LYS A 488 -10.77 -44.86 8.86
N GLN A 489 -9.67 -44.87 8.11
CA GLN A 489 -9.75 -44.75 6.65
C GLN A 489 -10.44 -45.95 6.01
N TYR A 490 -10.45 -47.07 6.72
CA TYR A 490 -11.02 -48.31 6.19
C TYR A 490 -12.37 -48.69 6.82
N MET A 491 -12.98 -47.73 7.52
CA MET A 491 -14.23 -47.98 8.20
C MET A 491 -15.21 -46.85 8.00
N ARG A 492 -16.46 -47.07 8.42
CA ARG A 492 -17.47 -46.04 8.34
C ARG A 492 -18.00 -45.76 9.73
N ARG A 493 -18.14 -44.47 10.03
CA ARG A 493 -18.56 -43.99 11.34
C ARG A 493 -20.07 -43.78 11.39
N SER A 494 -20.69 -44.11 12.52
CA SER A 494 -22.09 -43.75 12.74
C SER A 494 -22.26 -43.19 14.13
N THR A 495 -23.11 -42.17 14.25
CA THR A 495 -23.51 -41.65 15.54
C THR A 495 -24.83 -42.32 15.92
N CYS A 496 -24.80 -43.11 16.98
CA CYS A 496 -25.98 -43.88 17.36
C CYS A 496 -26.50 -43.36 18.70
N THR A 497 -27.75 -42.91 18.67
CA THR A 497 -28.39 -42.36 19.85
C THR A 497 -29.34 -43.42 20.38
N ILE A 498 -29.20 -43.78 21.66
CA ILE A 498 -30.04 -44.82 22.24
C ILE A 498 -30.60 -44.35 23.58
N ASN A 499 -31.79 -44.82 23.92
CA ASN A 499 -32.49 -44.43 25.15
C ASN A 499 -32.16 -45.33 26.34
N TYR A 500 -31.25 -44.89 27.21
CA TYR A 500 -30.90 -45.66 28.41
C TYR A 500 -31.57 -45.10 29.64
N GLN A 508 -44.09 -36.22 40.47
CA GLN A 508 -43.60 -35.06 41.23
C GLN A 508 -42.15 -35.26 41.59
N GLY A 509 -41.37 -35.79 40.65
CA GLY A 509 -39.97 -36.04 40.88
C GLY A 509 -39.73 -37.46 41.32
N ILE A 510 -40.80 -38.16 41.71
CA ILE A 510 -40.70 -39.56 42.14
C ILE A 510 -41.03 -40.52 41.00
N LYS A 511 -40.18 -41.54 40.83
CA LYS A 511 -40.41 -42.53 39.78
C LYS A 511 -41.17 -43.74 40.32
N PHE A 512 -42.35 -43.97 39.76
CA PHE A 512 -43.16 -45.14 40.10
C PHE A 512 -43.10 -46.16 38.97
N GLN A 513 -43.53 -47.38 39.26
CA GLN A 513 -43.79 -48.44 38.27
C GLN A 513 -44.18 -49.73 38.98
N THR B 5 -45.23 -4.22 -3.42
CA THR B 5 -44.27 -3.42 -2.66
C THR B 5 -43.51 -4.28 -1.65
N LEU B 6 -42.29 -3.85 -1.35
CA LEU B 6 -41.39 -4.65 -0.52
C LEU B 6 -41.84 -4.70 0.94
N LEU B 7 -41.81 -5.90 1.52
CA LEU B 7 -42.11 -6.06 2.94
C LEU B 7 -41.21 -5.17 3.81
N ILE B 8 -39.96 -4.98 3.42
CA ILE B 8 -39.03 -4.20 4.24
C ILE B 8 -39.41 -2.72 4.29
N ASN B 9 -40.26 -2.29 3.37
CA ASN B 9 -40.75 -0.91 3.39
C ASN B 9 -42.08 -0.78 4.14
N GLN B 10 -42.61 -1.90 4.63
CA GLN B 10 -43.84 -1.88 5.41
C GLN B 10 -43.54 -1.77 6.90
N PRO B 11 -44.33 -0.96 7.62
CA PRO B 11 -44.10 -0.61 9.03
C PRO B 11 -43.88 -1.80 9.97
N GLN B 12 -44.67 -2.85 9.82
CA GLN B 12 -44.60 -3.96 10.76
C GLN B 12 -43.36 -4.83 10.56
N TYR B 13 -42.67 -4.65 9.43
CA TYR B 13 -41.46 -5.43 9.16
C TYR B 13 -40.20 -4.59 9.35
N ALA B 14 -40.35 -3.42 9.98
CA ALA B 14 -39.24 -2.50 10.23
C ALA B 14 -38.10 -3.14 11.04
N TRP B 15 -38.42 -4.19 11.78
CA TRP B 15 -37.40 -4.92 12.54
C TRP B 15 -36.29 -5.46 11.65
N LEU B 16 -36.56 -5.61 10.35
CA LEU B 16 -35.53 -6.08 9.41
C LEU B 16 -34.34 -5.13 9.42
N LYS B 17 -34.61 -3.85 9.65
CA LYS B 17 -33.56 -2.84 9.68
C LYS B 17 -32.60 -3.03 10.84
N GLU B 18 -33.01 -3.75 11.88
CA GLU B 18 -32.09 -4.03 13.00
C GLU B 18 -30.94 -4.94 12.56
N LEU B 19 -31.13 -5.62 11.43
CA LEU B 19 -30.10 -6.50 10.90
C LEU B 19 -29.25 -5.80 9.84
N GLY B 20 -29.49 -4.51 9.64
CA GLY B 20 -28.73 -3.72 8.68
C GLY B 20 -29.24 -3.85 7.25
N LEU B 21 -30.43 -4.43 7.10
CA LEU B 21 -30.99 -4.66 5.77
C LEU B 21 -31.75 -3.43 5.26
N ARG B 22 -31.73 -3.23 3.96
CA ARG B 22 -32.56 -2.18 3.37
C ARG B 22 -33.24 -2.67 2.10
N GLU B 23 -33.85 -1.74 1.37
CA GLU B 23 -34.59 -2.09 0.16
C GLU B 23 -33.69 -2.84 -0.83
N GLU B 24 -32.47 -2.35 -1.03
CA GLU B 24 -31.52 -3.05 -1.89
C GLU B 24 -30.16 -3.22 -1.21
N ASN B 25 -29.72 -4.47 -1.09
CA ASN B 25 -28.52 -4.82 -0.32
C ASN B 25 -27.34 -5.31 -1.16
N GLU B 26 -26.14 -4.95 -0.73
CA GLU B 26 -24.90 -5.46 -1.32
C GLU B 26 -24.72 -6.93 -0.96
N GLY B 27 -24.56 -7.78 -1.96
CA GLY B 27 -24.38 -9.20 -1.71
C GLY B 27 -22.94 -9.69 -1.72
N VAL B 28 -21.99 -8.78 -1.87
CA VAL B 28 -20.57 -9.13 -1.80
C VAL B 28 -19.93 -8.44 -0.60
N TYR B 29 -19.21 -9.21 0.20
CA TYR B 29 -18.40 -8.62 1.27
C TYR B 29 -17.02 -9.24 1.27
N ASN B 30 -16.00 -8.39 1.24
CA ASN B 30 -14.62 -8.86 1.28
C ASN B 30 -13.76 -7.89 2.07
N GLY B 31 -14.39 -7.18 2.99
CA GLY B 31 -13.75 -6.06 3.64
C GLY B 31 -14.42 -4.79 3.16
N SER B 32 -14.78 -4.78 1.88
CA SER B 32 -15.70 -3.79 1.34
C SER B 32 -17.01 -4.47 0.93
N TRP B 33 -18.09 -3.70 0.85
CA TRP B 33 -19.37 -4.24 0.41
C TRP B 33 -19.62 -3.85 -1.04
N GLY B 34 -20.14 -4.78 -1.84
CA GLY B 34 -20.39 -4.46 -3.23
C GLY B 34 -21.28 -5.49 -3.89
N GLY B 35 -21.24 -5.51 -5.22
CA GLY B 35 -22.04 -6.44 -5.99
C GLY B 35 -22.40 -5.86 -7.33
N ARG B 36 -21.75 -6.34 -8.39
CA ARG B 36 -22.07 -5.87 -9.74
C ARG B 36 -22.78 -6.91 -10.58
N GLY B 37 -23.22 -8.00 -9.95
CA GLY B 37 -23.93 -9.06 -10.67
C GLY B 37 -25.42 -8.84 -10.73
N GLU B 38 -26.15 -9.93 -10.91
CA GLU B 38 -27.61 -9.86 -11.04
C GLU B 38 -28.28 -9.45 -9.74
N VAL B 39 -29.27 -8.58 -9.85
CA VAL B 39 -30.10 -8.24 -8.69
C VAL B 39 -31.20 -9.26 -8.55
N ILE B 40 -31.36 -9.79 -7.36
CA ILE B 40 -32.39 -10.78 -7.10
C ILE B 40 -33.31 -10.26 -6.01
N THR B 41 -34.59 -10.55 -6.15
CA THR B 41 -35.56 -10.29 -5.09
C THR B 41 -35.82 -11.61 -4.39
N THR B 42 -35.80 -11.62 -3.06
CA THR B 42 -36.24 -12.81 -2.36
C THR B 42 -37.64 -12.60 -1.82
N TYR B 43 -38.37 -13.70 -1.73
CA TYR B 43 -39.78 -13.64 -1.41
C TYR B 43 -40.10 -14.36 -0.10
N CYS B 44 -41.09 -13.84 0.62
CA CYS B 44 -41.65 -14.53 1.78
C CYS B 44 -42.54 -15.68 1.31
N PRO B 45 -42.16 -16.92 1.60
CA PRO B 45 -42.88 -18.11 1.12
C PRO B 45 -44.26 -18.27 1.76
N ALA B 46 -44.53 -17.54 2.84
CA ALA B 46 -45.84 -17.63 3.48
C ALA B 46 -46.91 -16.82 2.74
N ASN B 47 -46.48 -15.91 1.87
CA ASN B 47 -47.45 -15.07 1.17
C ASN B 47 -47.02 -14.61 -0.23
N ASN B 48 -45.84 -15.07 -0.65
CA ASN B 48 -45.28 -14.80 -1.99
C ASN B 48 -44.94 -13.32 -2.19
N GLU B 49 -44.90 -12.56 -1.11
CA GLU B 49 -44.59 -11.14 -1.21
C GLU B 49 -43.09 -10.90 -1.25
N PRO B 50 -42.64 -9.95 -2.07
CA PRO B 50 -41.21 -9.64 -2.13
C PRO B 50 -40.74 -8.97 -0.84
N ILE B 51 -39.61 -9.41 -0.29
CA ILE B 51 -39.09 -8.84 0.94
C ILE B 51 -38.14 -7.66 0.68
N ALA B 52 -37.14 -7.90 -0.15
CA ALA B 52 -36.09 -6.92 -0.46
C ALA B 52 -35.17 -7.50 -1.52
N ARG B 53 -34.20 -6.71 -1.98
CA ARG B 53 -33.33 -7.13 -3.06
C ARG B 53 -31.88 -7.25 -2.63
N VAL B 54 -31.14 -8.09 -3.34
CA VAL B 54 -29.72 -8.30 -3.11
C VAL B 54 -28.96 -8.26 -4.43
N ARG B 55 -27.92 -7.44 -4.48
CA ARG B 55 -27.09 -7.37 -5.67
C ARG B 55 -26.01 -8.43 -5.58
N GLN B 56 -26.10 -9.46 -6.41
CA GLN B 56 -25.19 -10.61 -6.29
C GLN B 56 -23.84 -10.30 -6.91
N ALA B 57 -22.90 -11.23 -6.70
CA ALA B 57 -21.55 -11.10 -7.22
C ALA B 57 -21.51 -11.30 -8.73
N SER B 58 -20.74 -10.46 -9.44
CA SER B 58 -20.34 -10.78 -10.79
C SER B 58 -19.13 -11.69 -10.69
N VAL B 59 -18.68 -12.20 -11.83
CA VAL B 59 -17.46 -12.98 -11.87
C VAL B 59 -16.29 -12.13 -11.39
N ALA B 60 -16.26 -10.88 -11.82
CA ALA B 60 -15.19 -9.98 -11.39
C ALA B 60 -15.21 -9.79 -9.86
N ASP B 61 -16.40 -9.65 -9.28
CA ASP B 61 -16.52 -9.57 -7.80
C ASP B 61 -15.91 -10.81 -7.15
N TYR B 62 -16.25 -11.96 -7.72
CA TYR B 62 -15.78 -13.24 -7.22
C TYR B 62 -14.25 -13.28 -7.26
N GLU B 63 -13.68 -12.95 -8.42
CA GLU B 63 -12.24 -12.99 -8.57
C GLU B 63 -11.54 -12.07 -7.55
N GLU B 64 -12.07 -10.86 -7.39
CA GLU B 64 -11.51 -9.86 -6.48
C GLU B 64 -11.58 -10.31 -5.02
N THR B 65 -12.70 -10.92 -4.67
CA THR B 65 -12.93 -11.40 -3.32
C THR B 65 -11.97 -12.54 -2.99
N VAL B 66 -11.73 -13.44 -3.94
CA VAL B 66 -10.79 -14.52 -3.69
C VAL B 66 -9.40 -13.98 -3.41
N LYS B 67 -8.96 -13.00 -4.20
CA LYS B 67 -7.64 -12.39 -4.01
C LYS B 67 -7.56 -11.71 -2.64
N LYS B 68 -8.61 -10.97 -2.28
CA LYS B 68 -8.62 -10.32 -0.98
C LYS B 68 -8.65 -11.31 0.18
N ALA B 69 -9.36 -12.43 0.00
CA ALA B 69 -9.38 -13.44 1.04
C ALA B 69 -8.00 -14.07 1.18
N ARG B 70 -7.31 -14.34 0.08
CA ARG B 70 -6.00 -14.95 0.19
C ARG B 70 -4.98 -13.97 0.82
N GLU B 71 -5.17 -12.67 0.58
CA GLU B 71 -4.34 -11.67 1.26
C GLU B 71 -4.61 -11.64 2.77
N ALA B 72 -5.90 -11.67 3.13
CA ALA B 72 -6.28 -11.68 4.54
C ALA B 72 -5.71 -12.91 5.24
N TRP B 73 -5.61 -14.01 4.51
CA TRP B 73 -5.11 -15.25 5.09
C TRP B 73 -3.69 -15.11 5.63
N LYS B 74 -2.88 -14.27 4.97
CA LYS B 74 -1.50 -14.08 5.39
C LYS B 74 -1.44 -13.51 6.79
N ILE B 75 -2.38 -12.63 7.10
CA ILE B 75 -2.53 -12.09 8.45
C ILE B 75 -3.16 -13.11 9.40
N TRP B 76 -4.30 -13.65 9.01
CA TRP B 76 -5.09 -14.55 9.86
C TRP B 76 -4.35 -15.81 10.29
N ALA B 77 -3.60 -16.42 9.37
CA ALA B 77 -2.88 -17.63 9.70
C ALA B 77 -1.78 -17.42 10.74
N ASP B 78 -1.29 -16.18 10.89
CA ASP B 78 -0.26 -15.89 11.90
C ASP B 78 -0.86 -15.63 13.27
N ILE B 79 -2.19 -15.57 13.34
CA ILE B 79 -2.83 -15.35 14.63
C ILE B 79 -2.98 -16.68 15.36
N PRO B 80 -2.42 -16.78 16.59
CA PRO B 80 -2.49 -18.00 17.39
C PRO B 80 -3.90 -18.60 17.42
N ALA B 81 -4.02 -19.92 17.35
CA ALA B 81 -5.34 -20.55 17.37
C ALA B 81 -6.23 -20.13 18.57
N PRO B 82 -5.67 -20.02 19.80
CA PRO B 82 -6.58 -19.58 20.88
C PRO B 82 -7.12 -18.17 20.68
N LYS B 83 -6.34 -17.29 20.06
CA LYS B 83 -6.82 -15.95 19.74
C LYS B 83 -7.84 -15.99 18.60
N ARG B 84 -7.66 -16.89 17.64
CA ARG B 84 -8.71 -17.10 16.66
C ARG B 84 -9.99 -17.61 17.32
N GLY B 85 -9.84 -18.44 18.35
CA GLY B 85 -11.02 -18.95 19.06
C GLY B 85 -11.79 -17.82 19.73
N GLU B 86 -11.04 -16.83 20.23
CA GLU B 86 -11.63 -15.67 20.90
C GLU B 86 -12.46 -14.84 19.93
N ILE B 87 -11.97 -14.69 18.70
CA ILE B 87 -12.77 -14.03 17.68
C ILE B 87 -14.06 -14.82 17.41
N VAL B 88 -13.94 -16.14 17.31
CA VAL B 88 -15.14 -16.94 17.08
C VAL B 88 -16.10 -16.82 18.26
N ARG B 89 -15.55 -16.72 19.50
CA ARG B 89 -16.40 -16.49 20.69
C ARG B 89 -17.20 -15.21 20.53
N GLN B 90 -16.54 -14.17 20.02
CA GLN B 90 -17.19 -12.88 19.90
C GLN B 90 -18.27 -12.93 18.84
N ILE B 91 -18.04 -13.73 17.80
CA ILE B 91 -19.07 -13.94 16.79
C ILE B 91 -20.29 -14.57 17.45
N GLY B 92 -20.05 -15.58 18.28
CA GLY B 92 -21.14 -16.21 19.02
C GLY B 92 -21.93 -15.19 19.83
N ASP B 93 -21.24 -14.32 20.55
CA ASP B 93 -21.91 -13.29 21.34
C ASP B 93 -22.70 -12.30 20.46
N ALA B 94 -22.12 -11.91 19.33
CA ALA B 94 -22.79 -10.99 18.40
C ALA B 94 -24.07 -11.63 17.84
N LEU B 95 -24.02 -12.93 17.54
CA LEU B 95 -25.22 -13.63 17.10
C LEU B 95 -26.26 -13.69 18.21
N ARG B 96 -25.79 -13.99 19.42
CA ARG B 96 -26.66 -13.97 20.59
C ARG B 96 -27.44 -12.68 20.69
N GLU B 97 -26.75 -11.56 20.55
CA GLU B 97 -27.37 -10.24 20.69
C GLU B 97 -28.49 -10.03 19.68
N LYS B 98 -28.42 -10.71 18.54
CA LYS B 98 -29.42 -10.54 17.49
C LYS B 98 -30.25 -11.79 17.25
N ILE B 99 -30.29 -12.71 18.23
CA ILE B 99 -30.88 -14.02 17.97
C ILE B 99 -32.37 -13.94 17.60
N GLN B 100 -33.11 -12.99 18.20
CA GLN B 100 -34.53 -12.88 17.94
C GLN B 100 -34.84 -12.36 16.54
N VAL B 101 -34.22 -11.25 16.15
CA VAL B 101 -34.50 -10.72 14.80
C VAL B 101 -33.88 -11.60 13.73
N LEU B 102 -32.74 -12.23 14.00
CA LEU B 102 -32.14 -13.09 12.98
C LEU B 102 -32.99 -14.34 12.82
N GLY B 103 -33.45 -14.91 13.94
CA GLY B 103 -34.42 -15.99 13.90
C GLY B 103 -35.71 -15.63 13.15
N SER B 104 -36.21 -14.42 13.36
CA SER B 104 -37.41 -13.95 12.67
C SER B 104 -37.16 -13.83 11.18
N LEU B 105 -35.94 -13.45 10.80
CA LEU B 105 -35.61 -13.36 9.38
C LEU B 105 -35.57 -14.75 8.73
N VAL B 106 -35.07 -15.73 9.48
CA VAL B 106 -35.03 -17.09 8.99
C VAL B 106 -36.46 -17.58 8.72
N SER B 107 -37.38 -17.32 9.65
CA SER B 107 -38.77 -17.73 9.43
C SER B 107 -39.40 -16.95 8.28
N LEU B 108 -39.00 -15.70 8.11
CA LEU B 108 -39.61 -14.84 7.10
C LEU B 108 -39.19 -15.24 5.70
N GLU B 109 -37.88 -15.34 5.49
CA GLU B 109 -37.33 -15.58 4.16
C GLU B 109 -37.29 -17.07 3.82
N MET B 110 -36.94 -17.91 4.79
CA MET B 110 -36.80 -19.33 4.52
C MET B 110 -38.13 -20.07 4.70
N GLY B 111 -38.80 -19.84 5.83
CA GLY B 111 -40.16 -20.34 6.01
C GLY B 111 -40.38 -21.34 7.14
N LYS B 112 -39.33 -21.71 7.88
CA LYS B 112 -39.50 -22.61 9.03
C LYS B 112 -40.07 -21.84 10.20
N ILE B 113 -40.66 -22.54 11.15
CA ILE B 113 -41.36 -21.86 12.23
C ILE B 113 -40.36 -21.17 13.14
N LEU B 114 -40.86 -20.22 13.91
CA LEU B 114 -40.02 -19.27 14.63
C LEU B 114 -39.05 -19.93 15.60
N VAL B 115 -39.52 -20.91 16.36
CA VAL B 115 -38.62 -21.55 17.32
C VAL B 115 -37.49 -22.31 16.61
N GLU B 116 -37.73 -22.74 15.37
CA GLU B 116 -36.65 -23.37 14.58
C GLU B 116 -35.71 -22.34 13.94
N GLY B 117 -36.25 -21.17 13.60
CA GLY B 117 -35.42 -20.10 13.06
C GLY B 117 -34.48 -19.65 14.16
N VAL B 118 -35.07 -19.30 15.30
CA VAL B 118 -34.29 -18.95 16.49
C VAL B 118 -33.36 -20.08 16.92
N GLY B 119 -33.88 -21.30 16.93
CA GLY B 119 -33.08 -22.47 17.32
C GLY B 119 -31.91 -22.75 16.38
N GLU B 120 -32.06 -22.43 15.10
CA GLU B 120 -30.97 -22.61 14.16
C GLU B 120 -29.87 -21.58 14.44
N VAL B 121 -30.27 -20.36 14.77
CA VAL B 121 -29.29 -19.36 15.17
C VAL B 121 -28.60 -19.82 16.46
N GLN B 122 -29.37 -20.41 17.37
CA GLN B 122 -28.79 -20.92 18.62
C GLN B 122 -27.73 -21.99 18.34
N GLU B 123 -27.91 -22.76 17.29
CA GLU B 123 -26.97 -23.84 17.00
C GLU B 123 -25.63 -23.23 16.60
N TYR B 124 -25.68 -22.11 15.88
CA TYR B 124 -24.48 -21.40 15.47
C TYR B 124 -23.81 -20.86 16.74
N VAL B 125 -24.59 -20.24 17.62
CA VAL B 125 -24.05 -19.75 18.90
C VAL B 125 -23.38 -20.88 19.67
N ASP B 126 -24.05 -22.03 19.78
CA ASP B 126 -23.50 -23.19 20.47
C ASP B 126 -22.19 -23.65 19.85
N ILE B 127 -22.12 -23.61 18.52
CA ILE B 127 -20.93 -24.06 17.82
C ILE B 127 -19.77 -23.12 18.12
N CYS B 128 -20.05 -21.82 18.15
CA CYS B 128 -19.01 -20.84 18.51
C CYS B 128 -18.53 -21.09 19.95
N ASP B 129 -19.45 -21.30 20.89
CA ASP B 129 -19.08 -21.57 22.28
C ASP B 129 -18.16 -22.79 22.40
N TYR B 130 -18.48 -23.81 21.61
CA TYR B 130 -17.71 -25.04 21.51
C TYR B 130 -16.32 -24.80 20.94
N ALA B 131 -16.26 -24.03 19.87
CA ALA B 131 -15.04 -23.78 19.12
C ALA B 131 -13.97 -23.06 19.94
N VAL B 132 -14.39 -22.22 20.89
CA VAL B 132 -13.42 -21.50 21.70
C VAL B 132 -12.56 -22.47 22.46
N GLY B 133 -13.19 -23.49 23.04
CA GLY B 133 -12.48 -24.53 23.76
C GLY B 133 -11.70 -25.42 22.81
N LEU B 134 -12.30 -25.76 21.68
CA LEU B 134 -11.63 -26.59 20.70
C LEU B 134 -10.32 -25.95 20.21
N SER B 135 -10.30 -24.62 20.11
CA SER B 135 -9.14 -23.93 19.56
C SER B 135 -7.85 -24.17 20.38
N ARG B 136 -7.99 -24.58 21.64
CA ARG B 136 -6.82 -24.83 22.48
C ARG B 136 -6.29 -26.24 22.26
N MET B 137 -7.02 -27.04 21.50
CA MET B 137 -6.71 -28.46 21.35
C MET B 137 -6.15 -28.81 19.97
N ILE B 138 -5.93 -27.79 19.15
CA ILE B 138 -5.49 -27.99 17.77
C ILE B 138 -3.98 -28.26 17.74
N GLY B 139 -3.60 -29.48 17.38
CA GLY B 139 -2.19 -29.84 17.36
C GLY B 139 -1.99 -31.34 17.33
N GLY B 140 -0.76 -31.76 17.06
CA GLY B 140 -0.45 -33.17 17.03
C GLY B 140 0.74 -33.50 17.91
N PRO B 141 0.98 -34.80 18.10
CA PRO B 141 2.06 -35.27 18.97
C PRO B 141 3.46 -35.12 18.41
N ILE B 142 4.42 -34.98 19.33
CA ILE B 142 5.84 -35.19 19.06
C ILE B 142 6.20 -36.54 19.60
N LEU B 143 6.66 -37.43 18.73
CA LEU B 143 7.08 -38.76 19.18
C LEU B 143 8.57 -38.92 18.97
N PRO B 144 9.23 -39.72 19.83
CA PRO B 144 10.65 -39.99 19.63
C PRO B 144 10.82 -40.94 18.46
N SER B 145 11.88 -40.75 17.69
CA SER B 145 12.19 -41.67 16.62
C SER B 145 12.95 -42.87 17.17
N GLU B 146 13.03 -43.94 16.39
CA GLU B 146 13.92 -45.06 16.71
C GLU B 146 15.37 -44.61 16.57
N ARG B 147 15.56 -43.52 15.85
CA ARG B 147 16.86 -42.92 15.64
C ARG B 147 17.16 -41.90 16.73
N SER B 148 18.27 -42.08 17.44
CA SER B 148 18.65 -41.16 18.51
C SER B 148 18.82 -39.77 17.92
N GLY B 149 18.37 -38.75 18.63
CA GLY B 149 18.50 -37.38 18.18
C GLY B 149 17.50 -36.96 17.10
N HIS B 150 16.56 -37.83 16.78
CA HIS B 150 15.53 -37.51 15.78
C HIS B 150 14.16 -37.39 16.42
N ALA B 151 13.42 -36.36 16.03
CA ALA B 151 12.05 -36.15 16.49
C ALA B 151 11.08 -36.39 15.36
N LEU B 152 9.95 -36.99 15.69
CA LEU B 152 8.85 -37.18 14.75
C LEU B 152 7.71 -36.28 15.17
N ILE B 153 7.34 -35.36 14.31
CA ILE B 153 6.32 -34.38 14.67
C ILE B 153 5.13 -34.45 13.73
N GLU B 154 3.93 -34.61 14.29
CA GLU B 154 2.74 -34.51 13.47
C GLU B 154 2.29 -33.06 13.46
N GLN B 155 2.38 -32.44 12.29
CA GLN B 155 2.12 -31.01 12.17
C GLN B 155 0.80 -30.77 11.48
N TRP B 156 0.02 -29.84 12.01
CA TRP B 156 -1.23 -29.46 11.39
C TRP B 156 -1.19 -28.00 10.96
N ASN B 157 -1.54 -27.78 9.71
CA ASN B 157 -1.56 -26.42 9.15
C ASN B 157 -2.90 -26.12 8.49
N PRO B 158 -3.28 -24.84 8.42
CA PRO B 158 -4.54 -24.51 7.73
C PRO B 158 -4.48 -24.89 6.24
N VAL B 159 -5.62 -25.20 5.63
CA VAL B 159 -5.58 -25.52 4.19
C VAL B 159 -5.49 -24.22 3.39
N GLY B 160 -5.95 -23.12 3.96
CA GLY B 160 -5.90 -21.84 3.29
C GLY B 160 -7.28 -21.22 3.17
N LEU B 161 -7.83 -21.26 1.96
CA LEU B 161 -9.16 -20.73 1.72
C LEU B 161 -10.18 -21.86 1.66
N VAL B 162 -11.22 -21.75 2.49
CA VAL B 162 -12.27 -22.75 2.58
C VAL B 162 -13.53 -22.16 1.97
N GLY B 163 -13.94 -22.69 0.82
CA GLY B 163 -15.15 -22.23 0.16
C GLY B 163 -16.34 -22.97 0.75
N ILE B 164 -17.43 -22.25 0.98
CA ILE B 164 -18.56 -22.85 1.67
C ILE B 164 -19.84 -22.55 0.91
N ILE B 165 -20.45 -23.61 0.41
CA ILE B 165 -21.70 -23.50 -0.32
C ILE B 165 -22.80 -24.17 0.50
N THR B 166 -23.85 -23.41 0.80
CA THR B 166 -24.90 -23.91 1.67
C THR B 166 -26.25 -23.91 0.96
N ALA B 167 -27.25 -24.48 1.62
CA ALA B 167 -28.54 -24.72 1.01
C ALA B 167 -29.62 -23.87 1.70
N PHE B 168 -30.82 -23.90 1.13
CA PHE B 168 -31.91 -23.05 1.61
C PHE B 168 -32.44 -23.48 2.97
N ASN B 169 -32.35 -24.76 3.29
CA ASN B 169 -33.18 -25.28 4.39
C ASN B 169 -32.54 -25.06 5.75
N PHE B 170 -31.21 -25.01 5.79
CA PHE B 170 -30.50 -24.51 6.96
C PHE B 170 -29.54 -23.41 6.55
N PRO B 171 -30.09 -22.21 6.38
CA PRO B 171 -29.34 -21.13 5.72
C PRO B 171 -28.42 -20.37 6.66
N VAL B 172 -28.46 -20.70 7.96
CA VAL B 172 -27.53 -20.14 8.93
C VAL B 172 -26.54 -21.15 9.52
N ALA B 173 -27.03 -22.26 10.07
CA ALA B 173 -26.18 -23.12 10.91
C ALA B 173 -25.13 -23.98 10.16
N VAL B 174 -25.41 -24.34 8.91
CA VAL B 174 -24.44 -25.13 8.16
C VAL B 174 -23.22 -24.26 7.84
N TYR B 175 -23.45 -23.06 7.34
CA TYR B 175 -22.38 -22.08 7.22
C TYR B 175 -21.67 -21.91 8.57
N GLY B 176 -22.45 -21.68 9.62
CA GLY B 176 -21.89 -21.46 10.96
C GLY B 176 -20.95 -22.55 11.46
N TRP B 177 -21.33 -23.81 11.26
CA TRP B 177 -20.48 -24.91 11.67
C TRP B 177 -19.19 -24.89 10.86
N ASN B 178 -19.32 -24.73 9.55
CA ASN B 178 -18.16 -24.74 8.69
C ASN B 178 -17.25 -23.57 9.01
N ASN B 179 -17.85 -22.41 9.19
CA ASN B 179 -17.10 -21.19 9.42
C ASN B 179 -16.38 -21.18 10.78
N ALA B 180 -17.08 -21.56 11.84
CA ALA B 180 -16.48 -21.57 13.19
C ALA B 180 -15.23 -22.46 13.28
N ILE B 181 -15.34 -23.69 12.78
CA ILE B 181 -14.22 -24.63 12.83
C ILE B 181 -13.11 -24.22 11.84
N ALA B 182 -13.48 -23.86 10.61
CA ALA B 182 -12.50 -23.39 9.64
C ALA B 182 -11.70 -22.21 10.18
N MET B 183 -12.38 -21.28 10.84
CA MET B 183 -11.73 -20.10 11.42
C MET B 183 -10.74 -20.49 12.52
N ILE B 184 -11.15 -21.33 13.49
CA ILE B 184 -10.20 -21.59 14.58
C ILE B 184 -8.98 -22.35 14.01
N CYS B 185 -9.19 -23.03 12.88
CA CYS B 185 -8.11 -23.77 12.24
C CYS B 185 -7.18 -22.91 11.40
N GLY B 186 -7.43 -21.59 11.38
CA GLY B 186 -6.50 -20.71 10.69
C GLY B 186 -6.79 -20.50 9.21
N ASN B 187 -8.00 -20.86 8.79
CA ASN B 187 -8.40 -20.65 7.41
C ASN B 187 -9.21 -19.37 7.26
N VAL B 188 -9.21 -18.81 6.05
CA VAL B 188 -10.21 -17.83 5.70
C VAL B 188 -11.31 -18.55 4.95
N CYS B 189 -12.48 -17.92 4.89
CA CYS B 189 -13.66 -18.51 4.30
C CYS B 189 -14.28 -17.62 3.23
N LEU B 190 -14.91 -18.27 2.26
CA LEU B 190 -15.74 -17.62 1.26
C LEU B 190 -17.07 -18.37 1.16
N TRP B 191 -18.17 -17.62 1.34
CA TRP B 191 -19.53 -18.18 1.45
C TRP B 191 -20.37 -17.84 0.23
N LYS B 192 -20.93 -18.88 -0.39
CA LYS B 192 -21.99 -18.69 -1.36
C LYS B 192 -23.22 -19.43 -0.86
N GLY B 193 -24.27 -18.69 -0.51
CA GLY B 193 -25.47 -19.31 0.06
C GLY B 193 -26.50 -19.58 -1.02
N ALA B 194 -27.62 -20.18 -0.62
CA ALA B 194 -28.77 -20.32 -1.54
C ALA B 194 -29.26 -18.94 -1.94
N PRO B 195 -29.49 -18.72 -3.25
CA PRO B 195 -29.94 -17.39 -3.68
C PRO B 195 -31.27 -16.98 -3.06
N THR B 196 -32.16 -17.93 -2.78
CA THR B 196 -33.44 -17.60 -2.17
C THR B 196 -33.37 -17.33 -0.66
N THR B 197 -32.18 -17.48 -0.06
CA THR B 197 -31.96 -17.00 1.30
C THR B 197 -30.83 -15.96 1.37
N SER B 198 -30.75 -15.12 0.35
CA SER B 198 -29.71 -14.09 0.28
C SER B 198 -29.76 -13.09 1.45
N LEU B 199 -30.94 -12.66 1.88
CA LEU B 199 -31.00 -11.69 2.98
C LEU B 199 -30.43 -12.30 4.24
N ILE B 200 -30.68 -13.58 4.44
CA ILE B 200 -30.14 -14.28 5.59
C ILE B 200 -28.63 -14.30 5.51
N SER B 201 -28.09 -14.60 4.32
CA SER B 201 -26.63 -14.64 4.16
C SER B 201 -26.00 -13.28 4.43
N VAL B 202 -26.65 -12.23 3.90
CA VAL B 202 -26.20 -10.87 4.08
C VAL B 202 -26.23 -10.49 5.57
N ALA B 203 -27.32 -10.82 6.25
CA ALA B 203 -27.47 -10.43 7.66
C ALA B 203 -26.39 -11.08 8.54
N VAL B 204 -26.13 -12.36 8.30
CA VAL B 204 -25.15 -13.11 9.09
C VAL B 204 -23.80 -12.48 8.83
N THR B 205 -23.52 -12.17 7.57
CA THR B 205 -22.23 -11.60 7.20
C THR B 205 -22.01 -10.21 7.78
N LYS B 206 -23.09 -9.44 7.93
CA LYS B 206 -22.99 -8.13 8.56
C LYS B 206 -22.62 -8.25 10.03
N ILE B 207 -23.17 -9.26 10.70
CA ILE B 207 -22.86 -9.52 12.10
C ILE B 207 -21.37 -9.90 12.23
N ILE B 208 -20.90 -10.77 11.36
CA ILE B 208 -19.50 -11.21 11.41
C ILE B 208 -18.52 -10.08 11.00
N ALA B 209 -18.87 -9.35 9.95
CA ALA B 209 -18.07 -8.20 9.50
C ALA B 209 -17.79 -7.22 10.63
N LYS B 210 -18.82 -6.90 11.43
CA LYS B 210 -18.66 -5.96 12.54
C LYS B 210 -17.63 -6.48 13.55
N VAL B 211 -17.72 -7.76 13.93
CA VAL B 211 -16.75 -8.35 14.85
C VAL B 211 -15.32 -8.26 14.31
N LEU B 212 -15.13 -8.69 13.07
CA LEU B 212 -13.84 -8.62 12.40
C LEU B 212 -13.31 -7.19 12.38
N GLU B 213 -14.16 -6.27 11.93
CA GLU B 213 -13.77 -4.87 11.81
C GLU B 213 -13.47 -4.25 13.19
N ASP B 214 -14.30 -4.55 14.19
CA ASP B 214 -14.03 -4.04 15.56
C ASP B 214 -12.67 -4.54 16.05
N ASN B 215 -12.25 -5.72 15.60
CA ASN B 215 -10.99 -6.29 16.04
C ASN B 215 -9.82 -5.93 15.12
N LYS B 216 -10.08 -5.03 14.18
CA LYS B 216 -9.08 -4.56 13.25
C LYS B 216 -8.48 -5.71 12.45
N LEU B 217 -9.35 -6.66 12.08
CA LEU B 217 -8.97 -7.78 11.23
C LEU B 217 -9.55 -7.57 9.84
N PRO B 218 -8.82 -8.01 8.80
CA PRO B 218 -9.35 -7.85 7.43
C PRO B 218 -10.67 -8.58 7.26
N GLY B 219 -11.69 -7.91 6.72
CA GLY B 219 -13.02 -8.48 6.61
C GLY B 219 -13.11 -9.74 5.76
N ALA B 220 -12.19 -9.88 4.83
CA ALA B 220 -12.19 -11.02 3.89
C ALA B 220 -11.86 -12.37 4.53
N ILE B 221 -11.52 -12.37 5.81
CA ILE B 221 -11.41 -13.63 6.57
C ILE B 221 -12.73 -14.38 6.48
N CYS B 222 -13.83 -13.62 6.45
CA CYS B 222 -15.16 -14.21 6.29
C CYS B 222 -15.88 -13.55 5.10
N SER B 223 -15.43 -13.88 3.90
CA SER B 223 -16.00 -13.29 2.68
C SER B 223 -17.35 -13.87 2.29
N LEU B 224 -18.16 -13.04 1.65
CA LEU B 224 -19.47 -13.41 1.10
C LEU B 224 -19.53 -13.10 -0.40
N THR B 225 -19.93 -14.08 -1.20
CA THR B 225 -20.25 -13.78 -2.60
C THR B 225 -21.56 -14.44 -2.95
N CYS B 226 -22.65 -13.72 -2.70
CA CYS B 226 -23.97 -14.17 -3.10
C CYS B 226 -24.02 -14.38 -4.61
N GLY B 227 -24.62 -15.50 -5.01
CA GLY B 227 -24.79 -15.74 -6.43
C GLY B 227 -25.40 -17.10 -6.67
N GLY B 228 -25.66 -17.40 -7.93
CA GLY B 228 -26.27 -18.66 -8.31
C GLY B 228 -25.22 -19.65 -8.78
N ALA B 229 -25.58 -20.46 -9.78
CA ALA B 229 -24.77 -21.60 -10.20
C ALA B 229 -23.37 -21.25 -10.73
N ASP B 230 -23.26 -20.12 -11.43
CA ASP B 230 -21.96 -19.73 -11.98
C ASP B 230 -20.93 -19.48 -10.87
N ILE B 231 -21.38 -18.89 -9.76
CA ILE B 231 -20.47 -18.59 -8.65
C ILE B 231 -20.05 -19.91 -7.97
N GLY B 232 -21.02 -20.78 -7.74
CA GLY B 232 -20.74 -22.09 -7.17
C GLY B 232 -19.81 -22.91 -8.04
N THR B 233 -20.02 -22.85 -9.34
CA THR B 233 -19.16 -23.58 -10.27
C THR B 233 -17.74 -23.01 -10.28
N ALA B 234 -17.63 -21.70 -10.33
CA ALA B 234 -16.34 -21.03 -10.20
C ALA B 234 -15.57 -21.52 -8.95
N MET B 235 -16.26 -21.59 -7.81
CA MET B 235 -15.63 -22.10 -6.59
C MET B 235 -15.17 -23.55 -6.72
N ALA B 236 -16.03 -24.41 -7.24
CA ALA B 236 -15.69 -25.82 -7.49
C ALA B 236 -14.44 -25.98 -8.36
N LYS B 237 -14.25 -25.06 -9.30
CA LYS B 237 -13.18 -25.19 -10.30
C LYS B 237 -11.93 -24.40 -9.93
N ASP B 238 -12.01 -23.65 -8.83
CA ASP B 238 -10.96 -22.70 -8.47
C ASP B 238 -9.83 -23.36 -7.64
N GLU B 239 -8.64 -23.49 -8.22
CA GLU B 239 -7.54 -24.10 -7.48
C GLU B 239 -7.13 -23.27 -6.25
N ARG B 240 -7.56 -22.00 -6.21
CA ARG B 240 -7.31 -21.17 -5.03
C ARG B 240 -8.23 -21.53 -3.86
N VAL B 241 -9.27 -22.30 -4.13
CA VAL B 241 -10.14 -22.78 -3.06
C VAL B 241 -9.64 -24.12 -2.59
N ASN B 242 -8.90 -24.14 -1.47
CA ASN B 242 -8.21 -25.36 -1.08
C ASN B 242 -9.14 -26.43 -0.57
N LEU B 243 -10.28 -26.02 -0.03
CA LEU B 243 -11.27 -26.97 0.44
C LEU B 243 -12.66 -26.41 0.17
N LEU B 244 -13.49 -27.22 -0.47
CA LEU B 244 -14.84 -26.79 -0.77
C LEU B 244 -15.81 -27.62 0.02
N SER B 245 -16.48 -26.98 0.97
CA SER B 245 -17.54 -27.63 1.70
C SER B 245 -18.86 -27.31 1.02
N PHE B 246 -19.54 -28.35 0.54
CA PHE B 246 -20.80 -28.19 -0.16
C PHE B 246 -21.89 -28.93 0.58
N THR B 247 -23.03 -28.26 0.74
CA THR B 247 -24.24 -28.87 1.29
C THR B 247 -25.42 -28.54 0.36
N GLY B 248 -26.14 -29.57 -0.06
CA GLY B 248 -27.24 -29.33 -0.98
C GLY B 248 -27.64 -30.60 -1.71
N SER B 249 -28.24 -30.42 -2.88
CA SER B 249 -28.82 -31.51 -3.63
C SER B 249 -27.76 -32.50 -4.06
N THR B 250 -28.17 -33.76 -4.22
CA THR B 250 -27.28 -34.81 -4.65
C THR B 250 -26.73 -34.56 -6.05
N GLN B 251 -27.57 -34.03 -6.93
CA GLN B 251 -27.21 -33.85 -8.33
C GLN B 251 -26.15 -32.77 -8.50
N VAL B 252 -26.35 -31.62 -7.86
CA VAL B 252 -25.37 -30.55 -7.90
C VAL B 252 -24.10 -30.98 -7.14
N GLY B 253 -24.29 -31.62 -5.99
CA GLY B 253 -23.19 -32.09 -5.18
C GLY B 253 -22.22 -33.03 -5.90
N LYS B 254 -22.78 -33.95 -6.67
CA LYS B 254 -21.98 -34.86 -7.48
C LYS B 254 -21.07 -34.10 -8.45
N GLN B 255 -21.66 -33.14 -9.15
CA GLN B 255 -20.93 -32.32 -10.10
C GLN B 255 -19.84 -31.48 -9.40
N VAL B 256 -20.16 -30.97 -8.22
CA VAL B 256 -19.19 -30.22 -7.45
C VAL B 256 -17.99 -31.10 -7.08
N GLY B 257 -18.27 -32.26 -6.48
CA GLY B 257 -17.24 -33.22 -6.15
C GLY B 257 -16.35 -33.63 -7.32
N LEU B 258 -16.93 -33.76 -8.51
CA LEU B 258 -16.15 -34.13 -9.69
C LEU B 258 -15.22 -32.99 -10.12
N MET B 259 -15.72 -31.77 -10.06
CA MET B 259 -14.90 -30.63 -10.43
C MET B 259 -13.73 -30.47 -9.49
N VAL B 260 -13.98 -30.67 -8.19
CA VAL B 260 -12.92 -30.57 -7.21
C VAL B 260 -11.88 -31.68 -7.43
N GLN B 261 -12.33 -32.91 -7.67
CA GLN B 261 -11.44 -34.03 -7.94
C GLN B 261 -10.58 -33.81 -9.19
N GLU B 262 -11.17 -33.20 -10.21
CA GLU B 262 -10.46 -32.92 -11.46
C GLU B 262 -9.23 -32.03 -11.27
N ARG B 263 -9.27 -31.19 -10.24
CA ARG B 263 -8.16 -30.28 -9.97
C ARG B 263 -7.38 -30.72 -8.72
N PHE B 264 -7.62 -31.96 -8.28
CA PHE B 264 -7.02 -32.52 -7.05
C PHE B 264 -7.22 -31.64 -5.83
N GLY B 265 -8.41 -31.07 -5.71
CA GLY B 265 -8.74 -30.31 -4.52
C GLY B 265 -9.30 -31.19 -3.43
N ARG B 266 -9.71 -30.58 -2.32
CA ARG B 266 -10.42 -31.31 -1.29
C ARG B 266 -11.86 -30.84 -1.22
N SER B 267 -12.78 -31.76 -0.98
CA SER B 267 -14.16 -31.38 -0.75
C SER B 267 -14.73 -32.07 0.47
N LEU B 268 -15.70 -31.40 1.09
CA LEU B 268 -16.59 -31.99 2.09
C LEU B 268 -18.01 -31.88 1.56
N LEU B 269 -18.64 -33.03 1.30
CA LEU B 269 -19.98 -33.00 0.71
C LEU B 269 -21.03 -33.54 1.66
N GLU B 270 -22.06 -32.75 1.92
CA GLU B 270 -23.22 -33.22 2.66
C GLU B 270 -24.42 -33.22 1.73
N LEU B 271 -24.83 -34.39 1.23
CA LEU B 271 -25.86 -34.44 0.21
C LEU B 271 -27.16 -35.12 0.66
N GLY B 272 -28.18 -35.03 -0.21
CA GLY B 272 -29.54 -35.46 0.06
C GLY B 272 -29.82 -36.62 1.01
N GLY B 273 -30.94 -36.54 1.71
CA GLY B 273 -31.30 -37.54 2.70
C GLY B 273 -32.62 -38.23 2.46
N ASN B 274 -32.54 -39.48 2.00
CA ASN B 274 -33.71 -40.34 1.87
C ASN B 274 -33.81 -41.26 3.08
N ASN B 275 -34.20 -40.68 4.22
CA ASN B 275 -34.12 -41.35 5.52
C ASN B 275 -35.30 -42.25 5.86
N ALA B 276 -35.01 -43.35 6.57
CA ALA B 276 -36.02 -44.35 6.88
C ALA B 276 -36.31 -44.48 8.36
N ILE B 277 -37.58 -44.78 8.65
CA ILE B 277 -38.01 -45.21 9.97
C ILE B 277 -38.47 -46.63 9.83
N ILE B 278 -38.04 -47.51 10.74
CA ILE B 278 -38.48 -48.90 10.74
C ILE B 278 -39.12 -49.23 12.07
N ALA B 279 -40.41 -49.55 12.04
CA ALA B 279 -41.15 -49.94 13.23
C ALA B 279 -41.44 -51.43 13.19
N PHE B 280 -40.83 -52.16 14.13
CA PHE B 280 -41.06 -53.59 14.20
C PHE B 280 -42.33 -53.89 15.00
N GLU B 281 -42.77 -55.14 14.89
CA GLU B 281 -44.01 -55.59 15.52
C GLU B 281 -44.07 -55.27 17.02
N ASP B 282 -42.91 -55.26 17.68
CA ASP B 282 -42.86 -55.08 19.14
C ASP B 282 -42.59 -53.63 19.54
N ALA B 283 -42.65 -52.71 18.57
CA ALA B 283 -42.39 -51.30 18.83
C ALA B 283 -43.43 -50.69 19.79
N ASP B 284 -42.97 -49.70 20.55
CA ASP B 284 -43.87 -48.87 21.33
C ASP B 284 -44.54 -47.87 20.42
N LEU B 285 -45.81 -48.10 20.13
CA LEU B 285 -46.56 -47.24 19.21
C LEU B 285 -46.70 -45.84 19.77
N SER B 286 -46.65 -45.71 21.10
CA SER B 286 -46.74 -44.41 21.75
C SER B 286 -45.48 -43.60 21.47
N LEU B 287 -44.43 -44.29 21.06
CA LEU B 287 -43.18 -43.63 20.67
C LEU B 287 -43.14 -43.45 19.16
N VAL B 288 -43.50 -44.51 18.44
CA VAL B 288 -43.44 -44.54 16.99
C VAL B 288 -44.26 -43.43 16.34
N VAL B 289 -45.52 -43.30 16.76
CA VAL B 289 -46.44 -42.39 16.07
C VAL B 289 -45.99 -40.93 16.20
N PRO B 290 -45.78 -40.40 17.42
CA PRO B 290 -45.37 -38.99 17.43
C PRO B 290 -43.99 -38.76 16.81
N SER B 291 -43.08 -39.70 16.93
CA SER B 291 -41.75 -39.53 16.36
C SER B 291 -41.79 -39.48 14.83
N ALA B 292 -42.61 -40.35 14.24
CA ALA B 292 -42.76 -40.39 12.79
C ALA B 292 -43.41 -39.12 12.26
N LEU B 293 -44.35 -38.59 13.01
CA LEU B 293 -45.06 -37.38 12.61
C LEU B 293 -44.11 -36.19 12.55
N PHE B 294 -43.35 -35.98 13.62
CA PHE B 294 -42.47 -34.82 13.66
C PHE B 294 -41.28 -34.99 12.71
N ALA B 295 -40.79 -36.22 12.55
CA ALA B 295 -39.69 -36.47 11.63
C ALA B 295 -40.10 -36.26 10.16
N ALA B 296 -41.36 -36.60 9.85
CA ALA B 296 -41.90 -36.50 8.49
C ALA B 296 -42.32 -35.08 8.12
N VAL B 297 -43.01 -34.40 9.04
CA VAL B 297 -43.62 -33.13 8.66
C VAL B 297 -42.91 -31.90 9.25
N GLY B 298 -41.96 -32.13 10.15
CA GLY B 298 -41.18 -31.05 10.73
C GLY B 298 -40.48 -30.24 9.64
N THR B 299 -40.49 -28.92 9.79
CA THR B 299 -39.94 -27.99 8.79
C THR B 299 -40.53 -28.26 7.40
N ALA B 300 -41.80 -28.68 7.39
CA ALA B 300 -42.52 -29.02 6.17
C ALA B 300 -41.79 -30.07 5.33
N GLY B 301 -41.11 -30.99 5.99
CA GLY B 301 -40.43 -32.07 5.30
C GLY B 301 -39.19 -31.65 4.52
N GLN B 302 -38.60 -30.52 4.92
CA GLN B 302 -37.45 -29.99 4.18
C GLN B 302 -36.09 -30.12 4.86
N ARG B 303 -35.97 -30.96 5.87
CA ARG B 303 -34.67 -31.20 6.51
C ARG B 303 -33.88 -32.27 5.78
N CYS B 304 -32.56 -32.26 5.91
CA CYS B 304 -31.75 -33.34 5.30
C CYS B 304 -32.06 -34.63 6.05
N THR B 305 -32.58 -34.49 7.28
CA THR B 305 -32.91 -35.63 8.14
C THR B 305 -34.39 -36.06 8.08
N THR B 306 -35.18 -35.38 7.26
CA THR B 306 -36.62 -35.66 7.16
C THR B 306 -36.91 -37.13 6.83
N ALA B 307 -37.83 -37.73 7.58
CA ALA B 307 -38.27 -39.10 7.31
C ALA B 307 -39.11 -39.14 6.05
N ARG B 308 -38.69 -39.92 5.06
CA ARG B 308 -39.40 -40.02 3.80
C ARG B 308 -39.90 -41.44 3.53
N ARG B 309 -39.34 -42.42 4.24
CA ARG B 309 -39.75 -43.82 4.11
C ARG B 309 -39.99 -44.45 5.48
N LEU B 310 -41.19 -44.98 5.67
CA LEU B 310 -41.58 -45.60 6.94
C LEU B 310 -41.92 -47.07 6.71
N PHE B 311 -41.06 -47.95 7.23
CA PHE B 311 -41.31 -49.38 7.15
C PHE B 311 -42.02 -49.82 8.42
N ILE B 312 -43.20 -50.42 8.25
CA ILE B 312 -43.96 -50.90 9.40
C ILE B 312 -44.24 -52.38 9.25
N HIS B 313 -44.12 -53.14 10.33
CA HIS B 313 -44.48 -54.55 10.33
C HIS B 313 -45.96 -54.67 9.98
N GLU B 314 -46.29 -55.66 9.14
CA GLU B 314 -47.64 -55.80 8.60
C GLU B 314 -48.70 -55.90 9.70
N SER B 315 -48.30 -56.37 10.87
CA SER B 315 -49.22 -56.53 12.00
C SER B 315 -49.71 -55.20 12.54
N ILE B 316 -48.88 -54.17 12.44
CA ILE B 316 -49.22 -52.90 13.03
C ILE B 316 -49.32 -51.78 11.99
N HIS B 317 -49.08 -52.13 10.73
CA HIS B 317 -49.11 -51.17 9.62
C HIS B 317 -50.38 -50.31 9.64
N ASP B 318 -51.53 -50.96 9.68
CA ASP B 318 -52.81 -50.23 9.62
C ASP B 318 -53.08 -49.32 10.82
N GLU B 319 -52.86 -49.81 12.04
CA GLU B 319 -53.04 -48.95 13.22
C GLU B 319 -52.15 -47.72 13.19
N VAL B 320 -50.89 -47.91 12.81
CA VAL B 320 -49.94 -46.80 12.81
C VAL B 320 -50.31 -45.77 11.73
N VAL B 321 -50.73 -46.25 10.57
CA VAL B 321 -51.19 -45.35 9.51
C VAL B 321 -52.44 -44.61 9.95
N ASN B 322 -53.38 -45.32 10.56
CA ASN B 322 -54.62 -44.69 11.02
C ASN B 322 -54.36 -43.61 12.07
N ARG B 323 -53.39 -43.81 12.94
CA ARG B 323 -53.09 -42.81 13.96
C ARG B 323 -52.30 -41.63 13.38
N LEU B 324 -51.42 -41.89 12.41
CA LEU B 324 -50.71 -40.80 11.73
C LEU B 324 -51.71 -39.93 10.98
N LYS B 325 -52.64 -40.57 10.29
CA LYS B 325 -53.70 -39.87 9.57
C LYS B 325 -54.50 -38.94 10.48
N LYS B 326 -54.90 -39.43 11.65
CA LYS B 326 -55.63 -38.59 12.59
C LYS B 326 -54.73 -37.47 13.11
N ALA B 327 -53.45 -37.77 13.32
CA ALA B 327 -52.51 -36.79 13.84
C ALA B 327 -52.24 -35.67 12.84
N TYR B 328 -52.06 -36.06 11.58
CA TYR B 328 -51.82 -35.08 10.51
C TYR B 328 -52.93 -34.06 10.47
N ALA B 329 -54.16 -34.51 10.75
CA ALA B 329 -55.34 -33.66 10.72
C ALA B 329 -55.27 -32.53 11.74
N GLN B 330 -54.49 -32.72 12.79
CA GLN B 330 -54.49 -31.79 13.90
C GLN B 330 -53.29 -30.84 13.86
N ILE B 331 -52.52 -30.92 12.78
CA ILE B 331 -51.36 -30.05 12.61
C ILE B 331 -51.80 -28.59 12.41
N ARG B 332 -51.27 -27.69 13.25
CA ARG B 332 -51.65 -26.29 13.19
C ARG B 332 -50.88 -25.54 12.09
N VAL B 333 -51.63 -25.03 11.11
CA VAL B 333 -51.04 -24.40 9.93
C VAL B 333 -51.21 -22.87 9.97
N GLY B 334 -50.19 -22.14 9.51
CA GLY B 334 -50.25 -20.69 9.47
C GLY B 334 -48.91 -20.05 9.15
N ASN B 335 -48.80 -18.74 9.36
CA ASN B 335 -47.53 -18.04 9.19
C ASN B 335 -46.49 -18.61 10.14
N PRO B 336 -45.28 -18.86 9.64
CA PRO B 336 -44.28 -19.54 10.47
C PRO B 336 -43.79 -18.67 11.64
N TRP B 337 -44.04 -17.36 11.61
CA TRP B 337 -43.60 -16.48 12.71
C TRP B 337 -44.67 -16.38 13.80
N ASP B 338 -45.82 -16.96 13.51
CA ASP B 338 -46.85 -17.11 14.53
C ASP B 338 -46.44 -18.26 15.47
N PRO B 339 -46.16 -17.92 16.75
CA PRO B 339 -45.70 -18.88 17.78
C PRO B 339 -46.60 -20.11 17.92
N ASN B 340 -47.88 -19.98 17.59
CA ASN B 340 -48.82 -21.09 17.65
C ASN B 340 -48.65 -22.14 16.56
N VAL B 341 -48.00 -21.76 15.46
CA VAL B 341 -47.96 -22.57 14.25
C VAL B 341 -46.89 -23.66 14.31
N LEU B 342 -47.23 -24.84 13.82
CA LEU B 342 -46.30 -25.96 13.74
C LEU B 342 -45.84 -26.23 12.32
N TYR B 343 -46.63 -25.76 11.35
CA TYR B 343 -46.42 -26.16 9.97
C TYR B 343 -46.54 -24.96 9.03
N GLY B 344 -45.42 -24.61 8.40
CA GLY B 344 -45.38 -23.48 7.51
C GLY B 344 -45.36 -23.90 6.05
N PRO B 345 -44.97 -22.98 5.16
CA PRO B 345 -45.00 -23.24 3.72
C PRO B 345 -43.74 -23.95 3.24
N LEU B 346 -43.80 -24.54 2.04
CA LEU B 346 -42.58 -24.96 1.37
C LEU B 346 -41.82 -23.70 0.95
N HIS B 347 -40.53 -23.87 0.69
CA HIS B 347 -39.65 -22.73 0.49
C HIS B 347 -39.94 -21.96 -0.80
N THR B 348 -40.30 -22.65 -1.89
CA THR B 348 -40.58 -21.97 -3.16
C THR B 348 -41.82 -22.50 -3.89
N LYS B 349 -42.24 -21.77 -4.91
CA LYS B 349 -43.30 -22.26 -5.79
C LYS B 349 -42.83 -23.50 -6.53
N GLN B 350 -41.57 -23.51 -6.94
CA GLN B 350 -41.01 -24.68 -7.65
C GLN B 350 -41.09 -25.92 -6.78
N ALA B 351 -40.88 -25.74 -5.47
CA ALA B 351 -41.02 -26.83 -4.50
C ALA B 351 -42.42 -27.43 -4.52
N VAL B 352 -43.44 -26.57 -4.57
CA VAL B 352 -44.83 -27.00 -4.64
C VAL B 352 -45.07 -27.81 -5.92
N SER B 353 -44.50 -27.35 -7.04
CA SER B 353 -44.61 -28.09 -8.30
C SER B 353 -43.91 -29.46 -8.25
N MET B 354 -42.72 -29.51 -7.65
CA MET B 354 -42.00 -30.76 -7.44
C MET B 354 -42.83 -31.73 -6.59
N PHE B 355 -43.50 -31.17 -5.58
CA PHE B 355 -44.38 -31.91 -4.70
C PHE B 355 -45.52 -32.54 -5.49
N LEU B 356 -46.21 -31.72 -6.26
CA LEU B 356 -47.28 -32.21 -7.11
C LEU B 356 -46.79 -33.29 -8.06
N GLY B 357 -45.61 -33.10 -8.64
CA GLY B 357 -45.06 -34.08 -9.56
C GLY B 357 -44.83 -35.43 -8.90
N ALA B 358 -44.25 -35.39 -7.71
CA ALA B 358 -43.94 -36.60 -6.95
C ALA B 358 -45.21 -37.37 -6.62
N VAL B 359 -46.23 -36.64 -6.18
CA VAL B 359 -47.49 -37.27 -5.80
C VAL B 359 -48.10 -37.99 -7.01
N GLU B 360 -48.10 -37.33 -8.16
CA GLU B 360 -48.62 -37.97 -9.37
C GLU B 360 -47.80 -39.22 -9.71
N GLU B 361 -46.47 -39.10 -9.68
CA GLU B 361 -45.59 -40.22 -10.01
C GLU B 361 -45.80 -41.40 -9.06
N ALA B 362 -46.02 -41.11 -7.78
CA ALA B 362 -46.30 -42.16 -6.81
C ALA B 362 -47.58 -42.91 -7.15
N LYS B 363 -48.61 -42.17 -7.55
CA LYS B 363 -49.88 -42.79 -7.91
C LYS B 363 -49.74 -43.69 -9.12
N LYS B 364 -49.03 -43.20 -10.14
CA LYS B 364 -48.87 -43.93 -11.39
C LYS B 364 -48.03 -45.18 -11.20
N GLU B 365 -47.22 -45.19 -10.14
CA GLU B 365 -46.36 -46.33 -9.85
C GLU B 365 -47.03 -47.28 -8.85
N GLY B 366 -48.33 -47.08 -8.63
CA GLY B 366 -49.11 -48.02 -7.85
C GLY B 366 -49.53 -47.57 -6.45
N GLY B 367 -49.09 -46.37 -6.06
CA GLY B 367 -49.32 -45.89 -4.71
C GLY B 367 -50.69 -45.26 -4.46
N THR B 368 -51.13 -45.33 -3.21
CA THR B 368 -52.37 -44.71 -2.79
C THR B 368 -52.09 -43.55 -1.84
N VAL B 369 -52.67 -42.39 -2.13
CA VAL B 369 -52.58 -41.25 -1.23
C VAL B 369 -53.67 -41.34 -0.18
N VAL B 370 -53.32 -41.75 1.04
CA VAL B 370 -54.29 -41.95 2.11
C VAL B 370 -54.48 -40.69 2.95
N TYR B 371 -53.64 -39.69 2.72
CA TYR B 371 -53.81 -38.37 3.32
C TYR B 371 -52.99 -37.32 2.57
N GLY B 372 -53.61 -36.18 2.29
CA GLY B 372 -52.92 -35.08 1.66
C GLY B 372 -52.78 -35.24 0.15
N GLY B 373 -51.61 -34.87 -0.38
CA GLY B 373 -51.33 -34.99 -1.79
C GLY B 373 -51.63 -33.73 -2.58
N LYS B 374 -52.27 -32.76 -1.92
CA LYS B 374 -52.77 -31.56 -2.59
C LYS B 374 -52.19 -30.25 -2.05
N VAL B 375 -52.28 -29.20 -2.86
CA VAL B 375 -51.92 -27.85 -2.44
C VAL B 375 -53.02 -27.28 -1.53
N MET B 376 -52.63 -26.58 -0.46
CA MET B 376 -53.62 -25.93 0.40
C MET B 376 -54.13 -24.66 -0.25
N ASP B 377 -55.42 -24.38 -0.05
CA ASP B 377 -56.07 -23.23 -0.66
C ASP B 377 -55.86 -21.98 0.20
N ARG B 378 -54.66 -21.40 0.09
CA ARG B 378 -54.31 -20.24 0.89
C ARG B 378 -53.10 -19.57 0.29
N PRO B 379 -52.88 -18.29 0.62
CA PRO B 379 -51.67 -17.61 0.14
C PRO B 379 -50.39 -18.34 0.55
N GLY B 380 -49.37 -18.25 -0.29
CA GLY B 380 -48.07 -18.81 0.02
C GLY B 380 -47.90 -20.20 -0.55
N ASN B 381 -46.80 -20.85 -0.20
CA ASN B 381 -46.44 -22.14 -0.77
C ASN B 381 -46.86 -23.32 0.12
N TYR B 382 -48.15 -23.40 0.45
CA TYR B 382 -48.61 -24.43 1.39
C TYR B 382 -49.10 -25.69 0.70
N VAL B 383 -48.52 -26.83 1.06
CA VAL B 383 -49.04 -28.11 0.59
C VAL B 383 -49.46 -28.94 1.80
N GLU B 384 -50.37 -29.89 1.57
CA GLU B 384 -50.77 -30.80 2.65
C GLU B 384 -49.66 -31.79 2.93
N PRO B 385 -49.34 -32.00 4.21
CA PRO B 385 -48.43 -33.09 4.55
C PRO B 385 -49.05 -34.39 4.09
N THR B 386 -48.26 -35.24 3.44
CA THR B 386 -48.85 -36.30 2.63
C THR B 386 -48.36 -37.69 3.04
N ILE B 387 -49.27 -38.66 2.98
CA ILE B 387 -48.96 -40.05 3.29
C ILE B 387 -49.36 -40.99 2.14
N VAL B 388 -48.41 -41.79 1.68
CA VAL B 388 -48.63 -42.71 0.56
C VAL B 388 -48.34 -44.16 0.93
N THR B 389 -49.31 -45.03 0.70
CA THR B 389 -49.13 -46.46 0.97
C THR B 389 -49.12 -47.27 -0.33
N GLY B 390 -48.77 -48.55 -0.22
CA GLY B 390 -49.00 -49.48 -1.32
C GLY B 390 -47.83 -49.65 -2.29
N LEU B 391 -46.88 -48.74 -2.25
CA LEU B 391 -45.72 -48.84 -3.11
C LEU B 391 -44.79 -49.96 -2.65
N GLY B 392 -44.01 -50.49 -3.59
CA GLY B 392 -42.95 -51.41 -3.25
C GLY B 392 -41.78 -50.59 -2.76
N HIS B 393 -40.91 -51.20 -1.96
CA HIS B 393 -39.72 -50.50 -1.47
C HIS B 393 -38.83 -50.10 -2.65
N ASP B 394 -39.04 -50.80 -3.76
CA ASP B 394 -38.28 -50.60 -4.99
C ASP B 394 -38.65 -49.34 -5.77
N ALA B 395 -39.84 -48.80 -5.50
CA ALA B 395 -40.43 -47.73 -6.32
C ALA B 395 -39.49 -46.56 -6.58
N SER B 396 -39.35 -46.18 -7.85
CA SER B 396 -38.40 -45.15 -8.26
C SER B 396 -38.66 -43.81 -7.57
N ILE B 397 -39.94 -43.46 -7.44
CA ILE B 397 -40.31 -42.17 -6.85
C ILE B 397 -39.90 -42.09 -5.37
N ALA B 398 -39.93 -43.22 -4.67
CA ALA B 398 -39.60 -43.25 -3.25
C ALA B 398 -38.11 -43.04 -3.00
N HIS B 399 -37.32 -43.13 -4.07
CA HIS B 399 -35.89 -42.88 -4.01
C HIS B 399 -35.54 -41.69 -4.90
N THR B 400 -36.42 -40.69 -4.90
CA THR B 400 -36.20 -39.46 -5.64
C THR B 400 -36.04 -38.30 -4.65
N GLU B 401 -34.98 -37.52 -4.82
CA GLU B 401 -34.71 -36.39 -3.94
C GLU B 401 -35.79 -35.33 -4.08
N THR B 402 -36.70 -35.28 -3.11
CA THR B 402 -37.76 -34.28 -3.08
C THR B 402 -37.92 -33.72 -1.67
N PHE B 403 -37.55 -32.47 -1.47
CA PHE B 403 -37.77 -31.81 -0.19
C PHE B 403 -39.21 -31.39 -0.06
N ALA B 404 -40.06 -32.38 0.19
CA ALA B 404 -41.49 -32.16 0.37
C ALA B 404 -41.98 -33.14 1.42
N PRO B 405 -43.06 -32.77 2.11
CA PRO B 405 -43.62 -33.67 3.12
C PRO B 405 -44.42 -34.80 2.49
N ILE B 406 -43.72 -35.79 1.95
CA ILE B 406 -44.36 -36.99 1.45
C ILE B 406 -43.74 -38.21 2.14
N LEU B 407 -44.58 -38.96 2.84
CA LEU B 407 -44.12 -40.13 3.56
C LEU B 407 -44.58 -41.40 2.86
N TYR B 408 -43.63 -42.17 2.37
CA TYR B 408 -43.94 -43.42 1.69
C TYR B 408 -43.89 -44.54 2.70
N VAL B 409 -45.00 -45.25 2.86
CA VAL B 409 -45.14 -46.29 3.86
C VAL B 409 -45.08 -47.67 3.22
N PHE B 410 -44.30 -48.57 3.84
CA PHE B 410 -44.09 -49.91 3.33
C PHE B 410 -44.38 -50.97 4.40
N LYS B 411 -45.01 -52.06 3.99
CA LYS B 411 -45.21 -53.20 4.88
C LYS B 411 -44.01 -54.13 4.82
N PHE B 412 -43.71 -54.80 5.93
CA PHE B 412 -42.79 -55.94 5.89
C PHE B 412 -43.26 -57.03 6.82
N LYS B 413 -42.80 -58.25 6.56
CA LYS B 413 -43.23 -59.42 7.30
C LYS B 413 -42.17 -59.87 8.31
N ASN B 414 -40.90 -59.58 8.04
CA ASN B 414 -39.85 -60.03 8.93
C ASN B 414 -38.62 -59.14 8.91
N GLU B 415 -37.75 -59.35 9.89
CA GLU B 415 -36.52 -58.58 9.99
C GLU B 415 -35.70 -58.74 8.71
N GLU B 416 -35.64 -59.97 8.20
CA GLU B 416 -34.81 -60.32 7.05
C GLU B 416 -35.02 -59.39 5.87
N GLU B 417 -36.25 -59.32 5.36
CA GLU B 417 -36.50 -58.55 4.16
C GLU B 417 -36.34 -57.06 4.37
N VAL B 418 -36.72 -56.55 5.55
CA VAL B 418 -36.72 -55.10 5.76
C VAL B 418 -35.29 -54.59 5.94
N PHE B 419 -34.43 -55.42 6.50
CA PHE B 419 -33.01 -55.05 6.57
C PHE B 419 -32.41 -55.02 5.17
N ALA B 420 -32.77 -56.03 4.39
CA ALA B 420 -32.28 -56.15 3.01
C ALA B 420 -32.68 -54.95 2.16
N TRP B 421 -33.96 -54.58 2.25
CA TRP B 421 -34.49 -53.45 1.48
C TRP B 421 -33.72 -52.17 1.79
N ASN B 422 -33.46 -51.94 3.08
CA ASN B 422 -32.77 -50.71 3.46
C ASN B 422 -31.30 -50.72 3.04
N ASN B 423 -30.68 -51.90 3.02
CA ASN B 423 -29.29 -52.01 2.60
C ASN B 423 -29.14 -51.70 1.11
N GLU B 424 -30.24 -51.80 0.37
CA GLU B 424 -30.24 -51.45 -1.05
C GLU B 424 -30.04 -49.95 -1.27
N VAL B 425 -30.38 -49.14 -0.27
CA VAL B 425 -30.21 -47.69 -0.37
C VAL B 425 -28.80 -47.26 0.03
N LYS B 426 -28.24 -46.31 -0.72
CA LYS B 426 -26.95 -45.72 -0.35
C LYS B 426 -27.05 -44.21 -0.32
N LEU B 429 -28.87 -41.10 4.89
CA LEU B 429 -28.26 -40.20 5.86
C LEU B 429 -28.54 -40.64 7.30
N SER B 430 -29.80 -40.89 7.62
CA SER B 430 -30.13 -41.36 8.97
C SER B 430 -31.14 -42.51 8.95
N SER B 431 -31.01 -43.42 9.91
CA SER B 431 -31.96 -44.50 10.09
C SER B 431 -32.49 -44.46 11.52
N SER B 432 -33.77 -44.69 11.69
CA SER B 432 -34.34 -44.73 13.03
C SER B 432 -35.15 -45.99 13.20
N ILE B 433 -34.81 -46.80 14.19
CA ILE B 433 -35.58 -48.01 14.41
C ILE B 433 -36.33 -48.01 15.73
N PHE B 434 -37.45 -48.70 15.73
CA PHE B 434 -38.27 -48.86 16.93
C PHE B 434 -38.56 -50.34 17.18
N THR B 435 -38.03 -50.84 18.28
CA THR B 435 -38.17 -52.24 18.65
C THR B 435 -37.67 -52.46 20.07
N LYS B 436 -38.10 -53.54 20.70
CA LYS B 436 -37.64 -53.88 22.04
C LYS B 436 -36.64 -55.05 22.00
N ASP B 437 -36.38 -55.58 20.80
CA ASP B 437 -35.51 -56.74 20.64
C ASP B 437 -34.04 -56.30 20.59
N LEU B 438 -33.33 -56.57 21.68
CA LEU B 438 -31.96 -56.09 21.82
C LEU B 438 -31.03 -56.69 20.76
N GLY B 439 -31.18 -57.98 20.48
CA GLY B 439 -30.37 -58.63 19.48
C GLY B 439 -30.58 -57.98 18.12
N ARG B 440 -31.83 -57.62 17.85
CA ARG B 440 -32.19 -56.91 16.64
C ARG B 440 -31.50 -55.56 16.58
N ILE B 441 -31.51 -54.85 17.69
CA ILE B 441 -30.84 -53.54 17.74
C ILE B 441 -29.34 -53.68 17.44
N PHE B 442 -28.69 -54.66 18.06
CA PHE B 442 -27.26 -54.88 17.85
C PHE B 442 -26.92 -55.24 16.41
N ARG B 443 -27.74 -56.07 15.77
CA ARG B 443 -27.58 -56.38 14.35
C ARG B 443 -27.70 -55.13 13.47
N TRP B 444 -28.67 -54.28 13.76
CA TRP B 444 -28.88 -53.09 12.96
C TRP B 444 -27.79 -52.04 13.16
N LEU B 445 -27.18 -52.01 14.35
CA LEU B 445 -26.13 -51.03 14.64
C LEU B 445 -24.77 -51.52 14.15
N GLY B 446 -24.66 -52.84 14.01
CA GLY B 446 -23.42 -53.51 13.68
C GLY B 446 -23.15 -53.54 12.18
N PRO B 447 -22.16 -54.34 11.77
CA PRO B 447 -21.73 -54.32 10.37
C PRO B 447 -22.84 -54.68 9.40
N LYS B 448 -23.77 -55.54 9.81
CA LYS B 448 -24.80 -56.03 8.90
C LYS B 448 -25.99 -55.08 8.76
N GLY B 449 -25.98 -54.01 9.55
CA GLY B 449 -27.12 -53.11 9.57
C GLY B 449 -27.00 -51.94 8.63
N SER B 450 -27.75 -50.87 8.94
CA SER B 450 -27.74 -49.63 8.18
C SER B 450 -26.33 -49.09 7.91
N ASP B 451 -26.12 -48.50 6.75
CA ASP B 451 -24.88 -47.81 6.47
C ASP B 451 -25.00 -46.30 6.73
N CYS B 452 -26.11 -45.89 7.36
CA CYS B 452 -26.32 -44.47 7.62
C CYS B 452 -25.31 -43.90 8.64
N GLY B 453 -24.99 -42.63 8.49
CA GLY B 453 -24.08 -41.94 9.41
C GLY B 453 -24.75 -41.64 10.74
N ILE B 454 -26.07 -41.67 10.73
CA ILE B 454 -26.88 -41.38 11.92
C ILE B 454 -27.86 -42.51 12.17
N VAL B 455 -27.79 -43.12 13.34
CA VAL B 455 -28.74 -44.18 13.65
C VAL B 455 -29.41 -43.96 15.00
N ASN B 456 -30.74 -43.95 15.01
CA ASN B 456 -31.49 -43.72 16.23
C ASN B 456 -32.23 -44.99 16.66
N VAL B 457 -32.27 -45.22 17.97
CA VAL B 457 -32.93 -46.39 18.50
C VAL B 457 -33.97 -45.99 19.55
N ASN B 458 -35.25 -46.20 19.22
CA ASN B 458 -36.35 -45.85 20.11
C ASN B 458 -36.28 -44.41 20.61
N ILE B 459 -36.00 -43.47 19.71
CA ILE B 459 -35.84 -42.09 20.13
C ILE B 459 -37.13 -41.29 19.95
N PRO B 460 -37.72 -40.84 21.07
CA PRO B 460 -38.90 -39.97 21.03
C PRO B 460 -38.57 -38.57 20.54
N THR B 461 -39.57 -37.83 20.08
CA THR B 461 -39.38 -36.42 19.71
C THR B 461 -39.54 -35.52 20.94
N ALA B 469 -34.96 -26.37 19.07
CA ALA B 469 -33.71 -27.08 19.32
C ALA B 469 -33.38 -28.07 18.20
N PHE B 470 -32.13 -28.03 17.73
CA PHE B 470 -31.66 -28.99 16.73
C PHE B 470 -30.54 -29.86 17.29
N GLY B 471 -30.59 -31.15 17.01
CA GLY B 471 -29.61 -32.10 17.53
C GLY B 471 -28.29 -32.06 16.79
N GLY B 472 -27.56 -30.95 16.93
CA GLY B 472 -26.28 -30.77 16.27
C GLY B 472 -25.25 -31.78 16.72
N GLU B 473 -25.44 -32.33 17.91
CA GLU B 473 -24.51 -33.29 18.49
C GLU B 473 -24.44 -34.59 17.67
N LYS B 474 -25.48 -34.85 16.86
CA LYS B 474 -25.54 -36.06 16.04
C LYS B 474 -24.91 -35.85 14.66
N HIS B 475 -24.34 -34.68 14.41
CA HIS B 475 -23.75 -34.38 13.10
C HIS B 475 -22.28 -33.94 13.21
N THR B 476 -21.62 -34.31 14.31
CA THR B 476 -20.23 -33.89 14.52
C THR B 476 -19.26 -34.60 13.57
N GLU B 481 -13.82 -38.64 11.11
CA GLU B 481 -12.99 -38.43 12.30
C GLU B 481 -13.69 -38.91 13.57
N SER B 482 -12.91 -39.13 14.62
CA SER B 482 -13.42 -39.63 15.89
C SER B 482 -13.54 -38.52 16.94
N GLY B 483 -14.65 -38.51 17.68
CA GLY B 483 -14.88 -37.54 18.74
C GLY B 483 -14.75 -36.10 18.31
N SER B 484 -13.79 -35.40 18.92
CA SER B 484 -13.62 -33.97 18.66
C SER B 484 -12.62 -33.67 17.54
N ASP B 485 -12.33 -34.67 16.70
CA ASP B 485 -11.28 -34.50 15.70
C ASP B 485 -11.78 -33.88 14.39
N ALA B 486 -12.99 -33.36 14.38
CA ALA B 486 -13.56 -32.77 13.15
C ALA B 486 -12.71 -31.61 12.61
N TRP B 487 -11.96 -30.94 13.47
CA TRP B 487 -11.09 -29.84 13.04
C TRP B 487 -10.02 -30.29 12.06
N LYS B 488 -9.65 -31.57 12.13
CA LYS B 488 -8.65 -32.11 11.21
C LYS B 488 -9.11 -32.05 9.76
N GLN B 489 -10.43 -32.03 9.54
CA GLN B 489 -10.99 -31.95 8.19
C GLN B 489 -10.73 -30.58 7.55
N TYR B 490 -10.36 -29.59 8.35
CA TYR B 490 -10.11 -28.24 7.82
C TYR B 490 -8.61 -27.89 7.88
N MET B 491 -7.77 -28.89 8.05
CA MET B 491 -6.33 -28.67 8.09
C MET B 491 -5.61 -29.72 7.28
N ARG B 492 -4.32 -29.50 7.06
CA ARG B 492 -3.52 -30.50 6.38
C ARG B 492 -2.42 -30.97 7.31
N ARG B 493 -2.25 -32.28 7.35
CA ARG B 493 -1.30 -32.96 8.19
C ARG B 493 0.02 -33.13 7.46
N SER B 494 1.12 -32.93 8.17
CA SER B 494 2.39 -33.34 7.63
C SER B 494 3.16 -34.09 8.70
N THR B 495 3.99 -35.04 8.27
CA THR B 495 4.89 -35.73 9.17
C THR B 495 6.26 -35.11 9.02
N CYS B 496 6.75 -34.48 10.08
CA CYS B 496 8.01 -33.76 10.03
C CYS B 496 9.05 -34.51 10.84
N THR B 497 10.14 -34.86 10.18
CA THR B 497 11.21 -35.57 10.85
C THR B 497 12.37 -34.62 11.00
N ILE B 498 12.76 -34.37 12.25
CA ILE B 498 13.80 -33.41 12.58
C ILE B 498 15.03 -34.09 13.15
N ASN B 499 16.19 -33.80 12.58
CA ASN B 499 17.43 -34.32 13.12
C ASN B 499 18.12 -33.26 13.98
N TYR B 500 17.89 -33.31 15.29
CA TYR B 500 18.51 -32.36 16.20
C TYR B 500 19.75 -33.00 16.85
N SER B 501 20.46 -33.81 16.06
CA SER B 501 21.68 -34.46 16.52
C SER B 501 22.84 -34.15 15.57
N THR C 5 -23.33 5.61 -9.97
CA THR C 5 -23.99 6.65 -9.19
C THR C 5 -23.08 7.08 -8.02
N LEU C 6 -23.38 8.27 -7.49
CA LEU C 6 -22.47 8.94 -6.57
C LEU C 6 -22.34 8.18 -5.25
N LEU C 7 -21.10 8.03 -4.76
CA LEU C 7 -20.87 7.39 -3.47
C LEU C 7 -21.61 8.11 -2.34
N ILE C 8 -21.74 9.43 -2.43
CA ILE C 8 -22.38 10.18 -1.35
C ILE C 8 -23.88 9.88 -1.26
N ASN C 9 -24.42 9.20 -2.26
CA ASN C 9 -25.83 8.82 -2.26
C ASN C 9 -25.98 7.38 -1.81
N GLN C 10 -24.92 6.83 -1.24
CA GLN C 10 -24.91 5.46 -0.73
C GLN C 10 -24.80 5.45 0.79
N PRO C 11 -25.44 4.47 1.44
CA PRO C 11 -25.44 4.33 2.90
C PRO C 11 -24.05 4.13 3.50
N GLN C 12 -23.18 3.39 2.82
CA GLN C 12 -21.84 3.13 3.37
C GLN C 12 -20.97 4.40 3.41
N TYR C 13 -21.50 5.51 2.92
CA TYR C 13 -20.77 6.79 2.90
C TYR C 13 -21.62 7.97 3.37
N ALA C 14 -22.67 7.69 4.16
CA ALA C 14 -23.53 8.74 4.69
C ALA C 14 -22.77 9.73 5.58
N TRP C 15 -21.62 9.30 6.07
CA TRP C 15 -20.82 10.13 6.97
C TRP C 15 -20.27 11.39 6.28
N LEU C 16 -20.22 11.37 4.94
CA LEU C 16 -19.83 12.54 4.16
C LEU C 16 -20.73 13.73 4.47
N LYS C 17 -21.97 13.44 4.85
CA LYS C 17 -22.93 14.49 5.13
C LYS C 17 -22.57 15.22 6.42
N GLU C 18 -21.76 14.59 7.27
CA GLU C 18 -21.31 15.24 8.50
C GLU C 18 -20.46 16.47 8.16
N LEU C 19 -19.84 16.44 6.99
CA LEU C 19 -18.96 17.54 6.57
C LEU C 19 -19.75 18.60 5.80
N GLY C 20 -21.07 18.46 5.76
CA GLY C 20 -21.92 19.42 5.08
C GLY C 20 -21.98 19.22 3.57
N LEU C 21 -21.43 18.12 3.10
CA LEU C 21 -21.41 17.82 1.65
C LEU C 21 -22.75 17.26 1.19
N ARG C 22 -23.09 17.52 -0.08
CA ARG C 22 -24.27 16.96 -0.72
C ARG C 22 -23.88 16.43 -2.10
N GLU C 23 -24.86 15.90 -2.83
CA GLU C 23 -24.64 15.42 -4.20
C GLU C 23 -23.96 16.48 -5.05
N GLU C 24 -24.46 17.71 -5.00
CA GLU C 24 -23.79 18.81 -5.68
C GLU C 24 -23.48 19.94 -4.69
N ASN C 25 -22.24 20.39 -4.69
CA ASN C 25 -21.75 21.36 -3.70
C ASN C 25 -21.30 22.68 -4.32
N GLU C 26 -21.58 23.77 -3.63
CA GLU C 26 -21.09 25.07 -4.04
C GLU C 26 -19.59 25.12 -3.80
N GLY C 27 -18.83 25.51 -4.81
CA GLY C 27 -17.39 25.57 -4.66
C GLY C 27 -16.83 26.98 -4.56
N VAL C 28 -17.71 27.97 -4.38
CA VAL C 28 -17.27 29.35 -4.11
C VAL C 28 -17.78 29.79 -2.75
N TYR C 29 -16.88 30.31 -1.91
CA TYR C 29 -17.29 30.92 -0.64
C TYR C 29 -16.61 32.26 -0.43
N ASN C 30 -17.42 33.27 -0.15
CA ASN C 30 -16.89 34.61 0.07
C ASN C 30 -17.76 35.35 1.09
N GLY C 31 -18.31 34.57 2.03
CA GLY C 31 -19.35 35.05 2.93
C GLY C 31 -20.68 34.44 2.50
N SER C 32 -20.80 34.23 1.19
CA SER C 32 -21.94 33.55 0.58
C SER C 32 -21.43 32.33 -0.16
N TRP C 33 -22.26 31.31 -0.32
CA TRP C 33 -21.87 30.14 -1.10
C TRP C 33 -22.46 30.21 -2.50
N GLY C 34 -21.65 29.85 -3.49
CA GLY C 34 -22.08 29.94 -4.88
C GLY C 34 -21.18 29.12 -5.79
N GLY C 35 -21.16 29.50 -7.06
CA GLY C 35 -20.42 28.77 -8.07
C GLY C 35 -21.27 28.72 -9.32
N ARG C 36 -20.93 29.54 -10.30
CA ARG C 36 -21.64 29.53 -11.58
C ARG C 36 -20.72 29.12 -12.72
N GLY C 37 -19.56 28.57 -12.39
CA GLY C 37 -18.64 28.06 -13.41
C GLY C 37 -18.94 26.61 -13.72
N GLU C 38 -17.91 25.88 -14.15
CA GLU C 38 -18.13 24.51 -14.61
C GLU C 38 -18.29 23.55 -13.43
N VAL C 39 -19.17 22.56 -13.59
CA VAL C 39 -19.35 21.53 -12.57
C VAL C 39 -18.23 20.51 -12.71
N ILE C 40 -17.71 20.00 -11.61
CA ILE C 40 -16.74 18.91 -11.68
C ILE C 40 -17.12 17.78 -10.74
N THR C 41 -17.00 16.56 -11.25
CA THR C 41 -17.15 15.35 -10.44
C THR C 41 -15.78 14.89 -9.95
N THR C 42 -15.66 14.56 -8.67
CA THR C 42 -14.40 14.00 -8.22
C THR C 42 -14.61 12.51 -7.93
N TYR C 43 -13.52 11.75 -7.98
CA TYR C 43 -13.58 10.30 -7.97
C TYR C 43 -12.71 9.68 -6.89
N CYS C 44 -13.17 8.57 -6.34
CA CYS C 44 -12.40 7.83 -5.33
C CYS C 44 -11.39 6.91 -6.00
N PRO C 45 -10.08 7.19 -5.81
CA PRO C 45 -9.02 6.44 -6.49
C PRO C 45 -8.90 4.99 -6.05
N ALA C 46 -9.57 4.61 -4.96
CA ALA C 46 -9.54 3.23 -4.49
C ALA C 46 -10.47 2.32 -5.32
N ASN C 47 -11.44 2.92 -6.00
CA ASN C 47 -12.40 2.14 -6.78
C ASN C 47 -12.93 2.85 -8.03
N ASN C 48 -12.31 3.98 -8.37
CA ASN C 48 -12.70 4.80 -9.53
C ASN C 48 -14.19 5.17 -9.59
N GLU C 49 -14.86 5.21 -8.44
CA GLU C 49 -16.27 5.61 -8.41
C GLU C 49 -16.42 7.11 -8.15
N PRO C 50 -17.44 7.73 -8.75
CA PRO C 50 -17.69 9.16 -8.51
C PRO C 50 -18.20 9.37 -7.09
N ILE C 51 -17.68 10.38 -6.41
CA ILE C 51 -18.06 10.66 -5.03
C ILE C 51 -19.22 11.64 -4.97
N ALA C 52 -19.07 12.77 -5.64
CA ALA C 52 -20.00 13.89 -5.57
C ALA C 52 -19.51 15.00 -6.50
N ARG C 53 -20.28 16.06 -6.64
CA ARG C 53 -19.98 17.12 -7.60
C ARG C 53 -19.78 18.48 -6.94
N VAL C 54 -18.94 19.29 -7.56
CA VAL C 54 -18.68 20.65 -7.07
C VAL C 54 -18.85 21.64 -8.21
N ARG C 55 -19.60 22.70 -7.98
CA ARG C 55 -19.74 23.73 -9.01
C ARG C 55 -18.69 24.80 -8.77
N GLN C 56 -17.77 24.89 -9.72
CA GLN C 56 -16.60 25.74 -9.58
C GLN C 56 -16.90 27.19 -9.88
N ALA C 57 -15.93 28.04 -9.56
CA ALA C 57 -16.00 29.47 -9.82
C ALA C 57 -15.89 29.79 -11.30
N SER C 58 -16.71 30.73 -11.76
CA SER C 58 -16.49 31.36 -13.07
C SER C 58 -15.55 32.52 -12.82
N VAL C 59 -15.07 33.18 -13.88
CA VAL C 59 -14.18 34.34 -13.70
C VAL C 59 -14.93 35.43 -12.96
N ALA C 60 -16.22 35.56 -13.26
CA ALA C 60 -17.08 36.47 -12.53
C ALA C 60 -17.13 36.18 -11.03
N ASP C 61 -17.28 34.91 -10.66
CA ASP C 61 -17.24 34.50 -9.26
C ASP C 61 -15.92 34.91 -8.61
N TYR C 62 -14.85 34.70 -9.37
CA TYR C 62 -13.52 35.08 -8.90
C TYR C 62 -13.44 36.58 -8.63
N GLU C 63 -13.87 37.39 -9.60
CA GLU C 63 -13.83 38.84 -9.49
C GLU C 63 -14.62 39.34 -8.30
N GLU C 64 -15.81 38.78 -8.12
CA GLU C 64 -16.67 39.15 -7.01
C GLU C 64 -16.04 38.73 -5.67
N THR C 65 -15.36 37.60 -5.66
CA THR C 65 -14.79 37.09 -4.42
C THR C 65 -13.60 37.94 -3.98
N VAL C 66 -12.76 38.34 -4.93
CA VAL C 66 -11.64 39.23 -4.60
C VAL C 66 -12.15 40.55 -4.06
N LYS C 67 -13.19 41.10 -4.69
CA LYS C 67 -13.79 42.33 -4.23
C LYS C 67 -14.27 42.19 -2.80
N LYS C 68 -14.99 41.12 -2.49
CA LYS C 68 -15.50 40.94 -1.13
C LYS C 68 -14.38 40.65 -0.14
N ALA C 69 -13.33 39.96 -0.57
CA ALA C 69 -12.22 39.69 0.35
C ALA C 69 -11.50 40.99 0.71
N ARG C 70 -11.31 41.89 -0.25
CA ARG C 70 -10.63 43.15 0.00
C ARG C 70 -11.48 44.07 0.88
N GLU C 71 -12.81 43.98 0.75
CA GLU C 71 -13.67 44.68 1.71
C GLU C 71 -13.53 44.07 3.10
N ALA C 72 -13.51 42.75 3.19
CA ALA C 72 -13.37 42.06 4.48
C ALA C 72 -12.06 42.42 5.18
N TRP C 73 -11.01 42.66 4.40
CA TRP C 73 -9.70 42.98 4.96
C TRP C 73 -9.74 44.26 5.77
N LYS C 74 -10.56 45.21 5.33
CA LYS C 74 -10.71 46.49 6.01
C LYS C 74 -11.09 46.29 7.49
N ILE C 75 -11.91 45.28 7.74
CA ILE C 75 -12.32 44.95 9.10
C ILE C 75 -11.28 44.09 9.79
N TRP C 76 -10.75 43.12 9.06
CA TRP C 76 -9.88 42.10 9.63
C TRP C 76 -8.53 42.71 10.06
N ALA C 77 -7.97 43.57 9.22
CA ALA C 77 -6.67 44.17 9.51
C ALA C 77 -6.74 45.07 10.74
N ASP C 78 -7.94 45.47 11.13
CA ASP C 78 -8.11 46.28 12.36
C ASP C 78 -8.14 45.46 13.65
N ILE C 79 -8.19 44.15 13.54
CA ILE C 79 -8.26 43.29 14.71
C ILE C 79 -6.84 42.96 15.15
N PRO C 80 -6.51 43.21 16.44
CA PRO C 80 -5.18 42.93 16.98
C PRO C 80 -4.74 41.50 16.74
N ALA C 81 -3.46 41.31 16.38
CA ALA C 81 -2.93 39.98 16.07
C ALA C 81 -3.27 38.90 17.12
N PRO C 82 -3.15 39.21 18.43
CA PRO C 82 -3.53 38.14 19.36
C PRO C 82 -5.00 37.77 19.28
N LYS C 83 -5.88 38.71 18.97
CA LYS C 83 -7.27 38.35 18.76
C LYS C 83 -7.42 37.54 17.47
N ARG C 84 -6.60 37.85 16.48
CA ARG C 84 -6.63 37.09 15.23
C ARG C 84 -6.17 35.66 15.53
N GLY C 85 -5.16 35.53 16.39
CA GLY C 85 -4.67 34.22 16.81
C GLY C 85 -5.75 33.38 17.44
N GLU C 86 -6.58 34.02 18.26
CA GLU C 86 -7.70 33.34 18.89
C GLU C 86 -8.69 32.79 17.86
N ILE C 87 -8.93 33.51 16.77
CA ILE C 87 -9.80 32.98 15.72
C ILE C 87 -9.16 31.73 15.15
N VAL C 88 -7.86 31.79 14.90
CA VAL C 88 -7.13 30.64 14.37
C VAL C 88 -7.15 29.46 15.35
N ARG C 89 -7.05 29.74 16.65
CA ARG C 89 -7.20 28.68 17.66
C ARG C 89 -8.53 27.95 17.53
N GLN C 90 -9.59 28.73 17.30
CA GLN C 90 -10.93 28.18 17.18
C GLN C 90 -11.09 27.37 15.90
N ILE C 91 -10.33 27.73 14.87
CA ILE C 91 -10.30 26.92 13.66
C ILE C 91 -9.69 25.56 13.99
N GLY C 92 -8.61 25.56 14.78
CA GLY C 92 -8.01 24.33 15.25
C GLY C 92 -8.99 23.45 16.01
N ASP C 93 -9.75 24.06 16.94
CA ASP C 93 -10.79 23.33 17.66
C ASP C 93 -11.83 22.73 16.71
N ALA C 94 -12.21 23.48 15.69
CA ALA C 94 -13.29 23.02 14.82
C ALA C 94 -12.78 21.91 13.91
N LEU C 95 -11.54 22.01 13.46
CA LEU C 95 -10.88 20.88 12.79
C LEU C 95 -10.82 19.63 13.66
N ARG C 96 -10.41 19.84 14.91
CA ARG C 96 -10.34 18.78 15.91
C ARG C 96 -11.67 18.04 16.03
N GLU C 97 -12.76 18.79 16.07
CA GLU C 97 -14.07 18.20 16.32
C GLU C 97 -14.49 17.30 15.18
N LYS C 98 -13.96 17.53 13.98
CA LYS C 98 -14.34 16.74 12.82
C LYS C 98 -13.17 15.94 12.27
N ILE C 99 -12.15 15.71 13.09
CA ILE C 99 -10.91 15.14 12.57
C ILE C 99 -11.12 13.77 11.89
N GLN C 100 -11.99 12.93 12.45
CA GLN C 100 -12.22 11.60 11.91
C GLN C 100 -12.88 11.60 10.55
N VAL C 101 -13.97 12.36 10.38
CA VAL C 101 -14.64 12.37 9.08
C VAL C 101 -13.88 13.20 8.03
N LEU C 102 -13.23 14.29 8.44
CA LEU C 102 -12.40 15.06 7.51
C LEU C 102 -11.23 14.22 7.05
N GLY C 103 -10.55 13.58 8.00
CA GLY C 103 -9.51 12.60 7.66
C GLY C 103 -10.02 11.50 6.73
N SER C 104 -11.22 11.00 6.97
CA SER C 104 -11.79 9.96 6.14
C SER C 104 -12.01 10.47 4.71
N LEU C 105 -12.44 11.73 4.59
CA LEU C 105 -12.64 12.33 3.27
C LEU C 105 -11.33 12.50 2.52
N VAL C 106 -10.26 12.85 3.24
CA VAL C 106 -8.96 12.94 2.61
C VAL C 106 -8.57 11.59 2.04
N SER C 107 -8.79 10.53 2.81
CA SER C 107 -8.48 9.19 2.32
C SER C 107 -9.35 8.81 1.13
N LEU C 108 -10.61 9.23 1.15
CA LEU C 108 -11.55 8.84 0.11
C LEU C 108 -11.27 9.57 -1.21
N GLU C 109 -11.09 10.88 -1.13
CA GLU C 109 -10.96 11.66 -2.36
C GLU C 109 -9.51 11.73 -2.86
N MET C 110 -8.54 11.80 -1.94
CA MET C 110 -7.13 11.87 -2.32
C MET C 110 -6.54 10.46 -2.48
N GLY C 111 -6.74 9.60 -1.49
CA GLY C 111 -6.27 8.21 -1.61
C GLY C 111 -5.14 7.76 -0.69
N LYS C 112 -4.74 8.62 0.23
CA LYS C 112 -3.76 8.20 1.23
C LYS C 112 -4.44 7.38 2.33
N ILE C 113 -3.67 6.53 3.00
CA ILE C 113 -4.25 5.64 4.00
C ILE C 113 -4.84 6.46 5.14
N LEU C 114 -5.75 5.86 5.91
CA LEU C 114 -6.55 6.61 6.86
C LEU C 114 -5.71 7.27 7.96
N VAL C 115 -4.62 6.62 8.38
CA VAL C 115 -3.80 7.25 9.42
C VAL C 115 -3.17 8.54 8.90
N GLU C 116 -2.90 8.61 7.59
CA GLU C 116 -2.29 9.81 7.01
C GLU C 116 -3.33 10.89 6.73
N GLY C 117 -4.55 10.49 6.37
CA GLY C 117 -5.66 11.41 6.23
C GLY C 117 -5.93 12.12 7.55
N VAL C 118 -6.18 11.33 8.59
CA VAL C 118 -6.31 11.86 9.94
C VAL C 118 -5.09 12.67 10.32
N GLY C 119 -3.92 12.13 10.00
CA GLY C 119 -2.67 12.74 10.36
C GLY C 119 -2.45 14.11 9.71
N GLU C 120 -2.92 14.26 8.47
CA GLU C 120 -2.75 15.54 7.82
C GLU C 120 -3.67 16.59 8.44
N VAL C 121 -4.88 16.20 8.85
CA VAL C 121 -5.79 17.11 9.54
C VAL C 121 -5.22 17.47 10.92
N GLN C 122 -4.63 16.50 11.60
CA GLN C 122 -3.98 16.76 12.90
C GLN C 122 -2.84 17.77 12.74
N GLU C 123 -2.13 17.70 11.61
CA GLU C 123 -1.05 18.65 11.33
C GLU C 123 -1.62 20.08 11.24
N TYR C 124 -2.76 20.23 10.58
CA TYR C 124 -3.45 21.52 10.52
C TYR C 124 -3.87 21.95 11.95
N VAL C 125 -4.43 21.04 12.74
CA VAL C 125 -4.75 21.35 14.14
C VAL C 125 -3.50 21.88 14.86
N ASP C 126 -2.37 21.17 14.73
CA ASP C 126 -1.14 21.60 15.42
C ASP C 126 -0.65 22.95 14.91
N ILE C 127 -0.72 23.15 13.61
CA ILE C 127 -0.33 24.43 13.01
C ILE C 127 -1.14 25.57 13.64
N CYS C 128 -2.42 25.33 13.88
CA CYS C 128 -3.27 26.36 14.46
C CYS C 128 -2.79 26.72 15.88
N ASP C 129 -2.46 25.71 16.67
CA ASP C 129 -1.97 25.95 18.02
C ASP C 129 -0.63 26.69 17.97
N TYR C 130 0.21 26.30 17.03
CA TYR C 130 1.47 26.99 16.84
C TYR C 130 1.27 28.46 16.44
N ALA C 131 0.26 28.71 15.61
CA ALA C 131 -0.02 30.07 15.10
C ALA C 131 -0.52 30.98 16.22
N VAL C 132 -1.32 30.43 17.12
CA VAL C 132 -1.78 31.18 18.29
C VAL C 132 -0.60 31.86 19.01
N GLY C 133 0.45 31.08 19.24
CA GLY C 133 1.61 31.57 19.96
C GLY C 133 2.35 32.60 19.15
N LEU C 134 2.47 32.34 17.85
CA LEU C 134 3.13 33.27 16.95
C LEU C 134 2.46 34.63 16.93
N SER C 135 1.13 34.63 17.08
CA SER C 135 0.36 35.86 16.93
C SER C 135 0.71 36.91 17.98
N ARG C 136 1.34 36.48 19.07
CA ARG C 136 1.78 37.41 20.10
C ARG C 136 3.23 37.81 19.89
N MET C 137 3.85 37.33 18.81
CA MET C 137 5.27 37.58 18.56
C MET C 137 5.47 38.48 17.37
N ILE C 138 4.36 38.84 16.75
CA ILE C 138 4.41 39.67 15.56
C ILE C 138 4.73 41.11 15.93
N GLY C 139 5.90 41.58 15.53
CA GLY C 139 6.32 42.94 15.84
C GLY C 139 7.78 43.12 15.50
N GLY C 140 8.28 44.33 15.64
CA GLY C 140 9.68 44.58 15.42
C GLY C 140 10.23 45.58 16.43
N PRO C 141 11.55 45.78 16.43
CA PRO C 141 12.20 46.64 17.41
C PRO C 141 12.05 48.15 17.17
N ILE C 142 12.08 48.89 18.27
CA ILE C 142 12.38 50.31 18.23
C ILE C 142 13.87 50.41 18.38
N LEU C 143 14.53 51.03 17.41
CA LEU C 143 15.97 51.20 17.52
C LEU C 143 16.29 52.67 17.63
N PRO C 144 17.38 53.01 18.35
CA PRO C 144 17.71 54.42 18.49
C PRO C 144 18.18 54.97 17.16
N SER C 145 17.70 56.14 16.76
CA SER C 145 18.25 56.76 15.57
C SER C 145 19.61 57.31 15.95
N GLU C 146 20.49 57.52 14.96
CA GLU C 146 21.75 58.21 15.21
C GLU C 146 21.52 59.70 15.43
N ARG C 147 20.32 60.15 15.09
CA ARG C 147 19.94 61.54 15.32
C ARG C 147 19.21 61.66 16.66
N SER C 148 19.61 62.64 17.45
CA SER C 148 19.04 62.86 18.77
C SER C 148 17.55 63.17 18.70
N GLY C 149 16.75 62.54 19.55
CA GLY C 149 15.34 62.86 19.62
C GLY C 149 14.53 62.17 18.53
N HIS C 150 15.19 61.28 17.79
CA HIS C 150 14.50 60.53 16.75
C HIS C 150 14.52 59.07 17.11
N ALA C 151 13.41 58.38 16.83
CA ALA C 151 13.32 56.94 17.02
C ALA C 151 13.08 56.26 15.70
N LEU C 152 13.67 55.09 15.53
CA LEU C 152 13.42 54.22 14.39
C LEU C 152 12.52 53.07 14.80
N ILE C 153 11.31 53.06 14.27
CA ILE C 153 10.38 51.98 14.57
C ILE C 153 10.32 51.05 13.39
N GLU C 154 10.63 49.78 13.60
CA GLU C 154 10.38 48.77 12.59
C GLU C 154 8.93 48.31 12.70
N GLN C 155 8.17 48.57 11.65
CA GLN C 155 6.74 48.31 11.65
C GLN C 155 6.39 47.20 10.65
N TRP C 156 5.58 46.24 11.07
CA TRP C 156 5.12 45.17 10.17
C TRP C 156 3.61 45.25 9.94
N ASN C 157 3.21 45.22 8.67
CA ASN C 157 1.80 45.31 8.30
C ASN C 157 1.42 44.15 7.38
N PRO C 158 0.12 43.79 7.33
CA PRO C 158 -0.35 42.76 6.41
C PRO C 158 -0.06 43.15 4.97
N VAL C 159 0.17 42.18 4.09
CA VAL C 159 0.30 42.53 2.68
C VAL C 159 -1.06 42.79 2.05
N GLY C 160 -2.11 42.28 2.67
CA GLY C 160 -3.47 42.49 2.15
C GLY C 160 -4.14 41.14 1.85
N LEU C 161 -4.22 40.80 0.57
CA LEU C 161 -4.81 39.56 0.13
C LEU C 161 -3.74 38.55 -0.23
N VAL C 162 -3.78 37.39 0.42
CA VAL C 162 -2.87 36.30 0.12
C VAL C 162 -3.64 35.25 -0.69
N GLY C 163 -3.23 35.07 -1.95
CA GLY C 163 -3.76 33.97 -2.75
C GLY C 163 -3.02 32.69 -2.42
N ILE C 164 -3.76 31.58 -2.30
CA ILE C 164 -3.16 30.28 -1.99
C ILE C 164 -3.60 29.21 -2.99
N ILE C 165 -2.64 28.67 -3.74
CA ILE C 165 -2.89 27.58 -4.67
C ILE C 165 -2.20 26.32 -4.17
N THR C 166 -2.95 25.25 -4.01
CA THR C 166 -2.41 24.03 -3.41
C THR C 166 -2.60 22.81 -4.34
N ALA C 167 -1.99 21.69 -3.95
CA ALA C 167 -1.94 20.53 -4.83
C ALA C 167 -2.74 19.39 -4.25
N PHE C 168 -2.80 18.28 -4.99
CA PHE C 168 -3.64 17.17 -4.59
C PHE C 168 -3.06 16.40 -3.39
N ASN C 169 -1.74 16.37 -3.28
CA ASN C 169 -1.13 15.34 -2.45
C ASN C 169 -1.20 15.70 -0.97
N PHE C 170 -1.21 17.00 -0.67
CA PHE C 170 -1.56 17.48 0.65
C PHE C 170 -2.65 18.54 0.53
N PRO C 171 -3.91 18.08 0.38
CA PRO C 171 -5.02 18.97 0.04
C PRO C 171 -5.57 19.72 1.25
N VAL C 172 -5.07 19.43 2.45
CA VAL C 172 -5.51 20.15 3.64
C VAL C 172 -4.38 20.98 4.27
N ALA C 173 -3.24 20.35 4.55
CA ALA C 173 -2.27 20.96 5.46
C ALA C 173 -1.45 22.09 4.86
N VAL C 174 -1.22 22.05 3.55
CA VAL C 174 -0.47 23.13 2.88
C VAL C 174 -1.31 24.41 2.90
N TYR C 175 -2.58 24.28 2.58
CA TYR C 175 -3.52 25.40 2.78
C TYR C 175 -3.52 25.85 4.22
N GLY C 176 -3.65 24.87 5.13
CA GLY C 176 -3.73 25.19 6.55
C GLY C 176 -2.57 26.03 7.06
N TRP C 177 -1.36 25.66 6.65
CA TRP C 177 -0.18 26.42 7.04
C TRP C 177 -0.24 27.84 6.49
N ASN C 178 -0.49 27.97 5.19
CA ASN C 178 -0.53 29.29 4.59
C ASN C 178 -1.65 30.12 5.20
N ASN C 179 -2.80 29.49 5.39
CA ASN C 179 -3.94 30.23 5.93
C ASN C 179 -3.72 30.69 7.38
N ALA C 180 -3.25 29.80 8.23
CA ALA C 180 -3.09 30.13 9.65
C ALA C 180 -2.10 31.27 9.82
N ILE C 181 -0.98 31.21 9.13
CA ILE C 181 0.02 32.25 9.28
C ILE C 181 -0.45 33.54 8.64
N ALA C 182 -1.02 33.45 7.44
CA ALA C 182 -1.53 34.65 6.78
C ALA C 182 -2.57 35.32 7.65
N MET C 183 -3.40 34.52 8.32
CA MET C 183 -4.47 35.08 9.14
C MET C 183 -3.95 35.87 10.35
N ILE C 184 -3.04 35.29 11.12
CA ILE C 184 -2.59 35.97 12.32
C ILE C 184 -1.83 37.24 11.92
N CYS C 185 -1.31 37.23 10.70
CA CYS C 185 -0.58 38.37 10.14
C CYS C 185 -1.51 39.47 9.62
N GLY C 186 -2.81 39.24 9.70
CA GLY C 186 -3.80 40.26 9.37
C GLY C 186 -4.19 40.31 7.91
N ASN C 187 -3.92 39.23 7.17
CA ASN C 187 -4.32 39.16 5.76
C ASN C 187 -5.63 38.43 5.59
N VAL C 188 -6.29 38.70 4.48
CA VAL C 188 -7.38 37.86 4.05
C VAL C 188 -6.79 36.87 3.06
N CYS C 189 -7.48 35.75 2.86
CA CYS C 189 -7.03 34.66 2.00
C CYS C 189 -8.04 34.23 0.96
N LEU C 190 -7.52 33.85 -0.20
CA LEU C 190 -8.32 33.26 -1.27
C LEU C 190 -7.65 31.95 -1.68
N TRP C 191 -8.41 30.86 -1.61
CA TRP C 191 -7.90 29.52 -1.86
C TRP C 191 -8.43 28.91 -3.16
N LYS C 192 -7.52 28.45 -4.02
CA LYS C 192 -7.89 27.57 -5.13
C LYS C 192 -7.13 26.26 -4.99
N GLY C 193 -7.84 25.18 -4.67
CA GLY C 193 -7.19 23.91 -4.46
C GLY C 193 -7.14 23.10 -5.75
N ALA C 194 -6.56 21.92 -5.68
CA ALA C 194 -6.52 21.04 -6.85
C ALA C 194 -7.93 20.61 -7.22
N PRO C 195 -8.26 20.65 -8.51
CA PRO C 195 -9.62 20.27 -8.91
C PRO C 195 -10.02 18.87 -8.44
N THR C 196 -9.07 17.93 -8.39
CA THR C 196 -9.43 16.56 -8.04
C THR C 196 -9.55 16.37 -6.50
N THR C 197 -9.33 17.43 -5.74
CA THR C 197 -9.60 17.40 -4.30
C THR C 197 -10.55 18.55 -3.93
N SER C 198 -11.52 18.83 -4.80
CA SER C 198 -12.49 19.90 -4.58
C SER C 198 -13.41 19.66 -3.37
N LEU C 199 -13.80 18.41 -3.11
CA LEU C 199 -14.65 18.15 -1.95
C LEU C 199 -13.92 18.46 -0.67
N ILE C 200 -12.64 18.11 -0.62
CA ILE C 200 -11.82 18.41 0.56
C ILE C 200 -11.73 19.91 0.75
N SER C 201 -11.56 20.67 -0.35
CA SER C 201 -11.44 22.12 -0.21
C SER C 201 -12.75 22.70 0.31
N VAL C 202 -13.86 22.22 -0.24
CA VAL C 202 -15.18 22.65 0.20
C VAL C 202 -15.41 22.32 1.68
N ALA C 203 -15.10 21.08 2.07
CA ALA C 203 -15.25 20.62 3.47
C ALA C 203 -14.43 21.45 4.47
N VAL C 204 -13.17 21.69 4.15
CA VAL C 204 -12.34 22.54 5.01
C VAL C 204 -12.91 23.94 5.08
N THR C 205 -13.34 24.47 3.95
CA THR C 205 -13.86 25.83 3.94
C THR C 205 -15.17 25.93 4.75
N LYS C 206 -16.00 24.88 4.74
CA LYS C 206 -17.23 24.92 5.55
C LYS C 206 -16.89 24.98 7.05
N ILE C 207 -15.86 24.25 7.48
CA ILE C 207 -15.44 24.27 8.88
C ILE C 207 -14.95 25.66 9.30
N ILE C 208 -14.16 26.29 8.44
CA ILE C 208 -13.62 27.63 8.74
C ILE C 208 -14.70 28.70 8.69
N ALA C 209 -15.60 28.57 7.70
CA ALA C 209 -16.67 29.54 7.53
C ALA C 209 -17.53 29.65 8.80
N LYS C 210 -17.84 28.51 9.40
CA LYS C 210 -18.70 28.48 10.58
C LYS C 210 -18.01 29.19 11.74
N VAL C 211 -16.69 29.07 11.82
CA VAL C 211 -15.94 29.75 12.86
C VAL C 211 -15.98 31.26 12.62
N LEU C 212 -15.72 31.71 11.39
CA LEU C 212 -15.76 33.14 11.12
C LEU C 212 -17.17 33.68 11.37
N GLU C 213 -18.17 32.99 10.82
CA GLU C 213 -19.56 33.40 10.96
C GLU C 213 -20.00 33.44 12.44
N ASP C 214 -19.63 32.42 13.22
CA ASP C 214 -19.98 32.40 14.64
C ASP C 214 -19.32 33.54 15.40
N ASN C 215 -18.17 34.01 14.90
CA ASN C 215 -17.54 35.19 15.47
C ASN C 215 -17.96 36.51 14.84
N LYS C 216 -19.03 36.49 14.05
CA LYS C 216 -19.57 37.69 13.40
C LYS C 216 -18.55 38.37 12.52
N LEU C 217 -17.64 37.57 11.95
CA LEU C 217 -16.65 38.11 11.01
C LEU C 217 -17.07 37.83 9.58
N PRO C 218 -16.71 38.74 8.66
CA PRO C 218 -17.04 38.51 7.23
C PRO C 218 -16.31 37.26 6.70
N GLY C 219 -17.06 36.37 6.05
CA GLY C 219 -16.50 35.09 5.65
C GLY C 219 -15.42 35.15 4.60
N ALA C 220 -15.39 36.25 3.85
CA ALA C 220 -14.42 36.40 2.78
C ALA C 220 -12.98 36.50 3.30
N ILE C 221 -12.81 36.64 4.61
CA ILE C 221 -11.47 36.53 5.20
C ILE C 221 -10.80 35.21 4.78
N CYS C 222 -11.57 34.13 4.73
CA CYS C 222 -11.03 32.88 4.19
C CYS C 222 -11.87 32.43 2.99
N SER C 223 -11.66 33.09 1.86
CA SER C 223 -12.46 32.82 0.65
C SER C 223 -12.00 31.56 -0.07
N LEU C 224 -12.92 30.98 -0.84
CA LEU C 224 -12.67 29.80 -1.65
C LEU C 224 -13.17 30.05 -3.06
N THR C 225 -12.31 29.81 -4.04
CA THR C 225 -12.75 29.77 -5.43
C THR C 225 -12.21 28.49 -6.07
N CYS C 226 -12.98 27.41 -5.99
CA CYS C 226 -12.61 26.18 -6.68
C CYS C 226 -12.53 26.41 -8.19
N GLY C 227 -11.49 25.88 -8.81
CA GLY C 227 -11.36 25.97 -10.25
C GLY C 227 -10.04 25.39 -10.69
N GLY C 228 -9.83 25.38 -12.00
CA GLY C 228 -8.63 24.81 -12.60
C GLY C 228 -7.65 25.89 -13.00
N ALA C 229 -6.97 25.72 -14.13
CA ALA C 229 -5.85 26.57 -14.49
C ALA C 229 -6.29 28.01 -14.71
N ASP C 230 -7.53 28.20 -15.16
CA ASP C 230 -7.97 29.54 -15.52
C ASP C 230 -8.12 30.40 -14.27
N ILE C 231 -8.64 29.82 -13.19
CA ILE C 231 -8.70 30.54 -11.92
C ILE C 231 -7.30 30.80 -11.35
N GLY C 232 -6.43 29.81 -11.42
CA GLY C 232 -5.07 29.99 -10.93
C GLY C 232 -4.34 31.10 -11.69
N THR C 233 -4.58 31.16 -13.00
CA THR C 233 -3.93 32.16 -13.84
C THR C 233 -4.44 33.54 -13.50
N ALA C 234 -5.74 33.66 -13.30
CA ALA C 234 -6.32 34.94 -12.88
C ALA C 234 -5.68 35.41 -11.57
N MET C 235 -5.45 34.49 -10.63
CA MET C 235 -4.84 34.88 -9.37
C MET C 235 -3.40 35.38 -9.56
N ALA C 236 -2.67 34.69 -10.42
CA ALA C 236 -1.28 35.04 -10.68
C ALA C 236 -1.18 36.40 -11.38
N LYS C 237 -2.18 36.75 -12.18
CA LYS C 237 -2.12 38.02 -12.92
C LYS C 237 -2.80 39.14 -12.18
N ASP C 238 -3.43 38.82 -11.06
CA ASP C 238 -4.27 39.80 -10.37
C ASP C 238 -3.46 40.70 -9.44
N GLU C 239 -3.40 42.00 -9.77
CA GLU C 239 -2.65 42.93 -8.91
C GLU C 239 -3.27 43.10 -7.52
N ARG C 240 -4.55 42.77 -7.37
CA ARG C 240 -5.18 42.84 -6.05
C ARG C 240 -4.75 41.67 -5.15
N VAL C 241 -4.06 40.69 -5.73
CA VAL C 241 -3.48 39.59 -4.96
C VAL C 241 -2.03 39.95 -4.59
N ASN C 242 -1.83 40.48 -3.39
CA ASN C 242 -0.52 41.02 -2.98
C ASN C 242 0.56 39.95 -2.85
N LEU C 243 0.17 38.79 -2.37
CA LEU C 243 1.08 37.67 -2.22
C LEU C 243 0.40 36.40 -2.74
N LEU C 244 1.11 35.65 -3.58
CA LEU C 244 0.58 34.40 -4.10
C LEU C 244 1.45 33.23 -3.61
N SER C 245 0.88 32.38 -2.76
CA SER C 245 1.54 31.16 -2.35
C SER C 245 1.10 30.06 -3.28
N PHE C 246 2.05 29.49 -3.99
CA PHE C 246 1.79 28.39 -4.91
C PHE C 246 2.57 27.14 -4.53
N THR C 247 1.87 26.02 -4.46
CA THR C 247 2.50 24.71 -4.25
C THR C 247 2.08 23.77 -5.37
N GLY C 248 3.06 23.17 -6.03
CA GLY C 248 2.76 22.29 -7.14
C GLY C 248 3.95 22.04 -8.04
N SER C 249 3.66 21.81 -9.32
CA SER C 249 4.69 21.39 -10.27
C SER C 249 5.61 22.54 -10.59
N THR C 250 6.86 22.20 -10.89
CA THR C 250 7.85 23.19 -11.24
C THR C 250 7.41 23.98 -12.47
N GLN C 251 6.87 23.26 -13.45
CA GLN C 251 6.47 23.84 -14.74
C GLN C 251 5.37 24.89 -14.57
N VAL C 252 4.31 24.55 -13.85
CA VAL C 252 3.26 25.51 -13.57
C VAL C 252 3.80 26.62 -12.66
N GLY C 253 4.56 26.24 -11.63
CA GLY C 253 5.11 27.19 -10.69
C GLY C 253 5.99 28.26 -11.31
N LYS C 254 6.81 27.86 -12.26
CA LYS C 254 7.65 28.79 -13.00
C LYS C 254 6.78 29.84 -13.69
N GLN C 255 5.72 29.40 -14.35
CA GLN C 255 4.83 30.33 -15.04
C GLN C 255 4.10 31.23 -14.04
N VAL C 256 3.65 30.66 -12.92
CA VAL C 256 3.06 31.45 -11.87
C VAL C 256 4.05 32.50 -11.38
N GLY C 257 5.28 32.07 -11.11
CA GLY C 257 6.32 32.97 -10.64
C GLY C 257 6.56 34.11 -11.60
N LEU C 258 6.53 33.82 -12.90
CA LEU C 258 6.77 34.83 -13.94
C LEU C 258 5.63 35.85 -14.03
N MET C 259 4.39 35.37 -13.97
CA MET C 259 3.24 36.27 -14.03
C MET C 259 3.22 37.21 -12.83
N VAL C 260 3.52 36.68 -11.64
CA VAL C 260 3.55 37.53 -10.45
C VAL C 260 4.69 38.55 -10.57
N GLN C 261 5.83 38.12 -11.08
CA GLN C 261 6.99 39.00 -11.25
C GLN C 261 6.69 40.09 -12.25
N GLU C 262 5.97 39.76 -13.32
CA GLU C 262 5.61 40.74 -14.34
C GLU C 262 4.83 41.93 -13.76
N ARG C 263 4.01 41.66 -12.75
CA ARG C 263 3.20 42.73 -12.18
C ARG C 263 3.79 43.23 -10.86
N PHE C 264 5.02 42.84 -10.56
CA PHE C 264 5.70 43.26 -9.34
C PHE C 264 4.98 42.86 -8.06
N GLY C 265 4.28 41.73 -8.09
CA GLY C 265 3.68 41.21 -6.89
C GLY C 265 4.70 40.35 -6.16
N ARG C 266 4.28 39.68 -5.10
CA ARG C 266 5.15 38.75 -4.38
C ARG C 266 4.62 37.33 -4.46
N SER C 267 5.53 36.36 -4.54
CA SER C 267 5.12 34.97 -4.54
C SER C 267 5.92 34.12 -3.56
N LEU C 268 5.30 33.06 -3.05
CA LEU C 268 5.98 31.99 -2.35
C LEU C 268 5.77 30.71 -3.14
N LEU C 269 6.84 30.12 -3.66
CA LEU C 269 6.73 28.92 -4.48
C LEU C 269 7.28 27.69 -3.78
N GLU C 270 6.49 26.63 -3.67
CA GLU C 270 6.99 25.34 -3.17
C GLU C 270 6.88 24.32 -4.27
N LEU C 271 7.99 24.06 -4.96
CA LEU C 271 7.95 23.37 -6.24
C LEU C 271 8.47 21.93 -6.25
N GLY C 273 10.27 18.62 -6.11
CA GLY C 273 11.57 18.20 -5.61
C GLY C 273 11.92 16.76 -5.90
N ASN C 274 13.18 16.52 -6.27
CA ASN C 274 13.67 15.17 -6.53
C ASN C 274 14.63 14.75 -5.41
N ASN C 275 14.07 14.17 -4.36
CA ASN C 275 14.82 13.82 -3.14
C ASN C 275 15.77 12.63 -3.31
N ALA C 276 16.93 12.71 -2.67
CA ALA C 276 17.92 11.65 -2.72
C ALA C 276 18.31 11.15 -1.34
N ILE C 277 18.59 9.86 -1.27
CA ILE C 277 19.21 9.25 -0.11
C ILE C 277 20.61 8.79 -0.51
N ILE C 278 21.60 9.06 0.32
CA ILE C 278 22.96 8.55 0.06
C ILE C 278 23.46 7.68 1.20
N ALA C 279 23.72 6.42 0.90
CA ALA C 279 24.26 5.50 1.90
C ALA C 279 25.74 5.21 1.65
N PHE C 280 26.59 5.71 2.54
CA PHE C 280 28.02 5.48 2.41
C PHE C 280 28.40 4.12 2.98
N GLU C 281 29.64 3.71 2.73
CA GLU C 281 30.12 2.39 3.09
C GLU C 281 30.01 2.10 4.59
N ASP C 282 29.97 3.13 5.42
CA ASP C 282 29.96 2.93 6.87
C ASP C 282 28.57 3.11 7.47
N ALA C 283 27.54 3.23 6.64
CA ALA C 283 26.17 3.45 7.12
C ALA C 283 25.63 2.26 7.92
N ASP C 284 24.79 2.55 8.90
CA ASP C 284 24.06 1.51 9.61
C ASP C 284 22.96 1.02 8.69
N LEU C 285 23.13 -0.19 8.16
CA LEU C 285 22.21 -0.69 7.14
C LEU C 285 20.82 -0.98 7.72
N SER C 286 20.75 -1.23 9.03
CA SER C 286 19.45 -1.42 9.68
C SER C 286 18.71 -0.09 9.78
N LEU C 287 19.44 1.00 9.60
CA LEU C 287 18.82 2.32 9.45
C LEU C 287 18.43 2.61 8.01
N VAL C 288 19.35 2.29 7.10
CA VAL C 288 19.18 2.63 5.70
C VAL C 288 17.98 1.96 5.05
N VAL C 289 17.86 0.65 5.21
CA VAL C 289 16.84 -0.09 4.47
C VAL C 289 15.42 0.35 4.84
N PRO C 290 15.04 0.33 6.14
CA PRO C 290 13.67 0.82 6.40
C PRO C 290 13.46 2.30 6.09
N SER C 291 14.49 3.13 6.29
CA SER C 291 14.38 4.55 5.97
C SER C 291 14.11 4.76 4.48
N ALA C 292 14.87 4.07 3.64
CA ALA C 292 14.69 4.17 2.19
C ALA C 292 13.32 3.65 1.77
N LEU C 293 12.93 2.49 2.29
CA LEU C 293 11.63 1.91 1.96
C LEU C 293 10.49 2.90 2.26
N PHE C 294 10.38 3.32 3.51
CA PHE C 294 9.25 4.16 3.90
C PHE C 294 9.30 5.54 3.24
N ALA C 295 10.50 6.09 3.02
CA ALA C 295 10.60 7.35 2.28
C ALA C 295 10.15 7.18 0.83
N ALA C 296 10.41 6.00 0.27
CA ALA C 296 10.11 5.75 -1.14
C ALA C 296 8.65 5.44 -1.41
N VAL C 297 8.00 4.69 -0.51
CA VAL C 297 6.66 4.18 -0.83
C VAL C 297 5.53 4.80 -0.03
N GLY C 298 5.86 5.56 1.01
CA GLY C 298 4.86 6.22 1.82
C GLY C 298 3.96 7.08 0.95
N THR C 299 2.65 7.01 1.20
CA THR C 299 1.66 7.72 0.40
C THR C 299 1.78 7.36 -1.09
N ALA C 300 2.15 6.11 -1.35
CA ALA C 300 2.33 5.60 -2.72
C ALA C 300 3.33 6.44 -3.51
N GLY C 301 4.34 6.97 -2.82
CA GLY C 301 5.35 7.79 -3.45
C GLY C 301 4.89 9.14 -3.96
N GLN C 302 3.85 9.70 -3.35
CA GLN C 302 3.25 10.93 -3.86
C GLN C 302 3.57 12.17 -3.01
N ARG C 303 4.60 12.09 -2.18
CA ARG C 303 4.96 13.25 -1.37
C ARG C 303 5.94 14.15 -2.10
N CYS C 304 5.99 15.43 -1.72
CA CYS C 304 7.03 16.32 -2.28
C CYS C 304 8.37 15.87 -1.70
N THR C 305 8.32 15.17 -0.56
CA THR C 305 9.52 14.66 0.11
C THR C 305 9.87 13.20 -0.24
N THR C 306 9.14 12.57 -1.15
CA THR C 306 9.38 11.17 -1.52
C THR C 306 10.81 10.90 -2.05
N ALA C 307 11.47 9.86 -1.55
CA ALA C 307 12.78 9.47 -2.06
C ALA C 307 12.64 8.79 -3.42
N ARG C 308 13.31 9.33 -4.44
CA ARG C 308 13.24 8.79 -5.79
C ARG C 308 14.60 8.33 -6.31
N ARG C 309 15.66 8.83 -5.69
CA ARG C 309 17.02 8.43 -6.04
C ARG C 309 17.77 7.95 -4.79
N LEU C 310 18.24 6.71 -4.83
CA LEU C 310 19.00 6.13 -3.74
C LEU C 310 20.43 5.81 -4.18
N PHE C 311 21.39 6.51 -3.59
CA PHE C 311 22.79 6.25 -3.88
C PHE C 311 23.35 5.33 -2.84
N ILE C 312 23.99 4.25 -3.30
CA ILE C 312 24.60 3.29 -2.39
C ILE C 312 26.06 3.02 -2.79
N HIS C 313 26.94 2.98 -1.81
CA HIS C 313 28.34 2.70 -2.05
C HIS C 313 28.49 1.31 -2.65
N GLU C 314 29.38 1.18 -3.63
CA GLU C 314 29.55 -0.07 -4.37
C GLU C 314 29.72 -1.28 -3.46
N SER C 315 30.36 -1.08 -2.30
CA SER C 315 30.64 -2.19 -1.38
C SER C 315 29.38 -2.78 -0.75
N ILE C 316 28.37 -1.94 -0.53
CA ILE C 316 27.16 -2.40 0.15
C ILE C 316 25.92 -2.37 -0.76
N HIS C 317 26.12 -1.96 -2.01
CA HIS C 317 25.01 -1.76 -2.94
C HIS C 317 24.16 -3.03 -3.11
N ASP C 318 24.78 -4.13 -3.47
CA ASP C 318 24.02 -5.35 -3.74
C ASP C 318 23.23 -5.79 -2.52
N GLU C 319 23.86 -5.74 -1.34
CA GLU C 319 23.20 -6.17 -0.12
C GLU C 319 21.99 -5.29 0.22
N VAL C 320 22.14 -3.98 0.07
CA VAL C 320 21.02 -3.07 0.38
C VAL C 320 19.86 -3.31 -0.58
N VAL C 321 20.18 -3.52 -1.86
CA VAL C 321 19.14 -3.80 -2.85
C VAL C 321 18.42 -5.10 -2.48
N ASN C 322 19.18 -6.09 -2.04
CA ASN C 322 18.60 -7.36 -1.65
C ASN C 322 17.70 -7.25 -0.42
N ARG C 323 18.11 -6.42 0.54
CA ARG C 323 17.30 -6.26 1.74
C ARG C 323 16.04 -5.46 1.43
N LEU C 324 16.16 -4.46 0.56
CA LEU C 324 14.99 -3.69 0.11
C LEU C 324 13.97 -4.59 -0.58
N LYS C 325 14.44 -5.47 -1.46
CA LYS C 325 13.55 -6.38 -2.16
C LYS C 325 12.77 -7.27 -1.19
N LYS C 326 13.49 -7.81 -0.21
CA LYS C 326 12.87 -8.68 0.79
C LYS C 326 11.85 -7.90 1.62
N ALA C 327 12.09 -6.60 1.81
CA ALA C 327 11.18 -5.77 2.60
C ALA C 327 9.99 -5.30 1.77
N TYR C 328 10.25 -4.93 0.51
CA TYR C 328 9.20 -4.50 -0.40
C TYR C 328 8.14 -5.58 -0.55
N ALA C 329 8.57 -6.83 -0.55
CA ALA C 329 7.67 -7.95 -0.74
C ALA C 329 6.63 -8.04 0.36
N GLN C 330 6.91 -7.40 1.50
CA GLN C 330 5.98 -7.45 2.63
C GLN C 330 5.06 -6.25 2.69
N ILE C 331 5.19 -5.36 1.71
CA ILE C 331 4.34 -4.17 1.66
C ILE C 331 2.91 -4.56 1.36
N ARG C 332 2.00 -4.11 2.22
CA ARG C 332 0.60 -4.41 2.04
C ARG C 332 -0.12 -3.27 1.34
N VAL C 333 -0.63 -3.55 0.16
CA VAL C 333 -1.34 -2.55 -0.64
C VAL C 333 -2.82 -2.86 -0.59
N GLY C 334 -3.67 -1.84 -0.51
CA GLY C 334 -5.11 -2.09 -0.40
C GLY C 334 -5.90 -0.81 -0.17
N ASN C 335 -7.16 -0.95 0.23
CA ASN C 335 -8.00 0.22 0.53
C ASN C 335 -7.46 1.03 1.70
N PRO C 336 -7.64 2.35 1.65
CA PRO C 336 -7.25 3.30 2.70
C PRO C 336 -7.75 2.94 4.11
N TRP C 337 -8.89 2.27 4.23
CA TRP C 337 -9.50 1.99 5.54
C TRP C 337 -9.00 0.74 6.21
N ASP C 338 -8.58 -0.25 5.42
CA ASP C 338 -7.98 -1.46 5.97
C ASP C 338 -6.80 -1.04 6.84
N PRO C 339 -6.90 -1.33 8.15
CA PRO C 339 -5.88 -0.91 9.12
C PRO C 339 -4.51 -1.54 8.90
N ASN C 340 -4.42 -2.60 8.09
CA ASN C 340 -3.15 -3.25 7.84
C ASN C 340 -2.42 -2.77 6.58
N VAL C 341 -3.01 -1.82 5.87
CA VAL C 341 -2.47 -1.37 4.59
C VAL C 341 -1.39 -0.31 4.79
N LEU C 342 -0.25 -0.48 4.10
CA LEU C 342 0.84 0.49 4.20
C LEU C 342 0.68 1.61 3.18
N TYR C 343 0.20 1.29 1.98
CA TYR C 343 -0.19 2.38 1.08
C TYR C 343 -1.30 2.04 0.09
N GLY C 344 -2.01 3.08 -0.33
CA GLY C 344 -3.21 2.94 -1.13
C GLY C 344 -3.02 3.18 -2.61
N PRO C 345 -4.07 3.68 -3.28
CA PRO C 345 -3.97 3.85 -4.73
C PRO C 345 -3.25 5.13 -5.13
N LEU C 346 -2.73 5.17 -6.36
CA LEU C 346 -2.29 6.42 -6.97
C LEU C 346 -3.50 7.34 -7.10
N HIS C 347 -3.26 8.64 -7.15
CA HIS C 347 -4.36 9.60 -7.07
C HIS C 347 -5.29 9.56 -8.29
N THR C 348 -4.75 9.24 -9.46
CA THR C 348 -5.55 9.26 -10.70
C THR C 348 -5.17 8.12 -11.64
N LYS C 349 -5.99 7.89 -12.64
CA LYS C 349 -5.68 6.94 -13.71
C LYS C 349 -4.48 7.44 -14.52
N GLN C 350 -4.37 8.76 -14.67
CA GLN C 350 -3.26 9.34 -15.42
C GLN C 350 -1.93 9.08 -14.72
N ALA C 351 -1.97 8.98 -13.39
CA ALA C 351 -0.77 8.65 -12.63
C ALA C 351 -0.33 7.24 -12.98
N VAL C 352 -1.30 6.33 -13.05
CA VAL C 352 -1.01 4.94 -13.39
C VAL C 352 -0.29 4.84 -14.73
N SER C 353 -0.80 5.55 -15.73
CA SER C 353 -0.21 5.55 -17.06
C SER C 353 1.19 6.12 -17.06
N MET C 354 1.40 7.21 -16.33
CA MET C 354 2.73 7.82 -16.21
C MET C 354 3.71 6.83 -15.59
N PHE C 355 3.23 6.08 -14.59
CA PHE C 355 4.06 5.09 -13.92
C PHE C 355 4.49 4.02 -14.92
N LEU C 356 3.54 3.51 -15.68
CA LEU C 356 3.83 2.48 -16.68
C LEU C 356 4.82 2.97 -17.72
N GLY C 357 4.67 4.23 -18.14
CA GLY C 357 5.60 4.82 -19.08
C GLY C 357 7.00 4.90 -18.53
N ALA C 358 7.12 5.35 -17.27
CA ALA C 358 8.40 5.48 -16.59
C ALA C 358 9.15 4.14 -16.53
N VAL C 359 8.45 3.09 -16.12
CA VAL C 359 9.03 1.76 -16.08
C VAL C 359 9.49 1.38 -17.48
N GLU C 360 8.72 1.79 -18.49
CA GLU C 360 9.09 1.53 -19.87
C GLU C 360 10.33 2.33 -20.29
N GLU C 361 10.32 3.63 -20.01
CA GLU C 361 11.44 4.50 -20.38
C GLU C 361 12.72 4.02 -19.69
N ALA C 362 12.58 3.56 -18.45
CA ALA C 362 13.72 3.09 -17.66
C ALA C 362 14.37 1.86 -18.29
N LYS C 363 13.54 0.91 -18.73
CA LYS C 363 14.02 -0.30 -19.41
C LYS C 363 14.77 0.04 -20.69
N LYS C 364 14.17 0.89 -21.51
CA LYS C 364 14.76 1.30 -22.78
C LYS C 364 16.10 2.00 -22.55
N GLU C 365 16.19 2.81 -21.49
CA GLU C 365 17.40 3.55 -21.18
C GLU C 365 18.44 2.69 -20.46
N GLY C 366 18.11 1.40 -20.27
CA GLY C 366 19.08 0.42 -19.80
C GLY C 366 18.95 -0.02 -18.35
N GLY C 367 17.84 0.32 -17.70
CA GLY C 367 17.63 -0.03 -16.31
C GLY C 367 17.07 -1.42 -16.12
N THR C 368 17.14 -1.92 -14.90
CA THR C 368 16.65 -3.26 -14.59
C THR C 368 15.68 -3.25 -13.41
N VAL C 369 14.48 -3.76 -13.62
CA VAL C 369 13.48 -3.78 -12.56
C VAL C 369 13.75 -4.92 -11.58
N VAL C 370 14.15 -4.56 -10.37
CA VAL C 370 14.50 -5.53 -9.35
C VAL C 370 13.26 -5.98 -8.57
N TYR C 371 12.31 -5.07 -8.38
CA TYR C 371 11.03 -5.42 -7.76
C TYR C 371 9.92 -4.61 -8.39
N GLY C 372 8.69 -5.13 -8.33
CA GLY C 372 7.52 -4.42 -8.82
C GLY C 372 7.58 -4.08 -10.29
N GLY C 373 7.04 -2.92 -10.65
CA GLY C 373 7.10 -2.46 -12.03
C GLY C 373 5.82 -2.61 -12.82
N LYS C 374 4.83 -3.30 -12.24
CA LYS C 374 3.57 -3.53 -12.93
C LYS C 374 2.38 -2.94 -12.17
N VAL C 375 1.31 -2.64 -12.90
CA VAL C 375 0.03 -2.26 -12.29
C VAL C 375 -0.54 -3.46 -11.59
N MET C 376 -1.25 -3.24 -10.48
CA MET C 376 -1.92 -4.35 -9.80
C MET C 376 -3.29 -4.58 -10.45
N ASP C 377 -3.48 -5.79 -10.97
CA ASP C 377 -4.72 -6.16 -11.68
C ASP C 377 -5.91 -6.15 -10.72
N ARG C 378 -6.33 -4.95 -10.34
CA ARG C 378 -7.35 -4.76 -9.33
C ARG C 378 -8.07 -3.44 -9.60
N PRO C 379 -9.32 -3.31 -9.11
CA PRO C 379 -10.03 -2.02 -9.22
C PRO C 379 -9.26 -0.92 -8.52
N GLY C 380 -9.43 0.33 -8.96
CA GLY C 380 -8.71 1.44 -8.39
C GLY C 380 -7.39 1.63 -9.10
N ASN C 381 -6.63 2.64 -8.65
CA ASN C 381 -5.34 2.95 -9.24
C ASN C 381 -4.17 2.33 -8.46
N TYR C 382 -4.13 1.00 -8.37
CA TYR C 382 -3.14 0.34 -7.53
C TYR C 382 -1.93 -0.16 -8.32
N VAL C 383 -0.75 0.17 -7.83
CA VAL C 383 0.50 -0.02 -8.55
C VAL C 383 1.57 -0.64 -7.63
N GLU C 384 2.42 -1.52 -8.18
CA GLU C 384 3.47 -2.17 -7.39
C GLU C 384 4.59 -1.22 -6.99
N PRO C 385 5.02 -1.27 -5.72
CA PRO C 385 6.19 -0.48 -5.33
C PRO C 385 7.40 -0.97 -6.11
N THR C 386 8.21 -0.07 -6.66
CA THR C 386 9.17 -0.45 -7.68
C THR C 386 10.61 -0.01 -7.39
N ILE C 387 11.55 -0.93 -7.65
CA ILE C 387 12.97 -0.65 -7.51
C ILE C 387 13.70 -0.82 -8.85
N VAL C 388 14.46 0.19 -9.25
CA VAL C 388 15.18 0.16 -10.53
C VAL C 388 16.68 0.42 -10.39
N THR C 389 17.48 -0.61 -10.68
CA THR C 389 18.93 -0.47 -10.69
C THR C 389 19.44 -0.29 -12.10
N GLY C 390 20.75 -0.04 -12.22
CA GLY C 390 21.41 -0.09 -13.52
C GLY C 390 21.48 1.23 -14.27
N LEU C 391 20.56 2.14 -13.97
CA LEU C 391 20.55 3.44 -14.62
C LEU C 391 21.75 4.27 -14.18
N GLY C 392 22.18 5.18 -15.04
CA GLY C 392 23.22 6.11 -14.66
C GLY C 392 22.60 7.26 -13.90
N HIS C 393 23.41 7.96 -13.12
CA HIS C 393 22.95 9.13 -12.36
C HIS C 393 22.45 10.25 -13.28
N ASP C 394 22.81 10.15 -14.56
CA ASP C 394 22.50 11.15 -15.56
C ASP C 394 21.10 10.96 -16.17
N ALA C 395 20.62 9.72 -16.12
CA ALA C 395 19.39 9.31 -16.81
C ALA C 395 18.22 10.29 -16.67
N SER C 396 17.62 10.66 -17.80
CA SER C 396 16.57 11.67 -17.84
C SER C 396 15.31 11.27 -17.06
N ILE C 397 14.87 10.03 -17.24
CA ILE C 397 13.66 9.54 -16.56
C ILE C 397 13.79 9.59 -15.04
N ALA C 398 15.03 9.55 -14.55
CA ALA C 398 15.28 9.55 -13.11
C ALA C 398 15.24 10.97 -12.52
N HIS C 399 15.54 11.97 -13.32
CA HIS C 399 15.45 13.36 -12.87
C HIS C 399 14.12 13.99 -13.29
N THR C 400 13.12 13.15 -13.51
CA THR C 400 11.79 13.59 -13.94
C THR C 400 10.75 13.34 -12.86
N GLU C 401 10.20 14.40 -12.29
CA GLU C 401 9.22 14.28 -11.20
C GLU C 401 7.95 13.58 -11.67
N THR C 402 7.71 12.39 -11.14
CA THR C 402 6.50 11.63 -11.41
C THR C 402 6.07 10.94 -10.13
N PHE C 403 4.86 11.22 -9.67
CA PHE C 403 4.43 10.77 -8.36
C PHE C 403 3.94 9.33 -8.35
N ALA C 404 4.88 8.40 -8.25
CA ALA C 404 4.61 6.97 -8.20
C ALA C 404 5.75 6.27 -7.46
N PRO C 405 5.46 5.09 -6.87
CA PRO C 405 6.51 4.40 -6.11
C PRO C 405 7.59 3.79 -7.00
N ILE C 406 8.45 4.62 -7.57
CA ILE C 406 9.60 4.12 -8.32
C ILE C 406 10.89 4.65 -7.72
N LEU C 407 11.70 3.76 -7.17
CA LEU C 407 12.98 4.12 -6.58
C LEU C 407 14.14 3.77 -7.51
N TYR C 408 14.90 4.77 -7.94
CA TYR C 408 16.05 4.54 -8.80
C TYR C 408 17.31 4.42 -7.97
N VAL C 409 18.03 3.31 -8.15
CA VAL C 409 19.20 3.01 -7.33
C VAL C 409 20.50 3.22 -8.12
N PHE C 410 21.50 3.79 -7.46
CA PHE C 410 22.77 4.08 -8.11
C PHE C 410 23.94 3.68 -7.24
N LYS C 411 24.96 3.10 -7.88
CA LYS C 411 26.21 2.79 -7.19
C LYS C 411 27.15 3.98 -7.29
N PHE C 412 28.06 4.11 -6.32
CA PHE C 412 29.11 5.11 -6.44
C PHE C 412 30.42 4.60 -5.84
N LYS C 413 31.53 5.12 -6.35
CA LYS C 413 32.86 4.66 -5.94
C LYS C 413 33.29 5.27 -4.62
N ASN C 414 33.19 6.60 -4.51
CA ASN C 414 33.62 7.31 -3.30
C ASN C 414 32.81 8.59 -3.07
N GLU C 415 33.17 9.31 -2.01
CA GLU C 415 32.44 10.52 -1.63
C GLU C 415 32.44 11.61 -2.70
N GLU C 416 33.63 11.96 -3.19
CA GLU C 416 33.79 13.03 -4.17
C GLU C 416 32.89 12.79 -5.37
N GLU C 417 32.83 11.53 -5.79
CA GLU C 417 32.00 11.14 -6.92
C GLU C 417 30.52 11.41 -6.65
N VAL C 418 30.00 10.83 -5.57
CA VAL C 418 28.57 10.91 -5.30
C VAL C 418 28.16 12.34 -4.94
N PHE C 419 29.06 13.09 -4.32
CA PHE C 419 28.74 14.48 -4.01
C PHE C 419 28.63 15.29 -5.29
N ALA C 420 29.59 15.08 -6.20
CA ALA C 420 29.60 15.77 -7.49
C ALA C 420 28.33 15.49 -8.28
N TRP C 421 27.89 14.24 -8.28
CA TRP C 421 26.65 13.83 -8.95
C TRP C 421 25.42 14.55 -8.39
N ASN C 422 25.26 14.52 -7.07
CA ASN C 422 24.11 15.16 -6.44
C ASN C 422 24.14 16.69 -6.60
N ASN C 423 25.33 17.25 -6.67
CA ASN C 423 25.49 18.69 -6.90
C ASN C 423 25.02 19.13 -8.30
N GLU C 424 24.90 18.18 -9.21
CA GLU C 424 24.43 18.46 -10.58
C GLU C 424 22.94 18.74 -10.64
N VAL C 425 22.19 18.21 -9.68
CA VAL C 425 20.75 18.42 -9.65
C VAL C 425 20.43 19.81 -9.15
N LYS C 426 19.66 20.54 -9.94
CA LYS C 426 19.21 21.87 -9.55
C LYS C 426 17.87 21.78 -8.81
N GLN C 427 17.71 22.63 -7.80
CA GLN C 427 16.44 22.81 -7.09
C GLN C 427 15.94 21.53 -6.38
N GLY C 428 16.86 20.74 -5.85
CA GLY C 428 16.49 19.57 -5.06
C GLY C 428 15.81 19.99 -3.77
N LEU C 429 14.92 19.17 -3.24
CA LEU C 429 14.21 19.57 -2.04
C LEU C 429 14.90 19.09 -0.76
N SER C 430 15.30 17.83 -0.73
CA SER C 430 15.94 17.31 0.47
C SER C 430 17.01 16.28 0.13
N SER C 431 18.01 16.22 0.99
CA SER C 431 19.09 15.26 0.86
C SER C 431 19.23 14.55 2.19
N SER C 432 19.25 13.21 2.16
CA SER C 432 19.40 12.43 3.37
C SER C 432 20.60 11.49 3.26
N ILE C 433 21.59 11.67 4.12
CA ILE C 433 22.76 10.81 4.09
C ILE C 433 22.84 9.90 5.31
N PHE C 434 23.48 8.74 5.12
CA PHE C 434 23.75 7.81 6.20
C PHE C 434 25.24 7.50 6.22
N THR C 435 25.89 7.87 7.32
CA THR C 435 27.32 7.67 7.48
C THR C 435 27.70 7.96 8.93
N LYS C 436 28.84 7.44 9.36
CA LYS C 436 29.31 7.68 10.72
C LYS C 436 30.44 8.70 10.71
N ASP C 437 30.90 9.03 9.50
CA ASP C 437 32.04 9.93 9.33
C ASP C 437 31.65 11.38 9.60
N LEU C 438 32.10 11.90 10.74
CA LEU C 438 31.74 13.23 11.21
C LEU C 438 32.27 14.33 10.28
N GLY C 439 33.50 14.15 9.79
CA GLY C 439 34.08 15.09 8.86
C GLY C 439 33.26 15.18 7.59
N ARG C 440 32.84 14.01 7.10
CA ARG C 440 31.99 13.92 5.91
C ARG C 440 30.64 14.61 6.09
N ILE C 441 30.06 14.43 7.27
CA ILE C 441 28.79 15.07 7.58
C ILE C 441 28.94 16.60 7.53
N PHE C 442 30.00 17.13 8.14
CA PHE C 442 30.23 18.58 8.12
C PHE C 442 30.45 19.11 6.70
N ARG C 443 31.13 18.33 5.86
CA ARG C 443 31.29 18.75 4.46
C ARG C 443 29.96 18.79 3.73
N TRP C 444 29.09 17.81 3.97
CA TRP C 444 27.84 17.76 3.23
C TRP C 444 26.85 18.82 3.72
N LEU C 445 26.95 19.21 4.99
CA LEU C 445 26.02 20.20 5.54
C LEU C 445 26.56 21.63 5.42
N GLY C 446 27.88 21.75 5.21
CA GLY C 446 28.53 23.04 5.10
C GLY C 446 28.41 23.66 3.72
N PRO C 447 29.15 24.76 3.50
CA PRO C 447 29.00 25.57 2.27
C PRO C 447 29.28 24.86 0.95
N LYS C 448 30.09 23.82 0.95
CA LYS C 448 30.42 23.14 -0.29
C LYS C 448 29.66 21.83 -0.42
N GLY C 449 28.70 21.63 0.47
CA GLY C 449 27.89 20.43 0.45
C GLY C 449 26.57 20.62 -0.27
N SER C 450 25.56 19.89 0.19
CA SER C 450 24.24 19.95 -0.42
C SER C 450 23.60 21.33 -0.44
N ASP C 451 22.95 21.65 -1.55
CA ASP C 451 22.21 22.91 -1.67
C ASP C 451 20.75 22.75 -1.23
N CYS C 452 20.37 21.55 -0.81
CA CYS C 452 18.99 21.32 -0.40
C CYS C 452 18.59 22.08 0.87
N GLY C 453 17.33 22.50 0.93
CA GLY C 453 16.85 23.25 2.07
C GLY C 453 16.59 22.37 3.27
N ILE C 454 16.50 21.06 3.03
CA ILE C 454 16.32 20.08 4.09
C ILE C 454 17.42 19.03 4.01
N VAL C 455 18.20 18.87 5.08
CA VAL C 455 19.24 17.86 5.06
C VAL C 455 19.15 16.99 6.30
N ASN C 456 19.14 15.68 6.09
CA ASN C 456 19.01 14.71 7.16
C ASN C 456 20.24 13.83 7.28
N VAL C 457 20.65 13.56 8.52
CA VAL C 457 21.78 12.69 8.76
C VAL C 457 21.35 11.52 9.63
N ASN C 458 21.35 10.32 9.05
CA ASN C 458 21.03 9.08 9.77
C ASN C 458 19.62 9.06 10.37
N ILE C 459 18.67 9.69 9.69
CA ILE C 459 17.32 9.75 10.24
C ILE C 459 16.49 8.51 9.88
N PRO C 460 16.05 7.75 10.91
CA PRO C 460 15.31 6.49 10.79
C PRO C 460 14.09 6.56 9.85
N SER C 484 9.75 30.05 13.02
CA SER C 484 9.19 31.13 13.81
C SER C 484 9.55 32.51 13.23
N ASP C 485 10.21 32.50 12.08
CA ASP C 485 10.41 33.72 11.30
C ASP C 485 9.44 33.73 10.12
N ALA C 486 8.62 32.69 10.05
CA ALA C 486 7.79 32.45 8.88
C ALA C 486 6.79 33.57 8.66
N TRP C 487 6.35 34.20 9.75
CA TRP C 487 5.30 35.22 9.66
C TRP C 487 5.72 36.45 8.84
N LYS C 488 7.02 36.72 8.77
CA LYS C 488 7.48 37.89 8.05
C LYS C 488 7.27 37.74 6.56
N GLN C 489 7.14 36.50 6.09
CA GLN C 489 6.83 36.28 4.67
C GLN C 489 5.42 36.72 4.29
N TYR C 490 4.55 36.92 5.28
CA TYR C 490 3.18 37.30 4.95
C TYR C 490 2.90 38.74 5.34
N MET C 491 3.96 39.51 5.53
CA MET C 491 3.80 40.89 5.97
C MET C 491 4.77 41.79 5.25
N ARG C 492 4.52 43.09 5.34
CA ARG C 492 5.45 44.06 4.77
C ARG C 492 6.05 44.93 5.87
N ARG C 493 7.34 45.21 5.71
CA ARG C 493 8.10 45.92 6.71
C ARG C 493 8.26 47.38 6.33
N SER C 494 8.21 48.25 7.33
CA SER C 494 8.54 49.66 7.12
C SER C 494 9.44 50.14 8.23
N THR C 495 10.36 51.04 7.87
CA THR C 495 11.14 51.78 8.85
C THR C 495 10.53 53.15 9.04
N CYS C 496 10.02 53.38 10.24
CA CYS C 496 9.29 54.59 10.56
C CYS C 496 10.11 55.47 11.49
N THR C 497 10.47 56.65 10.99
CA THR C 497 11.29 57.57 11.77
C THR C 497 10.38 58.64 12.35
N ILE C 498 10.42 58.80 13.67
CA ILE C 498 9.58 59.78 14.34
C ILE C 498 10.44 60.67 15.23
N ASN C 499 10.01 61.92 15.37
CA ASN C 499 10.67 62.94 16.19
C ASN C 499 10.09 63.01 17.61
N TYR C 500 10.79 62.48 18.61
CA TYR C 500 10.17 62.32 19.93
C TYR C 500 10.68 63.27 21.01
N SER C 501 11.91 63.76 20.88
CA SER C 501 12.44 64.74 21.83
C SER C 501 12.92 65.99 21.12
N LYS C 502 12.25 67.11 21.38
CA LYS C 502 12.70 68.40 20.87
C LYS C 502 14.01 68.77 21.55
N ASP C 503 15.01 69.15 20.75
CA ASP C 503 16.33 69.48 21.28
C ASP C 503 16.32 70.82 22.04
N LEU C 504 16.91 70.83 23.22
CA LEU C 504 16.94 72.03 24.06
C LEU C 504 18.09 72.95 23.65
N PRO C 505 17.89 74.28 23.79
CA PRO C 505 18.91 75.27 23.41
C PRO C 505 20.20 75.15 24.23
N LEU C 506 21.33 75.29 23.55
CA LEU C 506 22.63 75.09 24.19
C LEU C 506 23.53 76.34 24.09
N ALA C 507 24.09 76.73 25.22
CA ALA C 507 25.12 77.76 25.25
C ALA C 507 26.25 77.26 26.14
N GLN C 508 27.45 77.18 25.57
CA GLN C 508 28.62 76.59 26.22
C GLN C 508 28.30 75.26 26.91
N GLY C 509 27.58 74.40 26.19
CA GLY C 509 27.31 73.05 26.66
C GLY C 509 26.27 72.93 27.76
N ILE C 510 25.73 74.06 28.21
CA ILE C 510 24.65 74.04 29.19
C ILE C 510 23.30 74.05 28.46
N LYS C 511 22.44 73.10 28.79
CA LYS C 511 21.09 73.04 28.23
C LYS C 511 20.14 73.96 28.99
N PHE C 512 19.50 74.89 28.27
CA PHE C 512 18.51 75.80 28.86
C PHE C 512 17.12 75.45 28.34
N GLN C 513 16.08 76.06 28.91
CA GLN C 513 14.71 75.78 28.47
C GLN C 513 14.45 76.39 27.08
N THR D 5 41.09 68.06 -24.36
CA THR D 5 42.06 67.22 -23.69
C THR D 5 41.43 66.61 -22.44
N LEU D 6 42.04 65.55 -21.93
CA LEU D 6 41.48 64.85 -20.78
C LEU D 6 41.81 65.59 -19.49
N LEU D 7 40.81 65.71 -18.62
CA LEU D 7 41.00 66.35 -17.34
C LEU D 7 42.16 65.71 -16.55
N ILE D 8 42.29 64.39 -16.63
CA ILE D 8 43.32 63.70 -15.85
C ILE D 8 44.73 64.05 -16.33
N ASN D 9 44.83 64.65 -17.52
CA ASN D 9 46.12 65.09 -18.05
C ASN D 9 46.40 66.56 -17.76
N GLN D 10 45.45 67.22 -17.09
CA GLN D 10 45.63 68.60 -16.67
C GLN D 10 46.16 68.65 -15.23
N PRO D 11 47.16 69.51 -14.97
CA PRO D 11 47.82 69.63 -13.67
C PRO D 11 46.88 69.73 -12.47
N GLN D 12 45.78 70.45 -12.60
CA GLN D 12 44.90 70.70 -11.46
C GLN D 12 44.12 69.44 -11.04
N TYR D 13 44.09 68.43 -11.90
CA TYR D 13 43.41 67.17 -11.58
C TYR D 13 44.39 66.05 -11.30
N ALA D 14 45.65 66.39 -11.04
CA ALA D 14 46.69 65.42 -10.76
C ALA D 14 46.31 64.51 -9.61
N TRP D 15 45.42 64.98 -8.74
CA TRP D 15 45.00 64.22 -7.55
C TRP D 15 44.30 62.91 -7.90
N LEU D 16 43.77 62.82 -9.12
CA LEU D 16 43.10 61.60 -9.59
C LEU D 16 44.07 60.43 -9.60
N LYS D 17 45.36 60.74 -9.81
CA LYS D 17 46.39 59.72 -9.86
C LYS D 17 46.58 59.05 -8.49
N GLU D 18 46.14 59.71 -7.44
CA GLU D 18 46.19 59.12 -6.09
C GLU D 18 45.27 57.91 -5.98
N LEU D 19 44.26 57.84 -6.85
CA LEU D 19 43.33 56.72 -6.88
C LEU D 19 43.78 55.63 -7.85
N GLY D 20 44.99 55.79 -8.36
CA GLY D 20 45.56 54.81 -9.27
C GLY D 20 45.00 54.93 -10.68
N LEU D 21 44.39 56.08 -10.97
CA LEU D 21 43.75 56.31 -12.26
C LEU D 21 44.75 56.89 -13.28
N ARG D 22 44.58 56.52 -14.54
CA ARG D 22 45.46 56.92 -15.64
C ARG D 22 44.64 57.47 -16.79
N GLU D 23 45.31 57.89 -17.86
CA GLU D 23 44.64 58.34 -19.08
C GLU D 23 43.67 57.28 -19.61
N GLU D 24 44.12 56.03 -19.62
CA GLU D 24 43.24 54.93 -19.99
C GLU D 24 43.34 53.81 -18.96
N ASN D 25 42.19 53.40 -18.45
CA ASN D 25 42.15 52.47 -17.35
C ASN D 25 41.57 51.13 -17.71
N GLU D 26 41.95 50.12 -16.93
CA GLU D 26 41.37 48.79 -17.11
C GLU D 26 40.08 48.70 -16.32
N GLY D 27 39.00 48.27 -16.96
CA GLY D 27 37.70 48.17 -16.30
C GLY D 27 37.30 46.77 -15.87
N VAL D 28 38.22 45.83 -16.02
CA VAL D 28 38.00 44.48 -15.50
C VAL D 28 39.02 44.15 -14.45
N TYR D 29 38.55 43.68 -13.31
CA TYR D 29 39.41 43.13 -12.27
C TYR D 29 38.88 41.77 -11.81
N ASN D 30 39.71 40.75 -11.90
CA ASN D 30 39.38 39.43 -11.40
C ASN D 30 40.57 38.82 -10.65
N GLY D 31 41.43 39.68 -10.14
CA GLY D 31 42.75 39.28 -9.66
C GLY D 31 43.81 39.81 -10.61
N SER D 32 43.47 39.83 -11.90
CA SER D 32 44.23 40.60 -12.89
C SER D 32 43.39 41.76 -13.37
N TRP D 33 44.06 42.81 -13.85
CA TRP D 33 43.38 43.95 -14.44
C TRP D 33 43.35 43.78 -15.95
N GLY D 34 42.19 43.97 -16.56
CA GLY D 34 42.10 43.82 -18.01
C GLY D 34 40.91 44.54 -18.63
N GLY D 35 40.45 44.05 -19.79
CA GLY D 35 39.37 44.70 -20.50
C GLY D 35 39.59 44.69 -21.99
N ARG D 36 38.89 43.81 -22.69
CA ARG D 36 39.01 43.71 -24.14
C ARG D 36 37.80 44.29 -24.83
N GLY D 37 36.88 44.85 -24.04
CA GLY D 37 35.62 45.39 -24.54
C GLY D 37 35.74 46.80 -25.06
N GLU D 38 34.61 47.49 -25.24
CA GLU D 38 34.65 48.81 -25.85
C GLU D 38 35.31 49.78 -24.91
N VAL D 39 36.10 50.68 -25.47
CA VAL D 39 36.72 51.74 -24.68
C VAL D 39 35.72 52.86 -24.54
N ILE D 40 35.42 53.25 -23.31
CA ILE D 40 34.47 54.34 -23.11
C ILE D 40 35.18 55.53 -22.51
N THR D 41 34.67 56.72 -22.76
CA THR D 41 35.15 57.93 -22.12
C THR D 41 34.08 58.43 -21.15
N THR D 42 34.44 58.73 -19.91
CA THR D 42 33.45 59.32 -19.02
C THR D 42 33.74 60.81 -18.91
N TYR D 43 32.69 61.57 -18.61
CA TYR D 43 32.76 63.03 -18.68
C TYR D 43 32.40 63.70 -17.37
N CYS D 44 32.87 64.93 -17.21
CA CYS D 44 32.51 65.73 -16.05
C CYS D 44 31.22 66.47 -16.34
N PRO D 45 30.14 66.17 -15.59
CA PRO D 45 28.85 66.79 -15.97
C PRO D 45 28.78 68.28 -15.70
N ALA D 46 29.76 68.79 -14.96
CA ALA D 46 29.82 70.21 -14.67
C ALA D 46 30.33 71.04 -15.87
N ASN D 47 30.98 70.38 -16.81
CA ASN D 47 31.54 71.10 -17.96
C ASN D 47 31.59 70.30 -19.27
N ASN D 48 31.06 69.08 -19.24
CA ASN D 48 31.08 68.18 -20.39
C ASN D 48 32.47 67.90 -20.93
N GLU D 49 33.49 68.08 -20.11
CA GLU D 49 34.85 67.77 -20.53
C GLU D 49 35.22 66.33 -20.18
N PRO D 50 35.93 65.65 -21.10
CA PRO D 50 36.27 64.25 -20.85
C PRO D 50 37.27 64.14 -19.71
N ILE D 51 37.08 63.15 -18.83
CA ILE D 51 37.97 62.95 -17.70
C ILE D 51 39.09 61.96 -18.01
N ALA D 52 38.71 60.74 -18.41
CA ALA D 52 39.67 59.69 -18.74
C ALA D 52 38.90 58.57 -19.40
N ARG D 53 39.61 57.51 -19.79
CA ARG D 53 38.99 56.39 -20.51
C ARG D 53 39.04 55.09 -19.73
N VAL D 54 38.09 54.20 -20.01
CA VAL D 54 38.02 52.91 -19.34
C VAL D 54 37.75 51.82 -20.35
N ARG D 55 38.58 50.78 -20.35
CA ARG D 55 38.36 49.65 -21.26
C ARG D 55 37.39 48.70 -20.59
N GLN D 56 36.20 48.57 -21.14
CA GLN D 56 35.19 47.73 -20.48
C GLN D 56 35.42 46.22 -20.72
N ALA D 57 34.61 45.41 -20.05
CA ALA D 57 34.61 43.97 -20.23
C ALA D 57 33.98 43.60 -21.57
N SER D 58 34.63 42.72 -22.33
CA SER D 58 33.94 41.99 -23.40
C SER D 58 33.11 40.91 -22.74
N VAL D 59 32.22 40.27 -23.49
CA VAL D 59 31.47 39.15 -22.94
C VAL D 59 32.41 38.04 -22.51
N ALA D 60 33.53 37.89 -23.23
CA ALA D 60 34.53 36.89 -22.87
C ALA D 60 35.24 37.25 -21.56
N ASP D 61 35.53 38.53 -21.35
CA ASP D 61 36.04 38.96 -20.04
C ASP D 61 35.07 38.61 -18.93
N TYR D 62 33.78 38.84 -19.16
CA TYR D 62 32.77 38.53 -18.15
C TYR D 62 32.85 37.04 -17.83
N GLU D 63 32.81 36.23 -18.88
CA GLU D 63 32.87 34.78 -18.75
C GLU D 63 34.09 34.32 -17.93
N GLU D 64 35.27 34.86 -18.25
CA GLU D 64 36.48 34.43 -17.55
C GLU D 64 36.44 34.90 -16.10
N THR D 65 35.83 36.04 -15.87
CA THR D 65 35.81 36.64 -14.55
C THR D 65 34.88 35.83 -13.62
N VAL D 66 33.73 35.38 -14.13
CA VAL D 66 32.82 34.53 -13.36
C VAL D 66 33.51 33.25 -12.92
N LYS D 67 34.26 32.62 -13.83
CA LYS D 67 34.95 31.40 -13.48
C LYS D 67 36.01 31.66 -12.42
N LYS D 68 36.71 32.79 -12.51
CA LYS D 68 37.73 33.10 -11.50
C LYS D 68 37.08 33.40 -10.15
N ALA D 69 35.97 34.11 -10.15
CA ALA D 69 35.27 34.41 -8.89
C ALA D 69 34.79 33.11 -8.24
N ARG D 70 34.25 32.18 -9.03
CA ARG D 70 33.78 30.90 -8.50
C ARG D 70 34.92 30.06 -7.92
N GLU D 71 36.07 30.08 -8.58
CA GLU D 71 37.25 29.40 -8.02
C GLU D 71 37.68 30.07 -6.73
N ALA D 72 37.70 31.40 -6.73
CA ALA D 72 38.05 32.17 -5.53
C ALA D 72 37.12 31.87 -4.35
N TRP D 73 35.86 31.59 -4.68
CA TRP D 73 34.85 31.35 -3.66
C TRP D 73 35.22 30.14 -2.80
N LYS D 74 35.89 29.17 -3.41
CA LYS D 74 36.25 27.95 -2.68
C LYS D 74 37.22 28.24 -1.54
N ILE D 75 38.10 29.21 -1.75
CA ILE D 75 38.98 29.70 -0.70
C ILE D 75 38.22 30.55 0.32
N TRP D 76 37.46 31.52 -0.19
CA TRP D 76 36.81 32.53 0.65
C TRP D 76 35.77 31.93 1.59
N ALA D 77 35.03 30.94 1.09
CA ALA D 77 33.97 30.31 1.89
C ALA D 77 34.56 29.57 3.09
N ASP D 78 35.82 29.19 2.98
CA ASP D 78 36.50 28.46 4.05
C ASP D 78 37.10 29.38 5.11
N ILE D 79 37.14 30.67 4.83
CA ILE D 79 37.58 31.66 5.83
C ILE D 79 36.44 31.94 6.83
N PRO D 80 36.69 31.73 8.13
CA PRO D 80 35.68 31.95 9.18
C PRO D 80 35.07 33.36 9.08
N ALA D 81 33.76 33.48 9.26
CA ALA D 81 33.08 34.79 9.15
C ALA D 81 33.78 35.95 9.93
N PRO D 82 34.24 35.72 11.19
CA PRO D 82 34.90 36.87 11.85
C PRO D 82 36.18 37.33 11.15
N LYS D 83 36.92 36.41 10.56
CA LYS D 83 38.07 36.77 9.76
C LYS D 83 37.65 37.47 8.46
N ARG D 84 36.50 37.07 7.91
CA ARG D 84 35.97 37.78 6.75
C ARG D 84 35.59 39.20 7.18
N GLY D 85 35.01 39.32 8.37
CA GLY D 85 34.68 40.62 8.93
C GLY D 85 35.91 41.50 9.06
N GLU D 86 37.03 40.90 9.44
CA GLU D 86 38.30 41.64 9.55
C GLU D 86 38.76 42.15 8.19
N ILE D 87 38.57 41.37 7.14
CA ILE D 87 38.91 41.87 5.81
C ILE D 87 38.04 43.08 5.48
N VAL D 88 36.75 42.99 5.79
CA VAL D 88 35.84 44.10 5.53
C VAL D 88 36.22 45.33 6.38
N ARG D 89 36.68 45.13 7.63
CA ARG D 89 37.19 46.23 8.46
C ARG D 89 38.34 46.94 7.75
N GLN D 90 39.25 46.16 7.17
CA GLN D 90 40.41 46.74 6.48
C GLN D 90 39.98 47.50 5.22
N ILE D 91 38.93 47.04 4.58
CA ILE D 91 38.40 47.77 3.43
C ILE D 91 37.92 49.14 3.92
N GLY D 92 37.20 49.15 5.06
CA GLY D 92 36.71 50.39 5.64
C GLY D 92 37.84 51.37 5.91
N ASP D 93 38.90 50.89 6.56
CA ASP D 93 40.09 51.69 6.80
C ASP D 93 40.76 52.20 5.52
N ALA D 94 40.79 51.37 4.48
CA ALA D 94 41.44 51.79 3.23
C ALA D 94 40.62 52.90 2.56
N LEU D 95 39.30 52.80 2.67
CA LEU D 95 38.40 53.83 2.15
C LEU D 95 38.59 55.14 2.92
N ARG D 96 38.67 55.02 4.26
CA ARG D 96 38.97 56.17 5.11
C ARG D 96 40.19 56.93 4.64
N GLU D 97 41.24 56.19 4.32
CA GLU D 97 42.51 56.82 3.95
C GLU D 97 42.42 57.63 2.66
N LYS D 98 41.49 57.25 1.78
CA LYS D 98 41.36 57.97 0.52
C LYS D 98 40.03 58.72 0.45
N ILE D 99 39.38 58.95 1.58
CA ILE D 99 38.02 59.46 1.55
C ILE D 99 37.92 60.82 0.82
N GLN D 100 38.91 61.71 1.01
CA GLN D 100 38.86 63.03 0.36
C GLN D 100 39.00 62.94 -1.17
N VAL D 101 39.96 62.16 -1.67
CA VAL D 101 40.13 62.14 -3.12
C VAL D 101 39.03 61.31 -3.77
N LEU D 102 38.60 60.23 -3.11
CA LEU D 102 37.52 59.42 -3.65
C LEU D 102 36.22 60.24 -3.64
N GLY D 103 36.01 60.99 -2.56
CA GLY D 103 34.87 61.89 -2.49
C GLY D 103 34.92 62.90 -3.62
N SER D 104 36.11 63.42 -3.90
CA SER D 104 36.29 64.38 -4.98
C SER D 104 36.03 63.77 -6.35
N LEU D 105 36.38 62.49 -6.51
CA LEU D 105 36.12 61.82 -7.77
C LEU D 105 34.60 61.63 -7.95
N VAL D 106 33.90 61.31 -6.87
CA VAL D 106 32.44 61.20 -6.95
C VAL D 106 31.84 62.52 -7.43
N SER D 107 32.26 63.63 -6.83
CA SER D 107 31.76 64.93 -7.29
C SER D 107 32.13 65.22 -8.73
N LEU D 108 33.32 64.80 -9.15
CA LEU D 108 33.82 65.12 -10.50
C LEU D 108 33.14 64.34 -11.60
N GLU D 109 32.98 63.02 -11.40
CA GLU D 109 32.47 62.14 -12.44
C GLU D 109 30.95 62.02 -12.34
N MET D 110 30.43 62.01 -11.13
CA MET D 110 28.98 61.84 -10.97
C MET D 110 28.27 63.19 -10.92
N GLY D 111 28.80 64.14 -10.14
CA GLY D 111 28.26 65.49 -10.19
C GLY D 111 27.56 65.97 -8.93
N LYS D 112 27.47 65.13 -7.88
CA LYS D 112 26.87 65.59 -6.63
C LYS D 112 27.89 66.46 -5.89
N ILE D 113 27.44 67.32 -4.98
CA ILE D 113 28.37 68.23 -4.30
C ILE D 113 29.35 67.52 -3.37
N LEU D 114 30.46 68.20 -3.05
CA LEU D 114 31.59 67.52 -2.44
C LEU D 114 31.25 66.86 -1.12
N VAL D 115 30.49 67.55 -0.27
CA VAL D 115 30.15 66.98 1.04
C VAL D 115 29.31 65.73 0.89
N GLU D 116 28.60 65.60 -0.23
CA GLU D 116 27.81 64.41 -0.43
C GLU D 116 28.66 63.30 -1.02
N GLY D 117 29.66 63.66 -1.84
CA GLY D 117 30.58 62.65 -2.35
C GLY D 117 31.37 62.03 -1.20
N VAL D 118 31.90 62.89 -0.34
CA VAL D 118 32.65 62.44 0.84
C VAL D 118 31.69 61.65 1.76
N GLY D 119 30.50 62.21 1.96
CA GLY D 119 29.48 61.55 2.76
C GLY D 119 29.08 60.17 2.24
N GLU D 120 29.11 59.97 0.92
CA GLU D 120 28.74 58.65 0.40
C GLU D 120 29.84 57.62 0.66
N VAL D 121 31.10 58.04 0.51
CA VAL D 121 32.22 57.18 0.88
C VAL D 121 32.13 56.83 2.38
N GLN D 122 31.85 57.82 3.21
CA GLN D 122 31.68 57.60 4.66
C GLN D 122 30.58 56.57 4.98
N GLU D 123 29.51 56.57 4.20
CA GLU D 123 28.48 55.53 4.38
C GLU D 123 29.06 54.14 4.18
N TYR D 124 29.94 54.00 3.19
CA TYR D 124 30.55 52.71 2.91
C TYR D 124 31.47 52.37 4.10
N VAL D 125 32.27 53.35 4.54
CA VAL D 125 33.12 53.17 5.71
C VAL D 125 32.30 52.71 6.91
N ASP D 126 31.15 53.35 7.13
CA ASP D 126 30.29 53.04 8.26
C ASP D 126 29.73 51.62 8.15
N ILE D 127 29.37 51.24 6.93
CA ILE D 127 28.84 49.92 6.66
C ILE D 127 29.90 48.86 6.97
N CYS D 128 31.16 49.17 6.62
CA CYS D 128 32.26 48.27 6.95
C CYS D 128 32.44 48.16 8.47
N ASP D 129 32.45 49.29 9.17
CA ASP D 129 32.54 49.28 10.63
C ASP D 129 31.45 48.43 11.27
N TYR D 130 30.25 48.53 10.72
CA TYR D 130 29.11 47.78 11.24
C TYR D 130 29.25 46.27 10.96
N ALA D 131 29.72 45.94 9.76
CA ALA D 131 29.86 44.54 9.31
C ALA D 131 30.82 43.71 10.16
N VAL D 132 31.86 44.35 10.71
CA VAL D 132 32.83 43.63 11.51
C VAL D 132 32.18 42.99 12.73
N GLY D 133 31.29 43.73 13.37
CA GLY D 133 30.57 43.25 14.53
C GLY D 133 29.56 42.20 14.09
N LEU D 134 28.85 42.50 13.00
CA LEU D 134 27.84 41.59 12.47
C LEU D 134 28.41 40.22 12.11
N SER D 135 29.67 40.19 11.68
CA SER D 135 30.30 38.95 11.24
C SER D 135 30.41 37.93 12.38
N ARG D 136 30.35 38.41 13.61
CA ARG D 136 30.41 37.52 14.78
C ARG D 136 29.07 36.83 15.01
N MET D 137 28.01 37.38 14.44
CA MET D 137 26.64 36.98 14.76
C MET D 137 25.96 36.13 13.67
N ILE D 138 26.72 35.70 12.68
CA ILE D 138 26.14 34.93 11.60
C ILE D 138 26.00 33.45 11.98
N GLY D 139 24.77 32.98 12.15
CA GLY D 139 24.52 31.58 12.44
C GLY D 139 23.10 31.39 12.94
N GLY D 140 22.68 30.14 13.11
CA GLY D 140 21.33 29.88 13.58
C GLY D 140 21.34 28.96 14.78
N PRO D 141 20.15 28.77 15.38
CA PRO D 141 19.99 27.96 16.59
C PRO D 141 20.09 26.46 16.36
N ILE D 142 20.61 25.77 17.37
CA ILE D 142 20.41 24.34 17.57
C ILE D 142 19.23 24.17 18.51
N LEU D 143 18.22 23.44 18.07
CA LEU D 143 17.03 23.22 18.89
C LEU D 143 16.89 21.73 19.14
N PRO D 144 16.36 21.35 20.30
CA PRO D 144 16.16 19.92 20.55
C PRO D 144 15.01 19.43 19.70
N SER D 145 15.10 18.17 19.28
CA SER D 145 14.00 17.55 18.59
C SER D 145 13.04 16.95 19.61
N GLU D 146 11.83 16.64 19.17
CA GLU D 146 10.90 15.86 19.97
C GLU D 146 11.46 14.47 20.22
N ARG D 147 12.38 14.03 19.36
CA ARG D 147 12.93 12.69 19.49
C ARG D 147 14.29 12.72 20.17
N SER D 148 14.47 11.81 21.11
CA SER D 148 15.72 11.66 21.86
C SER D 148 16.87 11.37 20.91
N GLY D 149 18.01 12.01 21.12
CA GLY D 149 19.18 11.76 20.29
C GLY D 149 19.16 12.48 18.94
N HIS D 150 18.13 13.29 18.68
CA HIS D 150 18.06 14.07 17.44
C HIS D 150 18.24 15.56 17.72
N ALA D 151 19.01 16.22 16.86
CA ALA D 151 19.22 17.65 16.91
C ALA D 151 18.62 18.32 15.68
N LEU D 152 18.07 19.52 15.87
CA LEU D 152 17.54 20.33 14.78
C LEU D 152 18.39 21.58 14.65
N ILE D 153 19.07 21.70 13.53
CA ILE D 153 20.01 22.79 13.35
C ILE D 153 19.59 23.68 12.21
N GLU D 154 19.49 24.98 12.50
CA GLU D 154 19.25 25.95 11.46
C GLU D 154 20.61 26.34 10.92
N GLN D 155 20.89 25.94 9.68
CA GLN D 155 22.20 26.20 9.07
C GLN D 155 22.16 27.30 8.01
N TRP D 156 23.10 28.25 8.07
CA TRP D 156 23.23 29.30 7.07
C TRP D 156 24.54 29.14 6.30
N ASN D 157 24.42 29.04 4.97
CA ASN D 157 25.56 28.95 4.07
C ASN D 157 25.56 30.09 3.05
N PRO D 158 26.73 30.44 2.51
CA PRO D 158 26.81 31.45 1.45
C PRO D 158 25.95 31.08 0.24
N VAL D 159 25.38 32.05 -0.48
CA VAL D 159 24.70 31.68 -1.72
C VAL D 159 25.74 31.35 -2.79
N GLY D 160 26.95 31.90 -2.66
CA GLY D 160 28.01 31.70 -3.64
C GLY D 160 28.49 32.99 -4.27
N LEU D 161 28.05 33.23 -5.50
CA LEU D 161 28.41 34.46 -6.21
C LEU D 161 27.26 35.45 -6.20
N VAL D 162 27.52 36.64 -5.67
CA VAL D 162 26.56 37.72 -5.66
C VAL D 162 26.93 38.73 -6.75
N GLY D 163 26.07 38.85 -7.75
CA GLY D 163 26.26 39.84 -8.79
C GLY D 163 25.63 41.14 -8.34
N ILE D 164 26.34 42.25 -8.58
CA ILE D 164 25.86 43.53 -8.08
C ILE D 164 25.87 44.55 -9.19
N ILE D 165 24.70 45.04 -9.52
CA ILE D 165 24.54 46.05 -10.57
C ILE D 165 24.06 47.34 -9.90
N THR D 166 24.82 48.42 -10.07
CA THR D 166 24.47 49.67 -9.41
C THR D 166 24.23 50.80 -10.40
N ALA D 167 23.82 51.95 -9.87
CA ALA D 167 23.30 53.02 -10.71
C ALA D 167 24.23 54.21 -10.61
N PHE D 168 23.97 55.23 -11.43
CA PHE D 168 24.84 56.40 -11.44
C PHE D 168 24.77 57.23 -10.15
N ASN D 169 23.65 57.20 -9.44
CA ASN D 169 23.40 58.30 -8.50
C ASN D 169 24.04 58.07 -7.14
N PHE D 170 24.18 56.80 -6.76
CA PHE D 170 25.01 56.42 -5.63
C PHE D 170 26.02 55.38 -6.10
N PRO D 171 27.09 55.86 -6.73
CA PRO D 171 28.02 54.99 -7.42
C PRO D 171 29.02 54.34 -6.49
N VAL D 172 29.01 54.68 -5.19
CA VAL D 172 29.89 54.00 -4.23
C VAL D 172 29.13 53.18 -3.18
N ALA D 173 28.12 53.79 -2.52
CA ALA D 173 27.64 53.23 -1.27
C ALA D 173 26.66 52.08 -1.46
N VAL D 174 25.97 52.04 -2.59
CA VAL D 174 25.04 50.95 -2.83
C VAL D 174 25.84 49.68 -3.08
N TYR D 175 26.89 49.78 -3.89
CA TYR D 175 27.82 48.66 -4.03
C TYR D 175 28.42 48.29 -2.67
N GLY D 176 28.87 49.31 -1.95
CA GLY D 176 29.50 49.10 -0.66
C GLY D 176 28.65 48.31 0.34
N TRP D 177 27.37 48.67 0.47
CA TRP D 177 26.45 47.96 1.35
C TRP D 177 26.29 46.51 0.94
N ASN D 178 26.15 46.29 -0.36
CA ASN D 178 25.98 44.93 -0.87
C ASN D 178 27.25 44.12 -0.68
N ASN D 179 28.37 44.74 -1.02
CA ASN D 179 29.68 44.12 -0.91
C ASN D 179 30.05 43.71 0.52
N ALA D 180 29.96 44.65 1.45
CA ALA D 180 30.33 44.38 2.84
C ALA D 180 29.52 43.24 3.45
N ILE D 181 28.20 43.24 3.21
CA ILE D 181 27.38 42.20 3.80
C ILE D 181 27.56 40.87 3.06
N ALA D 182 27.63 40.91 1.72
CA ALA D 182 27.85 39.67 0.97
C ALA D 182 29.18 39.04 1.39
N MET D 183 30.21 39.88 1.61
CA MET D 183 31.54 39.39 1.99
C MET D 183 31.57 38.69 3.35
N ILE D 184 30.98 39.30 4.38
CA ILE D 184 31.05 38.66 5.69
C ILE D 184 30.22 37.37 5.67
N CYS D 185 29.23 37.31 4.77
CA CYS D 185 28.43 36.10 4.59
C CYS D 185 29.11 35.00 3.78
N GLY D 186 30.36 35.21 3.38
CA GLY D 186 31.11 34.17 2.73
C GLY D 186 30.90 34.07 1.24
N ASN D 187 30.35 35.14 0.64
CA ASN D 187 30.12 35.21 -0.79
C ASN D 187 31.25 35.93 -1.50
N VAL D 188 31.46 35.57 -2.76
CA VAL D 188 32.22 36.41 -3.66
C VAL D 188 31.28 37.31 -4.46
N CYS D 189 31.80 38.43 -4.95
CA CYS D 189 30.99 39.44 -5.62
C CYS D 189 31.49 39.76 -7.03
N LEU D 190 30.58 40.11 -7.93
CA LEU D 190 30.94 40.60 -9.25
C LEU D 190 30.16 41.91 -9.51
N TRP D 191 30.88 43.01 -9.70
CA TRP D 191 30.27 44.34 -9.79
C TRP D 191 30.20 44.90 -11.21
N LYS D 192 29.01 45.32 -11.63
CA LYS D 192 28.88 46.08 -12.86
C LYS D 192 28.19 47.40 -12.52
N GLY D 193 28.93 48.50 -12.58
CA GLY D 193 28.39 49.80 -12.24
C GLY D 193 27.82 50.50 -13.45
N ALA D 194 27.26 51.69 -13.22
CA ALA D 194 26.80 52.53 -14.31
C ALA D 194 27.99 52.92 -15.20
N PRO D 195 27.83 52.79 -16.53
CA PRO D 195 28.97 53.07 -17.43
C PRO D 195 29.49 54.50 -17.30
N THR D 196 28.62 55.44 -16.94
CA THR D 196 29.00 56.84 -16.80
C THR D 196 29.66 57.15 -15.43
N THR D 197 29.78 56.15 -14.56
CA THR D 197 30.57 56.32 -13.34
C THR D 197 31.65 55.23 -13.26
N SER D 198 32.23 54.92 -14.43
CA SER D 198 33.24 53.86 -14.52
C SER D 198 34.52 54.15 -13.73
N LEU D 199 34.98 55.39 -13.71
CA LEU D 199 36.21 55.72 -12.98
C LEU D 199 36.01 55.48 -11.49
N ILE D 200 34.81 55.78 -11.01
CA ILE D 200 34.48 55.56 -9.62
C ILE D 200 34.52 54.06 -9.32
N SER D 201 33.93 53.24 -10.19
CA SER D 201 33.96 51.79 -10.01
C SER D 201 35.38 51.26 -9.97
N VAL D 202 36.19 51.70 -10.94
CA VAL D 202 37.61 51.35 -10.99
C VAL D 202 38.35 51.80 -9.71
N ALA D 203 38.13 53.04 -9.28
CA ALA D 203 38.83 53.56 -8.10
C ALA D 203 38.49 52.78 -6.83
N VAL D 204 37.21 52.49 -6.64
CA VAL D 204 36.78 51.69 -5.49
C VAL D 204 37.41 50.32 -5.55
N THR D 205 37.41 49.71 -6.74
CA THR D 205 37.95 48.36 -6.89
C THR D 205 39.46 48.31 -6.65
N LYS D 206 40.18 49.38 -7.02
CA LYS D 206 41.62 49.49 -6.74
C LYS D 206 41.88 49.44 -5.24
N ILE D 207 41.04 50.13 -4.49
CA ILE D 207 41.18 50.18 -3.04
C ILE D 207 40.94 48.79 -2.44
N ILE D 208 39.87 48.14 -2.85
CA ILE D 208 39.53 46.81 -2.35
C ILE D 208 40.59 45.77 -2.77
N ALA D 209 41.03 45.86 -4.03
CA ALA D 209 42.01 44.93 -4.56
C ALA D 209 43.28 44.90 -3.70
N LYS D 210 43.77 46.08 -3.32
CA LYS D 210 44.98 46.20 -2.52
C LYS D 210 44.82 45.50 -1.16
N VAL D 211 43.64 45.65 -0.56
CA VAL D 211 43.39 44.98 0.72
C VAL D 211 43.43 43.45 0.52
N LEU D 212 42.77 42.95 -0.51
CA LEU D 212 42.74 41.50 -0.78
C LEU D 212 44.14 40.97 -1.06
N GLU D 213 44.88 41.66 -1.94
CA GLU D 213 46.27 41.31 -2.24
C GLU D 213 47.18 41.33 -1.02
N ASP D 214 47.09 42.37 -0.19
CA ASP D 214 47.90 42.45 1.01
C ASP D 214 47.61 41.30 1.98
N ASN D 215 46.38 40.78 1.92
CA ASN D 215 45.99 39.67 2.80
C ASN D 215 46.15 38.31 2.13
N LYS D 216 46.80 38.32 0.97
CA LYS D 216 47.07 37.11 0.19
C LYS D 216 45.77 36.36 -0.10
N LEU D 217 44.73 37.12 -0.43
CA LEU D 217 43.44 36.56 -0.85
C LEU D 217 43.24 36.77 -2.34
N PRO D 218 42.54 35.85 -3.01
CA PRO D 218 42.34 35.99 -4.46
C PRO D 218 41.52 37.24 -4.77
N GLY D 219 42.01 38.04 -5.69
CA GLY D 219 41.32 39.27 -6.05
C GLY D 219 39.88 39.11 -6.52
N ALA D 220 39.57 37.98 -7.12
CA ALA D 220 38.24 37.78 -7.71
C ALA D 220 37.12 37.70 -6.67
N ILE D 221 37.48 37.65 -5.38
CA ILE D 221 36.47 37.75 -4.32
C ILE D 221 35.63 39.03 -4.52
N CYS D 222 36.26 40.09 -5.03
CA CYS D 222 35.53 41.31 -5.35
C CYS D 222 35.80 41.71 -6.80
N SER D 223 35.20 40.95 -7.72
CA SER D 223 35.46 41.17 -9.14
C SER D 223 34.73 42.38 -9.69
N LEU D 224 35.30 42.97 -10.73
CA LEU D 224 34.71 44.10 -11.42
C LEU D 224 34.62 43.79 -12.91
N THR D 225 33.45 43.99 -13.51
CA THR D 225 33.34 43.92 -14.96
C THR D 225 32.59 45.15 -15.43
N CYS D 226 33.30 46.25 -15.68
CA CYS D 226 32.64 47.43 -16.22
C CYS D 226 31.99 47.10 -17.56
N GLY D 227 30.79 47.60 -17.78
CA GLY D 227 30.14 47.39 -19.06
C GLY D 227 28.73 47.91 -19.06
N GLY D 228 28.05 47.75 -20.20
CA GLY D 228 26.71 48.25 -20.39
C GLY D 228 25.67 47.17 -20.33
N ALA D 229 24.63 47.33 -21.15
CA ALA D 229 23.46 46.44 -21.15
C ALA D 229 23.83 44.95 -21.33
N ASP D 230 24.74 44.64 -22.23
CA ASP D 230 25.11 43.26 -22.51
C ASP D 230 25.66 42.55 -21.25
N ILE D 231 26.49 43.25 -20.48
CA ILE D 231 27.04 42.65 -19.26
C ILE D 231 25.95 42.46 -18.18
N GLY D 232 25.12 43.47 -17.97
CA GLY D 232 24.03 43.37 -17.02
C GLY D 232 23.07 42.23 -17.38
N THR D 233 22.76 42.12 -18.66
CA THR D 233 21.88 41.05 -19.13
C THR D 233 22.52 39.67 -18.93
N ALA D 234 23.82 39.56 -19.25
CA ALA D 234 24.53 38.30 -19.02
C ALA D 234 24.43 37.85 -17.56
N MET D 235 24.65 38.78 -16.63
CA MET D 235 24.56 38.50 -15.20
C MET D 235 23.16 38.04 -14.82
N ALA D 236 22.16 38.70 -15.38
CA ALA D 236 20.77 38.37 -15.06
C ALA D 236 20.42 36.96 -15.54
N LYS D 237 21.05 36.53 -16.63
CA LYS D 237 20.74 35.23 -17.24
C LYS D 237 21.67 34.11 -16.75
N ASP D 238 22.70 34.48 -16.00
CA ASP D 238 23.76 33.55 -15.64
C ASP D 238 23.42 32.71 -14.40
N GLU D 239 23.21 31.42 -14.60
CA GLU D 239 22.89 30.52 -13.50
C GLU D 239 23.99 30.45 -12.42
N ARG D 240 25.23 30.81 -12.79
CA ARG D 240 26.30 30.86 -11.79
C ARG D 240 26.21 32.07 -10.88
N VAL D 241 25.34 33.02 -11.21
CA VAL D 241 25.13 34.17 -10.35
C VAL D 241 23.98 33.81 -9.41
N ASN D 242 24.32 33.47 -8.18
CA ASN D 242 23.33 32.86 -7.27
C ASN D 242 22.34 33.87 -6.73
N LEU D 243 22.78 35.11 -6.60
CA LEU D 243 21.93 36.21 -6.16
C LEU D 243 22.30 37.42 -6.98
N LEU D 244 21.32 38.08 -7.58
CA LEU D 244 21.60 39.31 -8.32
C LEU D 244 20.97 40.50 -7.61
N SER D 245 21.81 41.38 -7.09
CA SER D 245 21.32 42.61 -6.49
C SER D 245 21.31 43.70 -7.54
N PHE D 246 20.15 44.27 -7.82
CA PHE D 246 20.04 45.33 -8.82
C PHE D 246 19.44 46.61 -8.23
N THR D 247 20.08 47.73 -8.55
CA THR D 247 19.59 49.05 -8.14
C THR D 247 19.59 49.93 -9.39
N GLY D 248 18.44 50.49 -9.75
CA GLY D 248 18.39 51.33 -10.93
C GLY D 248 16.98 51.62 -11.36
N SER D 249 16.79 51.85 -12.66
CA SER D 249 15.49 52.20 -13.19
C SER D 249 14.52 51.03 -13.12
N THR D 250 13.24 51.35 -12.99
CA THR D 250 12.19 50.35 -12.91
C THR D 250 12.11 49.51 -14.18
N GLN D 251 12.23 50.16 -15.34
CA GLN D 251 12.10 49.45 -16.61
C GLN D 251 13.15 48.35 -16.74
N VAL D 252 14.41 48.71 -16.49
CA VAL D 252 15.50 47.74 -16.57
C VAL D 252 15.39 46.68 -15.45
N GLY D 253 15.13 47.14 -14.22
CA GLY D 253 15.01 46.25 -13.09
C GLY D 253 13.98 45.14 -13.27
N LYS D 254 12.82 45.48 -13.79
CA LYS D 254 11.78 44.49 -14.07
C LYS D 254 12.27 43.41 -15.03
N GLN D 255 12.97 43.82 -16.08
CA GLN D 255 13.53 42.87 -17.04
C GLN D 255 14.54 41.97 -16.35
N VAL D 256 15.44 42.58 -15.56
CA VAL D 256 16.38 41.82 -14.75
C VAL D 256 15.66 40.82 -13.82
N GLY D 257 14.61 41.27 -13.15
CA GLY D 257 13.80 40.43 -12.28
C GLY D 257 13.20 39.23 -13.00
N LEU D 258 12.71 39.44 -14.21
CA LEU D 258 12.10 38.38 -15.00
C LEU D 258 13.14 37.35 -15.46
N MET D 259 14.30 37.83 -15.90
CA MET D 259 15.37 36.94 -16.33
C MET D 259 15.86 36.06 -15.19
N VAL D 260 16.02 36.67 -14.02
CA VAL D 260 16.44 35.91 -12.85
C VAL D 260 15.36 34.89 -12.47
N GLN D 261 14.11 35.30 -12.46
CA GLN D 261 13.02 34.38 -12.13
C GLN D 261 12.95 33.21 -13.11
N GLU D 262 13.17 33.52 -14.39
CA GLU D 262 13.17 32.51 -15.46
C GLU D 262 14.11 31.34 -15.16
N ARG D 263 15.22 31.61 -14.48
CA ARG D 263 16.19 30.57 -14.17
C ARG D 263 16.17 30.17 -12.70
N PHE D 264 15.09 30.53 -12.01
CA PHE D 264 14.94 30.27 -10.58
C PHE D 264 16.13 30.73 -9.76
N GLY D 265 16.74 31.84 -10.16
CA GLY D 265 17.76 32.47 -9.34
C GLY D 265 17.13 33.35 -8.27
N ARG D 266 17.95 34.03 -7.50
CA ARG D 266 17.46 34.97 -6.48
C ARG D 266 17.85 36.39 -6.85
N SER D 267 16.97 37.36 -6.58
CA SER D 267 17.30 38.76 -6.84
C SER D 267 16.90 39.67 -5.69
N LEU D 268 17.58 40.80 -5.60
CA LEU D 268 17.22 41.88 -4.70
C LEU D 268 17.13 43.11 -5.58
N LEU D 269 15.93 43.67 -5.67
CA LEU D 269 15.70 44.78 -6.59
C LEU D 269 15.40 46.06 -5.84
N GLU D 270 16.15 47.11 -6.15
CA GLU D 270 15.88 48.43 -5.59
C GLU D 270 15.60 49.41 -6.72
N LEU D 271 14.32 49.67 -6.98
CA LEU D 271 13.90 50.38 -8.19
C LEU D 271 13.20 51.71 -7.92
N GLY D 272 13.50 52.72 -8.73
CA GLY D 272 12.79 53.99 -8.78
C GLY D 272 12.21 54.70 -7.56
N GLY D 273 12.38 56.02 -7.49
CA GLY D 273 11.82 56.77 -6.39
C GLY D 273 10.76 57.79 -6.77
N ASN D 274 9.49 57.41 -6.62
CA ASN D 274 8.39 58.35 -6.79
C ASN D 274 7.84 58.76 -5.43
N ASN D 275 8.68 59.44 -4.65
CA ASN D 275 8.42 59.69 -3.23
C ASN D 275 7.55 60.90 -2.98
N ALA D 276 6.66 60.78 -2.01
CA ALA D 276 5.72 61.85 -1.73
C ALA D 276 5.89 62.45 -0.34
N ILE D 277 5.56 63.73 -0.24
CA ILE D 277 5.42 64.41 1.03
C ILE D 277 3.96 64.85 1.17
N ILE D 278 3.39 64.64 2.35
CA ILE D 278 2.03 65.12 2.60
C ILE D 278 2.05 66.10 3.77
N ALA D 279 1.58 67.32 3.50
CA ALA D 279 1.52 68.36 4.51
C ALA D 279 0.07 68.71 4.87
N PHE D 280 -0.35 68.29 6.06
CA PHE D 280 -1.71 68.54 6.52
C PHE D 280 -1.90 69.94 7.07
N GLU D 281 -3.16 70.33 7.27
CA GLU D 281 -3.52 71.69 7.68
C GLU D 281 -2.82 72.10 8.98
N ASP D 282 -2.57 71.12 9.86
CA ASP D 282 -1.98 71.41 11.16
C ASP D 282 -0.46 71.21 11.18
N ALA D 283 0.16 71.12 10.01
CA ALA D 283 1.59 70.89 9.95
C ALA D 283 2.39 72.13 10.30
N ASP D 284 3.56 71.91 10.88
CA ASP D 284 4.49 72.97 11.20
C ASP D 284 5.20 73.40 9.93
N LEU D 285 4.75 74.50 9.33
CA LEU D 285 5.30 74.97 8.05
C LEU D 285 6.81 75.22 8.13
N SER D 286 7.26 75.57 9.34
CA SER D 286 8.69 75.74 9.61
C SER D 286 9.47 74.45 9.42
N LEU D 287 8.80 73.30 9.57
CA LEU D 287 9.44 72.01 9.25
C LEU D 287 9.23 71.65 7.79
N VAL D 288 8.03 71.89 7.29
CA VAL D 288 7.63 71.47 5.95
C VAL D 288 8.50 72.07 4.85
N VAL D 289 8.63 73.39 4.84
CA VAL D 289 9.27 74.08 3.72
C VAL D 289 10.75 73.68 3.56
N PRO D 290 11.56 73.75 4.63
CA PRO D 290 12.95 73.30 4.40
C PRO D 290 13.09 71.81 4.11
N SER D 291 12.21 70.99 4.67
CA SER D 291 12.25 69.55 4.40
C SER D 291 11.89 69.28 2.94
N ALA D 292 10.85 69.95 2.45
CA ALA D 292 10.47 69.85 1.04
C ALA D 292 11.60 70.35 0.15
N LEU D 293 12.13 71.53 0.45
CA LEU D 293 13.25 72.08 -0.32
C LEU D 293 14.38 71.07 -0.47
N PHE D 294 14.95 70.64 0.66
CA PHE D 294 16.17 69.85 0.60
C PHE D 294 15.90 68.44 0.06
N ALA D 295 14.73 67.89 0.35
CA ALA D 295 14.36 66.59 -0.21
C ALA D 295 14.15 66.69 -1.72
N ALA D 296 13.62 67.82 -2.19
CA ALA D 296 13.33 67.98 -3.61
C ALA D 296 14.59 68.29 -4.43
N VAL D 297 15.49 69.12 -3.91
CA VAL D 297 16.58 69.61 -4.75
C VAL D 297 17.95 69.02 -4.39
N GLY D 298 18.03 68.32 -3.25
CA GLY D 298 19.24 67.63 -2.89
C GLY D 298 19.71 66.73 -4.03
N THR D 299 21.02 66.77 -4.31
CA THR D 299 21.63 66.01 -5.40
C THR D 299 20.95 66.30 -6.76
N ALA D 300 20.49 67.53 -6.92
CA ALA D 300 19.77 67.95 -8.13
C ALA D 300 18.61 67.02 -8.47
N GLY D 301 17.91 66.56 -7.42
CA GLY D 301 16.74 65.70 -7.57
C GLY D 301 17.03 64.32 -8.13
N GLN D 302 18.22 63.80 -7.87
CA GLN D 302 18.64 62.54 -8.47
C GLN D 302 18.76 61.40 -7.46
N ARG D 303 18.18 61.55 -6.26
CA ARG D 303 18.20 60.44 -5.30
C ARG D 303 17.01 59.50 -5.52
N CYS D 304 17.14 58.25 -5.04
CA CYS D 304 15.99 57.33 -5.13
C CYS D 304 14.97 57.76 -4.08
N THR D 305 15.42 58.61 -3.17
CA THR D 305 14.58 59.11 -2.09
C THR D 305 14.10 60.53 -2.34
N THR D 306 14.41 61.09 -3.52
CA THR D 306 14.01 62.46 -3.85
C THR D 306 12.49 62.66 -3.78
N ALA D 307 12.05 63.73 -3.12
CA ALA D 307 10.64 64.12 -3.12
C ALA D 307 10.26 64.68 -4.48
N ARG D 308 9.29 64.07 -5.15
CA ARG D 308 8.85 64.53 -6.46
C ARG D 308 7.39 64.92 -6.41
N ARG D 309 6.70 64.46 -5.38
CA ARG D 309 5.28 64.79 -5.22
C ARG D 309 5.05 65.39 -3.84
N LEU D 310 4.52 66.60 -3.81
CA LEU D 310 4.15 67.24 -2.55
C LEU D 310 2.65 67.46 -2.51
N PHE D 311 2.01 66.88 -1.50
CA PHE D 311 0.60 67.11 -1.26
C PHE D 311 0.45 68.12 -0.12
N ILE D 312 -0.24 69.21 -0.37
CA ILE D 312 -0.48 70.23 0.66
C ILE D 312 -1.97 70.44 0.84
N HIS D 313 -2.40 70.61 2.09
CA HIS D 313 -3.79 70.95 2.33
C HIS D 313 -4.11 72.28 1.69
N GLU D 314 -5.34 72.45 1.22
CA GLU D 314 -5.76 73.65 0.50
C GLU D 314 -5.57 74.95 1.29
N SER D 315 -5.66 74.85 2.61
CA SER D 315 -5.60 76.04 3.48
C SER D 315 -4.22 76.66 3.48
N ILE D 316 -3.21 75.86 3.17
CA ILE D 316 -1.82 76.31 3.20
C ILE D 316 -1.08 76.08 1.90
N HIS D 317 -1.80 75.64 0.86
CA HIS D 317 -1.17 75.28 -0.42
C HIS D 317 -0.40 76.45 -1.03
N ASP D 318 -1.10 77.56 -1.26
CA ASP D 318 -0.47 78.73 -1.87
C ASP D 318 0.68 79.27 -1.01
N GLU D 319 0.46 79.32 0.30
CA GLU D 319 1.48 79.81 1.22
C GLU D 319 2.77 78.97 1.16
N VAL D 320 2.63 77.66 1.21
CA VAL D 320 3.80 76.78 1.16
C VAL D 320 4.53 76.94 -0.16
N VAL D 321 3.76 77.01 -1.24
CA VAL D 321 4.35 77.15 -2.58
C VAL D 321 5.15 78.46 -2.66
N ASN D 322 4.56 79.55 -2.17
CA ASN D 322 5.24 80.85 -2.19
C ASN D 322 6.53 80.83 -1.39
N ARG D 323 6.52 80.16 -0.25
CA ARG D 323 7.69 80.08 0.60
C ARG D 323 8.78 79.20 -0.03
N LEU D 324 8.35 78.18 -0.77
CA LEU D 324 9.30 77.33 -1.49
C LEU D 324 9.99 78.10 -2.62
N LYS D 325 9.22 78.86 -3.39
CA LYS D 325 9.76 79.72 -4.44
C LYS D 325 10.79 80.69 -3.86
N LYS D 326 10.42 81.33 -2.75
CA LYS D 326 11.33 82.22 -2.04
C LYS D 326 12.61 81.52 -1.63
N ALA D 327 12.49 80.24 -1.29
CA ALA D 327 13.65 79.44 -0.89
C ALA D 327 14.46 78.95 -2.09
N TYR D 328 13.77 78.46 -3.12
CA TYR D 328 14.42 77.98 -4.34
C TYR D 328 15.32 79.05 -4.96
N ALA D 329 14.86 80.30 -4.90
CA ALA D 329 15.59 81.44 -5.46
C ALA D 329 16.96 81.64 -4.83
N GLN D 330 17.15 81.08 -3.64
CA GLN D 330 18.40 81.26 -2.90
C GLN D 330 19.39 80.11 -3.07
N ILE D 331 19.02 79.11 -3.86
CA ILE D 331 19.89 77.96 -4.07
C ILE D 331 21.18 78.34 -4.79
N ARG D 332 22.32 78.05 -4.15
CA ARG D 332 23.63 78.44 -4.70
C ARG D 332 24.15 77.43 -5.73
N VAL D 333 24.20 77.87 -6.98
CA VAL D 333 24.55 77.01 -8.11
C VAL D 333 26.02 77.15 -8.52
N GLY D 334 26.66 76.01 -8.81
CA GLY D 334 28.01 76.03 -9.33
C GLY D 334 28.68 74.67 -9.47
N ASN D 335 30.00 74.69 -9.56
CA ASN D 335 30.78 73.46 -9.63
C ASN D 335 30.60 72.65 -8.36
N PRO D 336 30.37 71.34 -8.51
CA PRO D 336 30.05 70.58 -7.30
C PRO D 336 31.26 70.38 -6.39
N TRP D 337 32.47 70.62 -6.90
CA TRP D 337 33.66 70.53 -6.06
C TRP D 337 34.01 71.88 -5.43
N ASP D 338 33.28 72.93 -5.80
CA ASP D 338 33.50 74.24 -5.20
C ASP D 338 32.69 74.41 -3.92
N PRO D 339 33.34 74.88 -2.86
CA PRO D 339 32.65 75.09 -1.57
C PRO D 339 31.49 76.07 -1.72
N ASN D 340 30.53 75.99 -0.79
CA ASN D 340 29.34 76.83 -0.74
C ASN D 340 28.30 76.48 -1.81
N VAL D 341 28.67 75.64 -2.77
CA VAL D 341 27.72 75.24 -3.80
C VAL D 341 26.76 74.18 -3.24
N LEU D 342 25.46 74.40 -3.42
CA LEU D 342 24.44 73.46 -2.96
C LEU D 342 23.87 72.66 -4.10
N TYR D 343 24.16 73.09 -5.32
CA TYR D 343 23.47 72.58 -6.49
C TYR D 343 24.41 72.37 -7.63
N GLY D 344 24.66 71.09 -7.95
CA GLY D 344 25.52 70.75 -9.07
C GLY D 344 24.68 70.52 -10.30
N PRO D 345 25.29 69.92 -11.35
CA PRO D 345 24.60 69.63 -12.60
C PRO D 345 23.86 68.29 -12.56
N LEU D 346 22.96 68.06 -13.51
CA LEU D 346 22.46 66.72 -13.74
C LEU D 346 23.59 65.87 -14.28
N HIS D 347 23.40 64.56 -14.27
CA HIS D 347 24.50 63.64 -14.52
C HIS D 347 24.88 63.50 -15.99
N THR D 348 23.89 63.58 -16.89
CA THR D 348 24.13 63.38 -18.31
C THR D 348 23.38 64.42 -19.16
N LYS D 349 23.75 64.54 -20.43
CA LYS D 349 23.00 65.36 -21.36
C LYS D 349 21.60 64.78 -21.55
N GLN D 350 21.53 63.45 -21.62
CA GLN D 350 20.24 62.79 -21.79
C GLN D 350 19.29 63.15 -20.64
N ALA D 351 19.83 63.22 -19.42
CA ALA D 351 19.01 63.58 -18.27
C ALA D 351 18.44 64.99 -18.45
N VAL D 352 19.23 65.87 -19.06
CA VAL D 352 18.77 67.22 -19.36
C VAL D 352 17.61 67.19 -20.37
N SER D 353 17.70 66.29 -21.34
CA SER D 353 16.63 66.15 -22.35
C SER D 353 15.37 65.62 -21.69
N MET D 354 15.53 64.68 -20.76
CA MET D 354 14.41 64.11 -20.04
C MET D 354 13.70 65.15 -19.18
N PHE D 355 14.48 65.99 -18.52
CA PHE D 355 13.96 67.11 -17.73
C PHE D 355 13.11 68.03 -18.60
N LEU D 356 13.66 68.45 -19.73
CA LEU D 356 12.94 69.33 -20.65
C LEU D 356 11.67 68.67 -21.13
N GLY D 357 11.78 67.39 -21.48
CA GLY D 357 10.66 66.60 -21.94
C GLY D 357 9.53 66.52 -20.94
N ALA D 358 9.88 66.32 -19.68
CA ALA D 358 8.91 66.20 -18.61
C ALA D 358 8.18 67.52 -18.40
N VAL D 359 8.95 68.60 -18.29
CA VAL D 359 8.39 69.95 -18.12
C VAL D 359 7.36 70.26 -19.21
N GLU D 360 7.69 69.91 -20.45
CA GLU D 360 6.78 70.18 -21.57
C GLU D 360 5.53 69.32 -21.44
N GLU D 361 5.70 68.06 -21.03
CA GLU D 361 4.57 67.16 -20.85
C GLU D 361 3.66 67.67 -19.73
N ALA D 362 4.26 68.18 -18.66
CA ALA D 362 3.50 68.70 -17.53
C ALA D 362 2.70 69.93 -17.94
N LYS D 363 3.31 70.78 -18.76
CA LYS D 363 2.63 71.94 -19.29
C LYS D 363 1.44 71.49 -20.16
N LYS D 364 1.66 70.45 -20.95
CA LYS D 364 0.64 69.94 -21.86
C LYS D 364 -0.55 69.38 -21.10
N GLU D 365 -0.31 68.77 -19.94
CA GLU D 365 -1.38 68.14 -19.20
C GLU D 365 -2.04 69.10 -18.21
N GLY D 366 -1.80 70.40 -18.40
CA GLY D 366 -2.52 71.41 -17.64
C GLY D 366 -1.81 71.97 -16.42
N GLY D 367 -0.54 71.62 -16.27
CA GLY D 367 0.24 72.07 -15.13
C GLY D 367 0.93 73.40 -15.35
N THR D 368 1.17 74.12 -14.25
CA THR D 368 1.82 75.42 -14.29
C THR D 368 3.21 75.41 -13.63
N VAL D 369 4.21 75.87 -14.38
CA VAL D 369 5.56 76.01 -13.83
C VAL D 369 5.65 77.32 -13.05
N VAL D 370 5.78 77.24 -11.73
CA VAL D 370 5.76 78.46 -10.94
C VAL D 370 7.17 78.89 -10.54
N TYR D 371 8.13 77.98 -10.72
CA TYR D 371 9.55 78.30 -10.61
C TYR D 371 10.37 77.34 -11.46
N GLY D 372 11.40 77.86 -12.13
CA GLY D 372 12.31 77.03 -12.89
C GLY D 372 11.80 76.58 -14.25
N GLY D 373 12.06 75.32 -14.59
CA GLY D 373 11.54 74.73 -15.81
C GLY D 373 12.45 74.80 -17.03
N LYS D 374 13.62 75.42 -16.88
CA LYS D 374 14.54 75.65 -18.01
C LYS D 374 15.94 75.08 -17.76
N VAL D 375 16.64 74.74 -18.84
CA VAL D 375 18.08 74.49 -18.74
C VAL D 375 18.72 75.81 -18.31
N MET D 376 19.83 75.76 -17.58
CA MET D 376 20.53 76.99 -17.27
C MET D 376 21.49 77.29 -18.41
N ASP D 377 21.70 78.58 -18.64
CA ASP D 377 22.57 79.08 -19.69
C ASP D 377 24.03 79.11 -19.21
N ARG D 378 24.63 77.92 -19.08
CA ARG D 378 26.00 77.81 -18.58
C ARG D 378 26.59 76.46 -19.00
N PRO D 379 27.93 76.30 -18.87
CA PRO D 379 28.49 75.01 -19.27
C PRO D 379 28.01 73.89 -18.36
N GLY D 380 27.95 72.67 -18.89
CA GLY D 380 27.58 71.52 -18.09
C GLY D 380 26.13 71.15 -18.31
N ASN D 381 25.65 70.25 -17.46
CA ASN D 381 24.29 69.72 -17.55
C ASN D 381 23.38 70.35 -16.49
N TYR D 382 23.40 71.68 -16.38
CA TYR D 382 22.63 72.37 -15.36
C TYR D 382 21.19 72.72 -15.75
N VAL D 383 20.23 72.31 -14.92
CA VAL D 383 18.84 72.72 -15.09
C VAL D 383 18.33 73.42 -13.84
N GLU D 384 17.30 74.24 -14.00
CA GLU D 384 16.69 74.93 -12.86
C GLU D 384 15.87 73.97 -12.01
N PRO D 385 16.03 74.05 -10.68
CA PRO D 385 15.12 73.24 -9.85
C PRO D 385 13.71 73.75 -10.08
N THR D 386 12.74 72.85 -10.23
CA THR D 386 11.46 73.23 -10.80
C THR D 386 10.29 72.87 -9.91
N ILE D 387 9.28 73.75 -9.90
CA ILE D 387 8.03 73.50 -9.16
C ILE D 387 6.83 73.61 -10.10
N VAL D 388 6.02 72.55 -10.15
CA VAL D 388 4.84 72.53 -11.02
C VAL D 388 3.54 72.35 -10.23
N THR D 389 2.64 73.31 -10.37
CA THR D 389 1.36 73.24 -9.66
C THR D 389 0.20 73.01 -10.62
N GLY D 390 -0.94 72.63 -10.08
CA GLY D 390 -2.18 72.57 -10.84
C GLY D 390 -2.42 71.29 -11.61
N LEU D 391 -1.53 70.31 -11.47
CA LEU D 391 -1.74 69.01 -12.09
C LEU D 391 -2.63 68.09 -11.23
N GLY D 392 -3.38 67.22 -11.90
CA GLY D 392 -4.13 66.19 -11.20
C GLY D 392 -3.16 65.20 -10.60
N HIS D 393 -3.55 64.58 -9.47
CA HIS D 393 -2.69 63.63 -8.78
C HIS D 393 -2.44 62.40 -9.66
N ASP D 394 -3.40 62.17 -10.56
CA ASP D 394 -3.41 61.02 -11.44
C ASP D 394 -2.53 61.22 -12.69
N ALA D 395 -2.08 62.45 -12.91
CA ALA D 395 -1.44 62.83 -14.18
C ALA D 395 -0.25 61.93 -14.53
N SER D 396 -0.20 61.48 -15.78
CA SER D 396 0.77 60.50 -16.23
C SER D 396 2.22 60.98 -16.10
N ILE D 397 2.43 62.28 -16.29
CA ILE D 397 3.77 62.83 -16.22
C ILE D 397 4.33 62.78 -14.80
N ALA D 398 3.44 62.84 -13.81
CA ALA D 398 3.83 62.93 -12.40
C ALA D 398 4.30 61.58 -11.84
N HIS D 399 4.03 60.51 -12.58
CA HIS D 399 4.44 59.17 -12.17
C HIS D 399 5.46 58.60 -13.15
N THR D 400 5.86 59.41 -14.14
CA THR D 400 6.87 59.01 -15.11
C THR D 400 8.26 59.15 -14.50
N GLU D 401 9.02 58.05 -14.51
CA GLU D 401 10.30 57.99 -13.81
C GLU D 401 11.39 58.83 -14.46
N THR D 402 11.68 59.99 -13.87
CA THR D 402 12.77 60.84 -14.32
C THR D 402 13.53 61.39 -13.13
N PHE D 403 14.81 61.05 -13.03
CA PHE D 403 15.67 61.63 -12.01
C PHE D 403 16.01 63.07 -12.39
N ALA D 404 15.14 63.99 -11.99
CA ALA D 404 15.27 65.39 -12.32
C ALA D 404 14.60 66.20 -11.21
N PRO D 405 15.12 67.41 -10.94
CA PRO D 405 14.53 68.24 -9.88
C PRO D 405 13.23 68.89 -10.32
N ILE D 406 12.16 68.10 -10.35
CA ILE D 406 10.83 68.62 -10.63
C ILE D 406 9.92 68.20 -9.49
N LEU D 407 9.41 69.19 -8.76
CA LEU D 407 8.48 68.93 -7.66
C LEU D 407 7.06 69.19 -8.13
N TYR D 408 6.28 68.12 -8.28
CA TYR D 408 4.87 68.22 -8.63
C TYR D 408 4.03 68.46 -7.39
N VAL D 409 3.35 69.60 -7.34
CA VAL D 409 2.55 69.97 -6.16
C VAL D 409 1.06 69.72 -6.35
N PHE D 410 0.45 69.05 -5.39
CA PHE D 410 -0.98 68.76 -5.46
C PHE D 410 -1.73 69.31 -4.27
N LYS D 411 -2.93 69.82 -4.53
CA LYS D 411 -3.84 70.28 -3.49
C LYS D 411 -4.73 69.15 -3.04
N PHE D 412 -5.12 69.15 -1.77
CA PHE D 412 -6.17 68.24 -1.31
C PHE D 412 -7.00 68.91 -0.21
N LYS D 413 -8.20 68.37 0.02
CA LYS D 413 -9.14 68.98 0.96
C LYS D 413 -9.17 68.25 2.31
N ASN D 414 -9.05 66.92 2.27
CA ASN D 414 -9.16 66.13 3.50
C ASN D 414 -8.33 64.85 3.47
N GLU D 415 -8.21 64.23 4.64
CA GLU D 415 -7.37 63.05 4.82
C GLU D 415 -7.78 61.88 3.92
N GLU D 416 -9.09 61.62 3.88
CA GLU D 416 -9.65 60.50 3.11
C GLU D 416 -9.09 60.43 1.69
N GLU D 417 -9.12 61.56 0.99
CA GLU D 417 -8.76 61.56 -0.43
C GLU D 417 -7.25 61.51 -0.66
N VAL D 418 -6.47 62.21 0.16
CA VAL D 418 -5.03 62.23 -0.05
C VAL D 418 -4.42 60.86 0.29
N PHE D 419 -5.03 60.16 1.25
CA PHE D 419 -4.60 58.81 1.57
C PHE D 419 -4.92 57.88 0.42
N ALA D 420 -6.15 58.02 -0.11
CA ALA D 420 -6.58 57.26 -1.28
C ALA D 420 -5.60 57.46 -2.44
N TRP D 421 -5.34 58.72 -2.78
CA TRP D 421 -4.46 59.06 -3.89
C TRP D 421 -3.10 58.40 -3.78
N ASN D 422 -2.48 58.48 -2.59
CA ASN D 422 -1.14 57.95 -2.39
C ASN D 422 -1.15 56.44 -2.43
N ASN D 423 -2.29 55.86 -2.04
CA ASN D 423 -2.46 54.42 -2.06
C ASN D 423 -2.44 53.88 -3.49
N GLU D 424 -2.84 54.72 -4.45
CA GLU D 424 -2.89 54.34 -5.85
C GLU D 424 -1.50 54.03 -6.41
N VAL D 425 -0.50 54.79 -5.96
CA VAL D 425 0.87 54.62 -6.45
C VAL D 425 1.47 53.28 -6.06
N GLY D 428 6.23 53.56 -4.86
CA GLY D 428 6.67 54.51 -3.86
C GLY D 428 7.67 53.90 -2.88
N LEU D 429 8.79 54.59 -2.68
CA LEU D 429 9.85 54.10 -1.81
C LEU D 429 9.75 54.69 -0.42
N SER D 430 9.47 55.99 -0.35
CA SER D 430 9.37 56.66 0.94
C SER D 430 8.18 57.58 0.96
N SER D 431 7.63 57.77 2.15
CA SER D 431 6.53 58.69 2.34
C SER D 431 6.82 59.54 3.58
N SER D 432 6.68 60.85 3.46
CA SER D 432 6.92 61.72 4.60
C SER D 432 5.68 62.52 4.92
N ILE D 433 5.19 62.39 6.16
CA ILE D 433 4.01 63.13 6.54
C ILE D 433 4.34 64.24 7.54
N PHE D 434 3.61 65.35 7.42
CA PHE D 434 3.73 66.45 8.35
C PHE D 434 2.37 66.79 8.92
N THR D 435 2.19 66.49 10.20
CA THR D 435 0.93 66.71 10.89
C THR D 435 1.12 66.54 12.40
N LYS D 436 0.23 67.14 13.17
CA LYS D 436 0.28 67.03 14.62
C LYS D 436 -0.75 66.03 15.12
N ASP D 437 -1.65 65.60 14.23
CA ASP D 437 -2.73 64.69 14.60
C ASP D 437 -2.21 63.28 14.81
N LEU D 438 -2.24 62.84 16.05
CA LEU D 438 -1.65 61.56 16.43
C LEU D 438 -2.45 60.41 15.84
N GLY D 439 -3.78 60.54 15.86
CA GLY D 439 -4.64 59.53 15.27
C GLY D 439 -4.35 59.36 13.79
N ARG D 440 -4.18 60.49 13.12
CA ARG D 440 -3.84 60.50 11.71
C ARG D 440 -2.50 59.81 11.46
N ILE D 441 -1.53 60.05 12.34
CA ILE D 441 -0.22 59.44 12.17
C ILE D 441 -0.31 57.92 12.32
N PHE D 442 -1.04 57.45 13.34
CA PHE D 442 -1.23 56.01 13.50
C PHE D 442 -1.89 55.38 12.27
N ARG D 443 -2.93 56.01 11.73
CA ARG D 443 -3.58 55.53 10.52
C ARG D 443 -2.58 55.42 9.34
N TRP D 444 -1.73 56.43 9.18
CA TRP D 444 -0.76 56.42 8.09
C TRP D 444 0.30 55.32 8.22
N LEU D 445 0.69 55.00 9.45
CA LEU D 445 1.76 54.03 9.69
C LEU D 445 1.21 52.59 9.78
N GLY D 446 -0.07 52.48 10.05
CA GLY D 446 -0.73 51.19 10.23
C GLY D 446 -1.08 50.53 8.90
N PRO D 447 -1.92 49.51 8.94
CA PRO D 447 -2.26 48.73 7.73
C PRO D 447 -2.94 49.53 6.62
N LYS D 448 -3.71 50.56 6.95
CA LYS D 448 -4.48 51.27 5.93
C LYS D 448 -3.72 52.43 5.31
N GLY D 449 -2.50 52.64 5.78
CA GLY D 449 -1.74 53.81 5.36
C GLY D 449 -0.79 53.53 4.23
N SER D 450 0.38 54.16 4.29
CA SER D 450 1.37 54.06 3.24
C SER D 450 1.88 52.63 3.06
N ASP D 451 2.14 52.22 1.83
CA ASP D 451 2.77 50.92 1.63
C ASP D 451 4.28 51.06 1.43
N CYS D 452 4.79 52.27 1.65
CA CYS D 452 6.22 52.52 1.47
C CYS D 452 7.06 51.79 2.51
N GLY D 453 8.30 51.48 2.13
CA GLY D 453 9.23 50.81 3.02
C GLY D 453 9.85 51.78 4.02
N ILE D 454 9.84 53.07 3.67
CA ILE D 454 10.38 54.11 4.53
C ILE D 454 9.30 55.14 4.81
N VAL D 455 9.00 55.39 6.07
CA VAL D 455 7.97 56.37 6.40
C VAL D 455 8.45 57.34 7.47
N ASN D 456 8.34 58.64 7.17
CA ASN D 456 8.85 59.69 8.05
C ASN D 456 7.72 60.54 8.62
N VAL D 457 7.80 60.84 9.91
CA VAL D 457 6.78 61.62 10.57
C VAL D 457 7.39 62.90 11.15
N ASN D 458 7.05 64.04 10.55
CA ASN D 458 7.54 65.34 11.01
C ASN D 458 9.06 65.45 11.10
N ILE D 459 9.76 64.84 10.15
CA ILE D 459 11.21 64.75 10.21
C ILE D 459 11.88 65.94 9.52
N PRO D 460 12.51 66.82 10.31
CA PRO D 460 13.14 68.05 9.80
C PRO D 460 14.46 67.77 9.09
N THR D 461 14.99 68.78 8.41
CA THR D 461 16.30 68.66 7.76
C THR D 461 17.43 68.89 8.77
N PHE D 470 24.08 61.00 4.70
CA PHE D 470 22.99 60.18 4.20
C PHE D 470 22.50 59.20 5.27
N GLY D 471 21.19 59.18 5.50
CA GLY D 471 20.60 58.37 6.56
C GLY D 471 20.54 56.89 6.22
N GLY D 472 21.71 56.26 6.14
CA GLY D 472 21.82 54.85 5.80
C GLY D 472 20.96 53.96 6.68
N GLU D 473 20.76 54.38 7.92
CA GLU D 473 19.99 53.64 8.91
C GLU D 473 18.53 53.40 8.47
N LYS D 474 18.05 54.24 7.56
CA LYS D 474 16.68 54.11 7.07
C LYS D 474 16.50 52.97 6.05
N HIS D 475 17.60 52.42 5.55
CA HIS D 475 17.57 51.54 4.39
C HIS D 475 18.00 50.11 4.69
N THR D 476 17.90 49.71 5.95
CA THR D 476 18.32 48.38 6.39
C THR D 476 17.22 47.35 6.19
N GLY D 477 17.48 46.12 6.60
CA GLY D 477 16.47 45.08 6.64
C GLY D 477 16.43 44.15 5.44
N GLY D 478 16.91 44.64 4.29
CA GLY D 478 16.91 43.85 3.07
C GLY D 478 15.53 43.75 2.46
N GLY D 479 14.58 44.47 3.05
CA GLY D 479 13.21 44.48 2.56
C GLY D 479 12.35 43.37 3.13
N ARG D 480 12.98 42.35 3.72
CA ARG D 480 12.25 41.17 4.17
C ARG D 480 12.66 40.65 5.57
N GLU D 481 13.61 41.33 6.22
CA GLU D 481 14.13 40.84 7.51
C GLU D 481 14.00 41.86 8.65
N SER D 482 13.98 41.34 9.89
CA SER D 482 13.82 42.20 11.08
C SER D 482 15.16 42.63 11.66
N GLY D 483 15.26 43.93 11.97
CA GLY D 483 16.43 44.50 12.59
C GLY D 483 17.73 44.27 11.83
N SER D 484 18.63 43.49 12.43
CA SER D 484 19.94 43.28 11.85
C SER D 484 20.00 41.94 11.12
N ASP D 485 18.85 41.43 10.68
CA ASP D 485 18.83 40.14 10.00
C ASP D 485 19.11 40.24 8.50
N ALA D 486 19.51 41.43 8.03
CA ALA D 486 19.76 41.66 6.61
C ALA D 486 20.74 40.66 5.97
N TRP D 487 21.68 40.15 6.77
CA TRP D 487 22.66 39.19 6.26
C TRP D 487 22.00 37.92 5.72
N LYS D 488 20.80 37.62 6.21
CA LYS D 488 20.11 36.40 5.79
C LYS D 488 19.75 36.45 4.29
N GLN D 489 19.66 37.67 3.76
CA GLN D 489 19.30 37.86 2.35
C GLN D 489 20.45 37.44 1.41
N TYR D 490 21.66 37.34 1.96
CA TYR D 490 22.85 36.93 1.20
C TYR D 490 23.30 35.51 1.53
N MET D 491 22.44 34.74 2.18
CA MET D 491 22.78 33.36 2.56
C MET D 491 21.60 32.46 2.30
N ARG D 492 21.81 31.16 2.38
CA ARG D 492 20.72 30.23 2.16
C ARG D 492 20.57 29.39 3.41
N ARG D 493 19.32 29.16 3.80
CA ARG D 493 19.01 28.47 5.04
C ARG D 493 18.78 27.02 4.77
N SER D 494 19.28 26.15 5.65
CA SER D 494 18.86 24.75 5.60
C SER D 494 18.42 24.26 6.99
N THR D 495 17.44 23.36 7.03
CA THR D 495 17.07 22.70 8.26
C THR D 495 17.78 21.35 8.31
N CYS D 496 18.72 21.19 9.23
CA CYS D 496 19.46 19.94 9.28
C CYS D 496 19.07 19.15 10.50
N THR D 497 18.60 17.94 10.27
CA THR D 497 18.24 17.06 11.37
C THR D 497 19.28 15.94 11.47
N ILE D 498 19.85 15.78 12.64
CA ILE D 498 20.94 14.83 12.79
C ILE D 498 20.62 13.88 13.92
N ASN D 499 20.59 12.60 13.59
CA ASN D 499 20.38 11.57 14.59
C ASN D 499 21.72 11.12 15.11
N TYR D 500 22.01 11.47 16.36
CA TYR D 500 23.28 11.15 16.99
C TYR D 500 23.07 10.05 18.01
N SER D 501 21.91 9.41 17.96
CA SER D 501 21.58 8.35 18.91
C SER D 501 22.11 7.00 18.42
C13 3W9 E . 6.30 -44.92 -2.55
O01 3W9 E . 6.87 -45.55 -3.42
C12 3W9 E . 5.68 -45.68 -1.41
C10 3W9 E . 6.25 -46.88 -1.04
C08 3W9 E . 5.69 -47.62 0.02
C05 3W9 E . 4.57 -47.14 0.70
C09 3W9 E . 4.02 -45.93 0.32
C11 3W9 E . 4.57 -45.19 -0.74
N02 3W9 E . 4.02 -47.89 1.77
C04 3W9 E . 2.90 -47.38 2.55
C07 3W9 E . 1.57 -47.63 1.87
C03 3W9 E . 4.58 -49.20 2.12
C06 3W9 E . 5.72 -49.05 3.10
C13 3W9 F . -29.58 -31.30 7.28
O01 3W9 F . -30.50 -30.61 6.88
C12 3W9 F . -28.52 -30.69 8.17
C10 3W9 F . -28.79 -29.55 8.92
C08 3W9 F . -27.82 -28.98 9.73
C05 3W9 F . -26.54 -29.54 9.81
C09 3W9 F . -26.27 -30.68 9.06
C11 3W9 F . -27.24 -31.25 8.25
N02 3W9 F . -25.54 -28.96 10.62
C04 3W9 F . -24.24 -29.61 10.81
C07 3W9 F . -23.28 -29.12 9.75
C03 3W9 F . -25.75 -27.65 11.26
C06 3W9 F . -26.33 -27.83 12.65
C13 3W9 G . 5.29 18.15 0.28
O01 3W9 G . 4.53 17.28 -0.15
C12 3W9 G . 4.84 19.05 1.39
C10 3W9 G . 3.79 18.67 2.23
C08 3W9 G . 3.36 19.52 3.25
C05 3W9 G . 3.99 20.76 3.45
C09 3W9 G . 5.02 21.14 2.59
C11 3W9 G . 5.45 20.29 1.58
N02 3W9 G . 3.54 21.63 4.47
C04 3W9 G . 4.22 22.90 4.72
C07 3W9 G . 3.74 23.98 3.77
C03 3W9 G . 2.37 21.29 5.29
C06 3W9 G . 2.76 20.52 6.53
C13 3W9 H . 18.63 55.67 -3.27
O01 3W9 H . 19.13 56.56 -3.96
C12 3W9 H . 19.49 54.88 -2.33
C10 3W9 H . 20.78 55.33 -2.02
C08 3W9 H . 21.61 54.61 -1.15
C05 3W9 H . 21.16 53.42 -0.59
C09 3W9 H . 19.87 52.96 -0.91
C11 3W9 H . 19.04 53.69 -1.77
N02 3W9 H . 21.98 52.67 0.29
C04 3W9 H . 21.44 51.55 1.03
C07 3W9 H . 21.64 50.27 0.24
C03 3W9 H . 23.40 52.99 0.42
C06 3W9 H . 23.66 53.92 1.59
MG MG I . 26.73 56.93 8.39
#